data_1JDL
# 
_entry.id   1JDL 
# 
_audit_conform.dict_name       mmcif_pdbx.dic 
_audit_conform.dict_version    5.376 
_audit_conform.dict_location   http://mmcif.pdb.org/dictionaries/ascii/mmcif_pdbx.dic 
# 
loop_
_database_2.database_id 
_database_2.database_code 
_database_2.pdbx_database_accession 
_database_2.pdbx_DOI 
PDB   1JDL         pdb_00001jdl 10.2210/pdb1jdl/pdb 
RCSB  RCSB013655   ?            ?                   
WWPDB D_1000013655 ?            ?                   
# 
_pdbx_database_status.status_code                     REL 
_pdbx_database_status.entry_id                        1JDL 
_pdbx_database_status.recvd_initial_deposition_date   2001-06-14 
_pdbx_database_status.deposit_site                    RCSB 
_pdbx_database_status.process_site                    RCSB 
_pdbx_database_status.status_code_sf                  REL 
_pdbx_database_status.SG_entry                        . 
_pdbx_database_status.pdb_format_compatible           Y 
_pdbx_database_status.status_code_mr                  ? 
_pdbx_database_status.status_code_cs                  ? 
_pdbx_database_status.methods_development_category    ? 
_pdbx_database_status.status_code_nmr_data            ? 
# 
loop_
_audit_author.name 
_audit_author.pdbx_ordinal 
'Camara-Artigas, A.' 1 
'Williams, J.C.'     2 
'Allen, J.P.'        3 
# 
loop_
_citation.id 
_citation.title 
_citation.journal_abbrev 
_citation.journal_volume 
_citation.page_first 
_citation.page_last 
_citation.year 
_citation.journal_id_ASTM 
_citation.country 
_citation.journal_id_ISSN 
_citation.journal_id_CSD 
_citation.book_publisher 
_citation.pdbx_database_id_PubMed 
_citation.pdbx_database_id_DOI 
primary 'Structure of cytochrome c2 from Rhodospirillum centenum.' 'Acta Crystallogr.,Sect.D' 57 1498  1505  2001 ABCRE6 DK 
0907-4449 0766 ? 11679712 10.1107/S0907444901010423 
1       'Interaction Between Cytochrome c2 and Reaction Centers from Purple Bacteria' Biochemistry               33 8306  8312  
1994 BICHAW US 0006-2960 0033 ? ?        ?                         
2       
;Relationship Between Rate and Free Energy Difference for Electron Transfer from Cytochrome c2 to the Reaction Center in Rhodobacter sphaeroides.
;
Biochemistry               33 13517 13523 1994 BICHAW US 0006-2960 0033 ? ?        ?                         
# 
loop_
_citation_author.citation_id 
_citation_author.name 
_citation_author.ordinal 
_citation_author.identifier_ORCID 
primary 'Camara-Artigas, A.' 1  ? 
primary 'Williams, J.C.'     2  ? 
primary 'Allen, J.P.'        3  ? 
1       'Wang, S.'           4  ? 
1       'Li, X.'             5  ? 
1       'Williams, J.C.'     6  ? 
1       'Allen, J.P.'        7  ? 
1       'Mathis, P.'         8  ? 
2       'Lin, X.'            9  ? 
2       'Williams, J.C.'     10 ? 
2       'Allen, J.P.'        11 ? 
2       'Mathis, P.'         12 ? 
# 
_cell.entry_id           1JDL 
_cell.length_a           29.700 
_cell.length_b           59.900 
_cell.length_c           65.400 
_cell.angle_alpha        90.00 
_cell.angle_beta         90.00 
_cell.angle_gamma        90.00 
_cell.Z_PDB              4 
_cell.pdbx_unique_axis   ? 
# 
_symmetry.entry_id                         1JDL 
_symmetry.space_group_name_H-M             'P 21 21 21' 
_symmetry.pdbx_full_space_group_name_H-M   ? 
_symmetry.cell_setting                     ? 
_symmetry.Int_Tables_number                19 
# 
loop_
_entity.id 
_entity.type 
_entity.src_method 
_entity.pdbx_description 
_entity.formula_weight 
_entity.pdbx_number_of_molecules 
_entity.pdbx_ec 
_entity.pdbx_mutation 
_entity.pdbx_fragment 
_entity.details 
1 polymer     nat 'CYTOCHROME C2, ISO-2'            13052.742 1  ? ? ? ? 
2 non-polymer syn 'PROTOPORPHYRIN IX CONTAINING FE' 616.487   1  ? ? ? ? 
3 water       nat water                             18.015    87 ? ? ? ? 
# 
_entity_name_com.entity_id   1 
_entity_name_com.name        C552 
# 
_entity_poly.entity_id                      1 
_entity_poly.type                           'polypeptide(L)' 
_entity_poly.nstd_linkage                   no 
_entity_poly.nstd_monomer                   no 
_entity_poly.pdbx_seq_one_letter_code       
;EDGDPAKGEAVFKKCMACHRVGPDAKNLVGPALTGVIDRQAGTAPGFNYSAINHAAGEAGLHWTPENIIAYLPDPNAFLR
KFLADAGHAEQAKGSTKMVFKLPDEQERKDVVAYLKQFSPQ
;
_entity_poly.pdbx_seq_one_letter_code_can   
;EDGDPAKGEAVFKKCMACHRVGPDAKNLVGPALTGVIDRQAGTAPGFNYSAINHAAGEAGLHWTPENIIAYLPDPNAFLR
KFLADAGHAEQAKGSTKMVFKLPDEQERKDVVAYLKQFSPQ
;
_entity_poly.pdbx_strand_id                 A 
_entity_poly.pdbx_target_identifier         ? 
# 
loop_
_entity_poly_seq.entity_id 
_entity_poly_seq.num 
_entity_poly_seq.mon_id 
_entity_poly_seq.hetero 
1 1   GLU n 
1 2   ASP n 
1 3   GLY n 
1 4   ASP n 
1 5   PRO n 
1 6   ALA n 
1 7   LYS n 
1 8   GLY n 
1 9   GLU n 
1 10  ALA n 
1 11  VAL n 
1 12  PHE n 
1 13  LYS n 
1 14  LYS n 
1 15  CYS n 
1 16  MET n 
1 17  ALA n 
1 18  CYS n 
1 19  HIS n 
1 20  ARG n 
1 21  VAL n 
1 22  GLY n 
1 23  PRO n 
1 24  ASP n 
1 25  ALA n 
1 26  LYS n 
1 27  ASN n 
1 28  LEU n 
1 29  VAL n 
1 30  GLY n 
1 31  PRO n 
1 32  ALA n 
1 33  LEU n 
1 34  THR n 
1 35  GLY n 
1 36  VAL n 
1 37  ILE n 
1 38  ASP n 
1 39  ARG n 
1 40  GLN n 
1 41  ALA n 
1 42  GLY n 
1 43  THR n 
1 44  ALA n 
1 45  PRO n 
1 46  GLY n 
1 47  PHE n 
1 48  ASN n 
1 49  TYR n 
1 50  SER n 
1 51  ALA n 
1 52  ILE n 
1 53  ASN n 
1 54  HIS n 
1 55  ALA n 
1 56  ALA n 
1 57  GLY n 
1 58  GLU n 
1 59  ALA n 
1 60  GLY n 
1 61  LEU n 
1 62  HIS n 
1 63  TRP n 
1 64  THR n 
1 65  PRO n 
1 66  GLU n 
1 67  ASN n 
1 68  ILE n 
1 69  ILE n 
1 70  ALA n 
1 71  TYR n 
1 72  LEU n 
1 73  PRO n 
1 74  ASP n 
1 75  PRO n 
1 76  ASN n 
1 77  ALA n 
1 78  PHE n 
1 79  LEU n 
1 80  ARG n 
1 81  LYS n 
1 82  PHE n 
1 83  LEU n 
1 84  ALA n 
1 85  ASP n 
1 86  ALA n 
1 87  GLY n 
1 88  HIS n 
1 89  ALA n 
1 90  GLU n 
1 91  GLN n 
1 92  ALA n 
1 93  LYS n 
1 94  GLY n 
1 95  SER n 
1 96  THR n 
1 97  LYS n 
1 98  MET n 
1 99  VAL n 
1 100 PHE n 
1 101 LYS n 
1 102 LEU n 
1 103 PRO n 
1 104 ASP n 
1 105 GLU n 
1 106 GLN n 
1 107 GLU n 
1 108 ARG n 
1 109 LYS n 
1 110 ASP n 
1 111 VAL n 
1 112 VAL n 
1 113 ALA n 
1 114 TYR n 
1 115 LEU n 
1 116 LYS n 
1 117 GLN n 
1 118 PHE n 
1 119 SER n 
1 120 PRO n 
1 121 GLN n 
# 
_entity_src_nat.entity_id                  1 
_entity_src_nat.pdbx_src_id                1 
_entity_src_nat.pdbx_alt_source_flag       sample 
_entity_src_nat.pdbx_beg_seq_num           ? 
_entity_src_nat.pdbx_end_seq_num           ? 
_entity_src_nat.common_name                ? 
_entity_src_nat.pdbx_organism_scientific   'Rhodospirillum centenum' 
_entity_src_nat.pdbx_ncbi_taxonomy_id      34018 
_entity_src_nat.genus                      Rhodospirillum 
_entity_src_nat.species                    ? 
_entity_src_nat.strain                     ? 
_entity_src_nat.tissue                     ? 
_entity_src_nat.tissue_fraction            ? 
_entity_src_nat.pdbx_secretion             ? 
_entity_src_nat.pdbx_fragment              ? 
_entity_src_nat.pdbx_variant               ? 
_entity_src_nat.pdbx_cell_line             ? 
_entity_src_nat.pdbx_atcc                  ? 
_entity_src_nat.pdbx_cellular_location     ? 
_entity_src_nat.pdbx_organ                 ? 
_entity_src_nat.pdbx_organelle             ? 
_entity_src_nat.pdbx_cell                  ? 
_entity_src_nat.pdbx_plasmid_name          ? 
_entity_src_nat.pdbx_plasmid_details       ? 
_entity_src_nat.details                    ? 
# 
_struct_ref.id                         1 
_struct_ref.db_name                    UNP 
_struct_ref.db_code                    CYC22_RHOCE 
_struct_ref.entity_id                  1 
_struct_ref.pdbx_seq_one_letter_code   
;EDGDPAKGEAVFKKCMACHRVGPDAKNLVGPALTGVIDRQAGTAPGFNYSAINHAAGEAGLHWTPENIIAYLPDPNAFLR
KFLADAGHAEQAKGSTKMVFKLPDEQERKDVVAYLKQFSPQ
;
_struct_ref.pdbx_align_begin           1 
_struct_ref.pdbx_db_accession          P81154 
_struct_ref.pdbx_db_isoform            ? 
# 
_struct_ref_seq.align_id                      1 
_struct_ref_seq.ref_id                        1 
_struct_ref_seq.pdbx_PDB_id_code              1JDL 
_struct_ref_seq.pdbx_strand_id                A 
_struct_ref_seq.seq_align_beg                 1 
_struct_ref_seq.pdbx_seq_align_beg_ins_code   ? 
_struct_ref_seq.seq_align_end                 121 
_struct_ref_seq.pdbx_seq_align_end_ins_code   ? 
_struct_ref_seq.pdbx_db_accession             P81154 
_struct_ref_seq.db_align_beg                  1 
_struct_ref_seq.pdbx_db_align_beg_ins_code    ? 
_struct_ref_seq.db_align_end                  121 
_struct_ref_seq.pdbx_db_align_end_ins_code    ? 
_struct_ref_seq.pdbx_auth_seq_align_beg       1 
_struct_ref_seq.pdbx_auth_seq_align_end       121 
# 
loop_
_chem_comp.id 
_chem_comp.type 
_chem_comp.mon_nstd_flag 
_chem_comp.name 
_chem_comp.pdbx_synonyms 
_chem_comp.formula 
_chem_comp.formula_weight 
ALA 'L-peptide linking' y ALANINE                           ?    'C3 H7 N O2'       89.093  
ARG 'L-peptide linking' y ARGININE                          ?    'C6 H15 N4 O2 1'   175.209 
ASN 'L-peptide linking' y ASPARAGINE                        ?    'C4 H8 N2 O3'      132.118 
ASP 'L-peptide linking' y 'ASPARTIC ACID'                   ?    'C4 H7 N O4'       133.103 
CYS 'L-peptide linking' y CYSTEINE                          ?    'C3 H7 N O2 S'     121.158 
GLN 'L-peptide linking' y GLUTAMINE                         ?    'C5 H10 N2 O3'     146.144 
GLU 'L-peptide linking' y 'GLUTAMIC ACID'                   ?    'C5 H9 N O4'       147.129 
GLY 'peptide linking'   y GLYCINE                           ?    'C2 H5 N O2'       75.067  
HEM non-polymer         . 'PROTOPORPHYRIN IX CONTAINING FE' HEME 'C34 H32 Fe N4 O4' 616.487 
HIS 'L-peptide linking' y HISTIDINE                         ?    'C6 H10 N3 O2 1'   156.162 
HOH non-polymer         . WATER                             ?    'H2 O'             18.015  
ILE 'L-peptide linking' y ISOLEUCINE                        ?    'C6 H13 N O2'      131.173 
LEU 'L-peptide linking' y LEUCINE                           ?    'C6 H13 N O2'      131.173 
LYS 'L-peptide linking' y LYSINE                            ?    'C6 H15 N2 O2 1'   147.195 
MET 'L-peptide linking' y METHIONINE                        ?    'C5 H11 N O2 S'    149.211 
PHE 'L-peptide linking' y PHENYLALANINE                     ?    'C9 H11 N O2'      165.189 
PRO 'L-peptide linking' y PROLINE                           ?    'C5 H9 N O2'       115.130 
SER 'L-peptide linking' y SERINE                            ?    'C3 H7 N O3'       105.093 
THR 'L-peptide linking' y THREONINE                         ?    'C4 H9 N O3'       119.119 
TRP 'L-peptide linking' y TRYPTOPHAN                        ?    'C11 H12 N2 O2'    204.225 
TYR 'L-peptide linking' y TYROSINE                          ?    'C9 H11 N O3'      181.189 
VAL 'L-peptide linking' y VALINE                            ?    'C5 H11 N O2'      117.146 
# 
_exptl.entry_id          1JDL 
_exptl.method            'X-RAY DIFFRACTION' 
_exptl.crystals_number   3 
# 
_exptl_crystal.id                    1 
_exptl_crystal.density_meas          ? 
_exptl_crystal.density_Matthews      2.139 
_exptl_crystal.density_percent_sol   42.54 
_exptl_crystal.description           ? 
# 
_exptl_crystal_grow.crystal_id      1 
_exptl_crystal_grow.method          'VAPOR DIFFUSION, SITTING DROP' 
_exptl_crystal_grow.temp            298 
_exptl_crystal_grow.temp_details    ? 
_exptl_crystal_grow.pH              7 
_exptl_crystal_grow.pdbx_details    'PEG 6000, potassium phosphate, pH 7, VAPOR DIFFUSION, SITTING DROP, temperature 298K' 
_exptl_crystal_grow.pdbx_pH_range   . 
# 
loop_
_diffrn.id 
_diffrn.ambient_temp 
_diffrn.ambient_temp_details 
_diffrn.crystal_id 
1 298 ? 1 
2 ?   ? 1 
3 ?   ? 1 
# 
loop_
_diffrn_detector.diffrn_id 
_diffrn_detector.detector 
_diffrn_detector.type 
_diffrn_detector.pdbx_collection_date 
_diffrn_detector.details 
1 'IMAGE PLATE' 'RIGAKU RAXIS IIC' 1999-10-10 ? 
2 'IMAGE PLATE' 'RIGAKU RAXIS IIC' 1999-10-12 ? 
3 'IMAGE PLATE' 'RIGAKU RAXIS IIC' 1999-10-15 ? 
# 
_diffrn_radiation.diffrn_id                        1 
_diffrn_radiation.wavelength_id                    1 
_diffrn_radiation.pdbx_monochromatic_or_laue_m_l   M 
_diffrn_radiation.monochromator                    graphite 
_diffrn_radiation.pdbx_diffrn_protocol             'SINGLE WAVELENGTH' 
_diffrn_radiation.pdbx_scattering_type             x-ray 
# 
_diffrn_radiation_wavelength.id           1 
_diffrn_radiation_wavelength.wavelength   1.5418 
_diffrn_radiation_wavelength.wt           1.0 
# 
loop_
_diffrn_source.diffrn_id 
_diffrn_source.source 
_diffrn_source.type 
_diffrn_source.pdbx_synchrotron_site 
_diffrn_source.pdbx_synchrotron_beamline 
_diffrn_source.pdbx_wavelength 
_diffrn_source.pdbx_wavelength_list 
1 'ROTATING ANODE' 'RIGAKU RU200HB' ? ? ? 1.5418 
2 'ROTATING ANODE' 'RIGAKU RU200'   ? ? ? 1.5418 
3 'ROTATING ANODE' 'RIGAKU RU200'   ? ? ? 1.5418 
# 
_reflns.entry_id                     1JDL 
_reflns.observed_criterion_sigma_I   0 
_reflns.observed_criterion_sigma_F   2 
_reflns.d_resolution_low             20 
_reflns.d_resolution_high            1.7 
_reflns.number_obs                   13248 
_reflns.number_all                   13248 
_reflns.percent_possible_obs         98.6 
_reflns.pdbx_Rmerge_I_obs            0.0700000 
_reflns.pdbx_Rsym_value              ? 
_reflns.pdbx_netI_over_sigmaI        2986 
_reflns.B_iso_Wilson_estimate        21.9 
_reflns.pdbx_redundancy              16.9 
_reflns.R_free_details               ? 
_reflns.limit_h_max                  ? 
_reflns.limit_h_min                  ? 
_reflns.limit_k_max                  ? 
_reflns.limit_k_min                  ? 
_reflns.limit_l_max                  ? 
_reflns.limit_l_min                  ? 
_reflns.observed_criterion_F_max     ? 
_reflns.observed_criterion_F_min     ? 
_reflns.pdbx_diffrn_id               1 
_reflns.pdbx_ordinal                 1 
# 
_reflns_shell.d_res_high             1.7 
_reflns_shell.d_res_low              20 
_reflns_shell.percent_possible_all   88.4 
_reflns_shell.Rmerge_I_obs           0.3200000 
_reflns_shell.pdbx_Rsym_value        ? 
_reflns_shell.meanI_over_sigI_obs    149 
_reflns_shell.pdbx_redundancy        10 
_reflns_shell.percent_possible_obs   ? 
_reflns_shell.number_unique_all      1169 
_reflns_shell.pdbx_diffrn_id         ? 
_reflns_shell.pdbx_ordinal           1 
# 
_refine.entry_id                                 1JDL 
_refine.ls_number_reflns_obs                     12801 
_refine.ls_number_reflns_all                     13248 
_refine.pdbx_ls_sigma_I                          0 
_refine.pdbx_ls_sigma_F                          2 
_refine.pdbx_data_cutoff_high_absF               ? 
_refine.pdbx_data_cutoff_low_absF                ? 
_refine.ls_d_res_low                             20 
_refine.ls_d_res_high                            1.7 
_refine.ls_percent_reflns_obs                    95.4 
_refine.ls_R_factor_obs                          ? 
_refine.ls_R_factor_all                          ? 
_refine.ls_R_factor_R_work                       0.1900000 
_refine.ls_R_factor_R_free                       0.2100000 
_refine.ls_R_factor_R_free_error                 ? 
_refine.ls_R_factor_R_free_error_details         ? 
_refine.ls_percent_reflns_R_free                 8.4 
_refine.ls_number_reflns_R_free                  1079 
_refine.ls_number_parameters                     ? 
_refine.ls_number_restraints                     ? 
_refine.occupancy_min                            ? 
_refine.occupancy_max                            ? 
_refine.B_iso_mean                               25.2 
_refine.aniso_B[1][1]                            -0.50 
_refine.aniso_B[2][2]                            0 
_refine.aniso_B[3][3]                            0 
_refine.aniso_B[1][2]                            -0.05 
_refine.aniso_B[1][3]                            0 
_refine.aniso_B[2][3]                            0 
_refine.solvent_model_details                    ? 
_refine.solvent_model_param_ksol                 ? 
_refine.solvent_model_param_bsol                 ? 
_refine.pdbx_ls_cross_valid_method               THROUGHOUT 
_refine.details                                  ? 
_refine.pdbx_starting_model                      'PDB ENTRY 2c2c' 
_refine.pdbx_method_to_determine_struct          'SAD, MIR,MOLECULAR REPLACEMENT' 
_refine.pdbx_isotropic_thermal_model             ? 
_refine.pdbx_stereochemistry_target_values       'Engh & Huber' 
_refine.pdbx_stereochem_target_val_spec_case     ? 
_refine.pdbx_R_Free_selection_details            random 
_refine.pdbx_overall_ESU_R_Free                  ? 
_refine.overall_SU_B                             ? 
_refine.ls_redundancy_reflns_obs                 ? 
_refine.B_iso_min                                ? 
_refine.B_iso_max                                ? 
_refine.correlation_coeff_Fo_to_Fc               ? 
_refine.correlation_coeff_Fo_to_Fc_free          ? 
_refine.overall_SU_R_Cruickshank_DPI             ? 
_refine.overall_SU_R_free                        ? 
_refine.overall_SU_ML                            ? 
_refine.pdbx_overall_ESU_R                       ? 
_refine.pdbx_data_cutoff_high_rms_absF           ? 
_refine.pdbx_refine_id                           'X-RAY DIFFRACTION' 
_refine.pdbx_diffrn_id                           1 
_refine.pdbx_TLS_residual_ADP_flag               ? 
_refine.pdbx_solvent_vdw_probe_radii             ? 
_refine.pdbx_solvent_ion_probe_radii             ? 
_refine.pdbx_solvent_shrinkage_radii             ? 
_refine.pdbx_overall_phase_error                 ? 
_refine.pdbx_overall_SU_R_free_Cruickshank_DPI   ? 
_refine.pdbx_overall_SU_R_Blow_DPI               ? 
_refine.pdbx_overall_SU_R_free_Blow_DPI          ? 
# 
_refine_analyze.entry_id                        1JDL 
_refine_analyze.Luzzati_coordinate_error_obs    0.20 
_refine_analyze.Luzzati_sigma_a_obs             0.08 
_refine_analyze.Luzzati_d_res_low_obs           5.00 
_refine_analyze.Luzzati_coordinate_error_free   0.19 
_refine_analyze.Luzzati_sigma_a_free            0.11 
_refine_analyze.Luzzati_d_res_low_free          ? 
_refine_analyze.number_disordered_residues      ? 
_refine_analyze.occupancy_sum_hydrogen          ? 
_refine_analyze.occupancy_sum_non_hydrogen      ? 
_refine_analyze.pdbx_Luzzati_d_res_high_obs     ? 
_refine_analyze.pdbx_refine_id                  'X-RAY DIFFRACTION' 
# 
_refine_hist.pdbx_refine_id                   'X-RAY DIFFRACTION' 
_refine_hist.cycle_id                         LAST 
_refine_hist.pdbx_number_atoms_protein        892 
_refine_hist.pdbx_number_atoms_nucleic_acid   0 
_refine_hist.pdbx_number_atoms_ligand         43 
_refine_hist.number_atoms_solvent             87 
_refine_hist.number_atoms_total               1022 
_refine_hist.d_res_high                       1.7 
_refine_hist.d_res_low                        20 
# 
loop_
_refine_ls_restr.type 
_refine_ls_restr.dev_ideal 
_refine_ls_restr.dev_ideal_target 
_refine_ls_restr.weight 
_refine_ls_restr.number 
_refine_ls_restr.pdbx_refine_id 
_refine_ls_restr.pdbx_restraint_function 
c_angle_deg        1.3   ? ? ? 'X-RAY DIFFRACTION' ? 
c_bond_d           0.006 ? ? ? 'X-RAY DIFFRACTION' ? 
c_dihedral_angle_d 21.4  ? ? ? 'X-RAY DIFFRACTION' ? 
c_improper_angle_d 1.47  ? ? ? 'X-RAY DIFFRACTION' ? 
# 
loop_
_refine_ls_shell.pdbx_total_number_of_bins_used 
_refine_ls_shell.d_res_high 
_refine_ls_shell.d_res_low 
_refine_ls_shell.number_reflns_R_work 
_refine_ls_shell.R_factor_R_work 
_refine_ls_shell.percent_reflns_obs 
_refine_ls_shell.R_factor_R_free 
_refine_ls_shell.R_factor_R_free_error 
_refine_ls_shell.percent_reflns_R_free 
_refine_ls_shell.number_reflns_R_free 
_refine_ls_shell.number_reflns_obs 
_refine_ls_shell.redundancy_reflns_obs 
_refine_ls_shell.number_reflns_all 
_refine_ls_shell.pdbx_refine_id 
_refine_ls_shell.R_factor_all 
. 1.70 1.76 . 0.2661000 88.4 0.2626000 . . 81  907  . . 'X-RAY DIFFRACTION' . 
. 1.76 1.83 . 0.2391000 97.9 0.2539000 . . 122 1039 . . 'X-RAY DIFFRACTION' . 
. 1.83 1.91 . 0.1955000 100  0.1812000 . . 139 1117 . . 'X-RAY DIFFRACTION' . 
. 1.91 2.02 . 0.2002000 100  0.2201000 . . 135 1154 . . 'X-RAY DIFFRACTION' . 
. 2.02 2.14 . 0.1957000 100  0.1886000 . . 124 1174 . . 'X-RAY DIFFRACTION' . 
. 2.14 2.31 . 0.2093000 100  0.2104000 . . 132 1196 . . 'X-RAY DIFFRACTION' . 
# 
_struct.entry_id                  1JDL 
_struct.title                     'Structure of cytochrome c2 from Rhodospirillum Centenum' 
_struct.pdbx_model_details        ? 
_struct.pdbx_CASP_flag            ? 
_struct.pdbx_model_type_details   ? 
# 
_struct_keywords.entry_id        1JDL 
_struct_keywords.pdbx_keywords   'ELECTRON TRANSPORT' 
_struct_keywords.text            'ALPHA HELIX, ELECTRON TRANSPORT' 
# 
loop_
_struct_asym.id 
_struct_asym.pdbx_blank_PDB_chainid_flag 
_struct_asym.pdbx_modified 
_struct_asym.entity_id 
_struct_asym.details 
A N N 1 ? 
B N N 2 ? 
C N N 3 ? 
# 
_struct_biol.id                    1 
_struct_biol.details               ? 
_struct_biol.pdbx_parent_biol_id   ? 
# 
loop_
_struct_conf.conf_type_id 
_struct_conf.id 
_struct_conf.pdbx_PDB_helix_id 
_struct_conf.beg_label_comp_id 
_struct_conf.beg_label_asym_id 
_struct_conf.beg_label_seq_id 
_struct_conf.pdbx_beg_PDB_ins_code 
_struct_conf.end_label_comp_id 
_struct_conf.end_label_asym_id 
_struct_conf.end_label_seq_id 
_struct_conf.pdbx_end_PDB_ins_code 
_struct_conf.beg_auth_comp_id 
_struct_conf.beg_auth_asym_id 
_struct_conf.beg_auth_seq_id 
_struct_conf.end_auth_comp_id 
_struct_conf.end_auth_asym_id 
_struct_conf.end_auth_seq_id 
_struct_conf.pdbx_PDB_helix_class 
_struct_conf.details 
_struct_conf.pdbx_PDB_helix_length 
HELX_P HELX_P1 1 ASP A 4   ? PHE A 12  ? ASP A 4   PHE A 12  1 ? 9  
HELX_P HELX_P2 2 LYS A 13  ? CYS A 15  ? LYS A 13  CYS A 15  5 ? 3  
HELX_P HELX_P3 3 SER A 50  ? ALA A 59  ? SER A 50  ALA A 59  1 ? 10 
HELX_P HELX_P4 4 THR A 64  ? LEU A 72  ? THR A 64  LEU A 72  1 ? 9  
HELX_P HELX_P5 5 ASP A 74  ? ALA A 86  ? ASP A 74  ALA A 86  1 ? 13 
HELX_P HELX_P6 6 HIS A 88  ? LYS A 93  ? HIS A 88  LYS A 93  5 ? 6  
HELX_P HELX_P7 7 ASP A 104 ? LYS A 116 ? ASP A 104 LYS A 116 1 ? 13 
HELX_P HELX_P8 8 GLN A 117 ? SER A 119 ? GLN A 117 SER A 119 5 ? 3  
# 
_struct_conf_type.id          HELX_P 
_struct_conf_type.criteria    ? 
_struct_conf_type.reference   ? 
# 
loop_
_struct_conn.id 
_struct_conn.conn_type_id 
_struct_conn.pdbx_leaving_atom_flag 
_struct_conn.pdbx_PDB_id 
_struct_conn.ptnr1_label_asym_id 
_struct_conn.ptnr1_label_comp_id 
_struct_conn.ptnr1_label_seq_id 
_struct_conn.ptnr1_label_atom_id 
_struct_conn.pdbx_ptnr1_label_alt_id 
_struct_conn.pdbx_ptnr1_PDB_ins_code 
_struct_conn.pdbx_ptnr1_standard_comp_id 
_struct_conn.ptnr1_symmetry 
_struct_conn.ptnr2_label_asym_id 
_struct_conn.ptnr2_label_comp_id 
_struct_conn.ptnr2_label_seq_id 
_struct_conn.ptnr2_label_atom_id 
_struct_conn.pdbx_ptnr2_label_alt_id 
_struct_conn.pdbx_ptnr2_PDB_ins_code 
_struct_conn.ptnr1_auth_asym_id 
_struct_conn.ptnr1_auth_comp_id 
_struct_conn.ptnr1_auth_seq_id 
_struct_conn.ptnr2_auth_asym_id 
_struct_conn.ptnr2_auth_comp_id 
_struct_conn.ptnr2_auth_seq_id 
_struct_conn.ptnr2_symmetry 
_struct_conn.pdbx_ptnr3_label_atom_id 
_struct_conn.pdbx_ptnr3_label_seq_id 
_struct_conn.pdbx_ptnr3_label_comp_id 
_struct_conn.pdbx_ptnr3_label_asym_id 
_struct_conn.pdbx_ptnr3_label_alt_id 
_struct_conn.pdbx_ptnr3_PDB_ins_code 
_struct_conn.details 
_struct_conn.pdbx_dist_value 
_struct_conn.pdbx_value_order 
_struct_conn.pdbx_role 
metalc1 metalc ? ? A HIS 19 NE2 ? ? ? 1_555 B HEM . FE ? ? A HIS 19 A HEM 500 1_555 ? ? ? ? ? ? ? 2.097 ? ? 
metalc2 metalc ? ? A MET 98 SD  ? ? ? 1_555 B HEM . FE ? ? A MET 98 A HEM 500 1_555 ? ? ? ? ? ? ? 2.320 ? ? 
# 
_struct_conn_type.id          metalc 
_struct_conn_type.criteria    ? 
_struct_conn_type.reference   ? 
# 
_struct_site.id                   AC1 
_struct_site.pdbx_evidence_code   Software 
_struct_site.pdbx_auth_asym_id    A 
_struct_site.pdbx_auth_comp_id    HEM 
_struct_site.pdbx_auth_seq_id     500 
_struct_site.pdbx_auth_ins_code   ? 
_struct_site.pdbx_num_residues    22 
_struct_site.details              'BINDING SITE FOR RESIDUE HEM A 500' 
# 
loop_
_struct_site_gen.id 
_struct_site_gen.site_id 
_struct_site_gen.pdbx_num_res 
_struct_site_gen.label_comp_id 
_struct_site_gen.label_asym_id 
_struct_site_gen.label_seq_id 
_struct_site_gen.pdbx_auth_ins_code 
_struct_site_gen.auth_comp_id 
_struct_site_gen.auth_asym_id 
_struct_site_gen.auth_seq_id 
_struct_site_gen.label_atom_id 
_struct_site_gen.label_alt_id 
_struct_site_gen.symmetry 
_struct_site_gen.details 
1  AC1 22 LYS A 14  ? LYS A 14   . ? 1_555 ? 
2  AC1 22 CYS A 15  ? CYS A 15   . ? 1_555 ? 
3  AC1 22 CYS A 18  ? CYS A 18   . ? 1_555 ? 
4  AC1 22 HIS A 19  ? HIS A 19   . ? 1_555 ? 
5  AC1 22 VAL A 29  ? VAL A 29   . ? 1_555 ? 
6  AC1 22 PRO A 31  ? PRO A 31   . ? 1_555 ? 
7  AC1 22 ARG A 39  ? ARG A 39   . ? 1_555 ? 
8  AC1 22 ALA A 41  ? ALA A 41   . ? 1_555 ? 
9  AC1 22 GLY A 42  ? GLY A 42   . ? 1_555 ? 
10 AC1 22 ASN A 48  ? ASN A 48   . ? 4_555 ? 
11 AC1 22 TYR A 49  ? TYR A 49   . ? 1_555 ? 
12 AC1 22 SER A 50  ? SER A 50   . ? 1_555 ? 
13 AC1 22 ASN A 53  ? ASN A 53   . ? 1_555 ? 
14 AC1 22 TRP A 63  ? TRP A 63   . ? 1_555 ? 
15 AC1 22 TYR A 71  ? TYR A 71   . ? 1_555 ? 
16 AC1 22 THR A 96  ? THR A 96   . ? 1_555 ? 
17 AC1 22 LYS A 97  ? LYS A 97   . ? 1_555 ? 
18 AC1 22 MET A 98  ? MET A 98   . ? 1_555 ? 
19 AC1 22 PHE A 100 ? PHE A 100  . ? 1_555 ? 
20 AC1 22 LEU A 102 ? LEU A 102  . ? 1_555 ? 
21 AC1 22 HOH C .   ? HOH A 1009 . ? 1_555 ? 
22 AC1 22 HOH C .   ? HOH A 1022 . ? 1_555 ? 
# 
_atom_sites.entry_id                    1JDL 
_atom_sites.fract_transf_matrix[1][1]   0.00958003 
_atom_sites.fract_transf_matrix[1][2]   -0.02765669 
_atom_sites.fract_transf_matrix[1][3]   0.01664331 
_atom_sites.fract_transf_matrix[2][1]   -0.00702324 
_atom_sites.fract_transf_matrix[2][2]   0.00594860 
_atom_sites.fract_transf_matrix[2][3]   0.01392760 
_atom_sites.fract_transf_matrix[3][1]   -0.01317204 
_atom_sites.fract_transf_matrix[3][2]   -0.00680961 
_atom_sites.fract_transf_matrix[3][3]   -0.00373380 
_atom_sites.fract_transf_vector[1]      -0.033215 
_atom_sites.fract_transf_vector[2]      0.036824 
_atom_sites.fract_transf_vector[3]      -0.010282 
# 
loop_
_atom_type.symbol 
C  
FE 
N  
O  
S  
# 
loop_
_atom_site.group_PDB 
_atom_site.id 
_atom_site.type_symbol 
_atom_site.label_atom_id 
_atom_site.label_alt_id 
_atom_site.label_comp_id 
_atom_site.label_asym_id 
_atom_site.label_entity_id 
_atom_site.label_seq_id 
_atom_site.pdbx_PDB_ins_code 
_atom_site.Cartn_x 
_atom_site.Cartn_y 
_atom_site.Cartn_z 
_atom_site.occupancy 
_atom_site.B_iso_or_equiv 
_atom_site.pdbx_formal_charge 
_atom_site.auth_seq_id 
_atom_site.auth_comp_id 
_atom_site.auth_asym_id 
_atom_site.auth_atom_id 
_atom_site.pdbx_PDB_model_num 
ATOM   1    N  N   . GLY A 1 3   ? 5.433   -10.833 -12.799 1.00 37.06 ? 3    GLY A N   1 
ATOM   2    C  CA  . GLY A 1 3   ? 4.663   -11.292 -11.602 1.00 34.81 ? 3    GLY A CA  1 
ATOM   3    C  C   . GLY A 1 3   ? 3.595   -12.316 -11.936 1.00 34.40 ? 3    GLY A C   1 
ATOM   4    O  O   . GLY A 1 3   ? 2.943   -12.231 -12.977 1.00 34.59 ? 3    GLY A O   1 
ATOM   5    N  N   . ASP A 1 4   ? 3.411   -13.283 -11.043 1.00 33.96 ? 4    ASP A N   1 
ATOM   6    C  CA  . ASP A 1 4   ? 2.423   -14.343 -11.227 1.00 34.67 ? 4    ASP A CA  1 
ATOM   7    C  C   . ASP A 1 4   ? 1.274   -14.179 -10.238 1.00 33.52 ? 4    ASP A C   1 
ATOM   8    O  O   . ASP A 1 4   ? 1.449   -14.381 -9.037  1.00 32.89 ? 4    ASP A O   1 
ATOM   9    C  CB  . ASP A 1 4   ? 3.088   -15.709 -11.019 1.00 36.96 ? 4    ASP A CB  1 
ATOM   10   C  CG  . ASP A 1 4   ? 2.098   -16.858 -11.049 1.00 39.11 ? 4    ASP A CG  1 
ATOM   11   O  OD1 . ASP A 1 4   ? 2.508   -17.999 -10.748 1.00 43.03 ? 4    ASP A OD1 1 
ATOM   12   O  OD2 . ASP A 1 4   ? 0.914   -16.630 -11.375 1.00 39.38 ? 4    ASP A OD2 1 
ATOM   13   N  N   . PRO A 1 5   ? 0.077   -13.819 -10.733 1.00 32.62 ? 5    PRO A N   1 
ATOM   14   C  CA  . PRO A 1 5   ? -1.090  -13.634 -9.864  1.00 31.82 ? 5    PRO A CA  1 
ATOM   15   C  C   . PRO A 1 5   ? -1.522  -14.893 -9.113  1.00 31.66 ? 5    PRO A C   1 
ATOM   16   O  O   . PRO A 1 5   ? -2.078  -14.805 -8.019  1.00 30.69 ? 5    PRO A O   1 
ATOM   17   C  CB  . PRO A 1 5   ? -2.162  -13.121 -10.827 1.00 32.64 ? 5    PRO A CB  1 
ATOM   18   C  CG  . PRO A 1 5   ? -1.769  -13.740 -12.136 1.00 33.23 ? 5    PRO A CG  1 
ATOM   19   C  CD  . PRO A 1 5   ? -0.271  -13.565 -12.142 1.00 32.81 ? 5    PRO A CD  1 
ATOM   20   N  N   . ALA A 1 6   ? -1.264  -16.061 -9.698  1.00 31.44 ? 6    ALA A N   1 
ATOM   21   C  CA  . ALA A 1 6   ? -1.623  -17.323 -9.058  1.00 31.57 ? 6    ALA A CA  1 
ATOM   22   C  C   . ALA A 1 6   ? -0.810  -17.479 -7.779  1.00 31.39 ? 6    ALA A C   1 
ATOM   23   O  O   . ALA A 1 6   ? -1.341  -17.859 -6.734  1.00 32.39 ? 6    ALA A O   1 
ATOM   24   C  CB  . ALA A 1 6   ? -1.351  -18.490 -10.002 1.00 31.86 ? 6    ALA A CB  1 
ATOM   25   N  N   . LYS A 1 7   ? 0.484   -17.189 -7.869  1.00 30.63 ? 7    LYS A N   1 
ATOM   26   C  CA  . LYS A 1 7   ? 1.357   -17.272 -6.707  1.00 31.42 ? 7    LYS A CA  1 
ATOM   27   C  C   . LYS A 1 7   ? 1.059   -16.074 -5.810  1.00 29.52 ? 7    LYS A C   1 
ATOM   28   O  O   . LYS A 1 7   ? 1.151   -16.159 -4.587  1.00 29.16 ? 7    LYS A O   1 
ATOM   29   C  CB  . LYS A 1 7   ? 2.828   -17.246 -7.131  1.00 34.21 ? 7    LYS A CB  1 
ATOM   30   C  CG  . LYS A 1 7   ? 3.798   -17.316 -5.961  1.00 38.29 ? 7    LYS A CG  1 
ATOM   31   C  CD  . LYS A 1 7   ? 3.596   -18.593 -5.160  1.00 41.48 ? 7    LYS A CD  1 
ATOM   32   C  CE  . LYS A 1 7   ? 4.446   -18.602 -3.901  1.00 43.15 ? 7    LYS A CE  1 
ATOM   33   N  NZ  . LYS A 1 7   ? 4.068   -17.496 -2.976  1.00 44.76 ? 7    LYS A NZ  1 
ATOM   34   N  N   . GLY A 1 8   ? 0.695   -14.958 -6.435  1.00 27.52 ? 8    GLY A N   1 
ATOM   35   C  CA  . GLY A 1 8   ? 0.383   -13.757 -5.684  1.00 25.93 ? 8    GLY A CA  1 
ATOM   36   C  C   . GLY A 1 8   ? -0.745  -13.962 -4.693  1.00 25.29 ? 8    GLY A C   1 
ATOM   37   O  O   . GLY A 1 8   ? -0.737  -13.380 -3.607  1.00 23.96 ? 8    GLY A O   1 
ATOM   38   N  N   . GLU A 1 9   ? -1.718  -14.789 -5.063  1.00 25.65 ? 9    GLU A N   1 
ATOM   39   C  CA  . GLU A 1 9   ? -2.858  -15.063 -4.194  1.00 27.25 ? 9    GLU A CA  1 
ATOM   40   C  C   . GLU A 1 9   ? -2.391  -15.758 -2.918  1.00 27.76 ? 9    GLU A C   1 
ATOM   41   O  O   . GLU A 1 9   ? -2.963  -15.563 -1.845  1.00 26.82 ? 9    GLU A O   1 
ATOM   42   C  CB  . GLU A 1 9   ? -3.883  -15.940 -4.920  1.00 29.21 ? 9    GLU A CB  1 
ATOM   43   C  CG  . GLU A 1 9   ? -5.129  -16.229 -4.102  1.00 34.06 ? 9    GLU A CG  1 
ATOM   44   C  CD  . GLU A 1 9   ? -6.146  -17.062 -4.859  1.00 37.77 ? 9    GLU A CD  1 
ATOM   45   O  OE1 . GLU A 1 9   ? -7.222  -17.345 -4.291  1.00 40.46 ? 9    GLU A OE1 1 
ATOM   46   O  OE2 . GLU A 1 9   ? -5.871  -17.436 -6.021  1.00 39.66 ? 9    GLU A OE2 1 
ATOM   47   N  N   . ALA A 1 10  ? -1.345  -16.568 -3.047  1.00 27.56 ? 10   ALA A N   1 
ATOM   48   C  CA  . ALA A 1 10  ? -0.782  -17.287 -1.912  1.00 27.12 ? 10   ALA A CA  1 
ATOM   49   C  C   . ALA A 1 10  ? -0.010  -16.315 -1.024  1.00 25.97 ? 10   ALA A C   1 
ATOM   50   O  O   . ALA A 1 10  ? -0.066  -16.396 0.204   1.00 26.48 ? 10   ALA A O   1 
ATOM   51   C  CB  . ALA A 1 10  ? 0.142   -18.398 -2.403  1.00 27.97 ? 10   ALA A CB  1 
ATOM   52   N  N   . VAL A 1 11  ? 0.717   -15.398 -1.652  1.00 25.37 ? 11   VAL A N   1 
ATOM   53   C  CA  . VAL A 1 11  ? 1.481   -14.407 -0.911  1.00 23.88 ? 11   VAL A CA  1 
ATOM   54   C  C   . VAL A 1 11  ? 0.512   -13.511 -0.144  1.00 22.76 ? 11   VAL A C   1 
ATOM   55   O  O   . VAL A 1 11  ? 0.801   -13.073 0.969   1.00 22.05 ? 11   VAL A O   1 
ATOM   56   C  CB  . VAL A 1 11  ? 2.334   -13.528 -1.854  1.00 24.58 ? 11   VAL A CB  1 
ATOM   57   C  CG1 . VAL A 1 11  ? 3.028   -12.431 -1.060  1.00 23.70 ? 11   VAL A CG1 1 
ATOM   58   C  CG2 . VAL A 1 11  ? 3.369   -14.381 -2.572  1.00 26.87 ? 11   VAL A CG2 1 
ATOM   59   N  N   . PHE A 1 12  ? -0.649  -13.251 -0.737  1.00 20.34 ? 12   PHE A N   1 
ATOM   60   C  CA  . PHE A 1 12  ? -1.637  -12.391 -0.100  1.00 21.18 ? 12   PHE A CA  1 
ATOM   61   C  C   . PHE A 1 12  ? -2.112  -12.932 1.245   1.00 20.86 ? 12   PHE A C   1 
ATOM   62   O  O   . PHE A 1 12  ? -2.726  -12.208 2.030   1.00 19.98 ? 12   PHE A O   1 
ATOM   63   C  CB  . PHE A 1 12  ? -2.845  -12.179 -1.014  1.00 20.60 ? 12   PHE A CB  1 
ATOM   64   C  CG  . PHE A 1 12  ? -3.730  -11.049 -0.581  1.00 21.90 ? 12   PHE A CG  1 
ATOM   65   C  CD1 . PHE A 1 12  ? -3.335  -9.729  -0.779  1.00 22.62 ? 12   PHE A CD1 1 
ATOM   66   C  CD2 . PHE A 1 12  ? -4.933  -11.296 0.072   1.00 23.10 ? 12   PHE A CD2 1 
ATOM   67   C  CE1 . PHE A 1 12  ? -4.123  -8.673  -0.329  1.00 22.61 ? 12   PHE A CE1 1 
ATOM   68   C  CE2 . PHE A 1 12  ? -5.727  -10.247 0.525   1.00 24.26 ? 12   PHE A CE2 1 
ATOM   69   C  CZ  . PHE A 1 12  ? -5.319  -8.934  0.324   1.00 23.43 ? 12   PHE A CZ  1 
ATOM   70   N  N   . LYS A 1 13  ? -1.851  -14.208 1.509   1.00 22.51 ? 13   LYS A N   1 
ATOM   71   C  CA  . LYS A 1 13  ? -2.247  -14.785 2.784   1.00 24.71 ? 13   LYS A CA  1 
ATOM   72   C  C   . LYS A 1 13  ? -1.545  -14.012 3.899   1.00 23.97 ? 13   LYS A C   1 
ATOM   73   O  O   . LYS A 1 13  ? -2.053  -13.914 5.016   1.00 25.62 ? 13   LYS A O   1 
ATOM   74   C  CB  . LYS A 1 13  ? -1.860  -16.266 2.849   1.00 26.83 ? 13   LYS A CB  1 
ATOM   75   C  CG  . LYS A 1 13  ? -2.658  -17.147 1.900   1.00 31.59 ? 13   LYS A CG  1 
ATOM   76   C  CD  . LYS A 1 13  ? -2.246  -18.606 2.027   1.00 35.97 ? 13   LYS A CD  1 
ATOM   77   C  CE  . LYS A 1 13  ? -3.093  -19.498 1.136   1.00 38.99 ? 13   LYS A CE  1 
ATOM   78   N  NZ  . LYS A 1 13  ? -2.686  -20.928 1.237   1.00 40.81 ? 13   LYS A NZ  1 
ATOM   79   N  N   . LYS A 1 14  ? -0.379  -13.460 3.579   1.00 23.39 ? 14   LYS A N   1 
ATOM   80   C  CA  . LYS A 1 14  ? 0.403   -12.682 4.537   1.00 23.62 ? 14   LYS A CA  1 
ATOM   81   C  C   . LYS A 1 14  ? -0.179  -11.287 4.749   1.00 24.26 ? 14   LYS A C   1 
ATOM   82   O  O   . LYS A 1 14  ? 0.272   -10.551 5.629   1.00 26.23 ? 14   LYS A O   1 
ATOM   83   C  CB  . LYS A 1 14  ? 1.851   -12.546 4.061   1.00 25.43 ? 14   LYS A CB  1 
ATOM   84   C  CG  . LYS A 1 14  ? 2.605   -13.866 3.977   1.00 25.84 ? 14   LYS A CG  1 
ATOM   85   C  CD  . LYS A 1 14  ? 4.034   -13.640 3.518   1.00 26.73 ? 14   LYS A CD  1 
ATOM   86   C  CE  . LYS A 1 14  ? 4.811   -14.945 3.484   1.00 27.88 ? 14   LYS A CE  1 
ATOM   87   N  NZ  . LYS A 1 14  ? 6.236   -14.711 3.129   1.00 30.44 ? 14   LYS A NZ  1 
ATOM   88   N  N   . CYS A 1 15  ? -1.167  -10.922 3.934   1.00 20.47 ? 15   CYS A N   1 
ATOM   89   C  CA  . CYS A 1 15  ? -1.803  -9.610  4.045   1.00 19.78 ? 15   CYS A CA  1 
ATOM   90   C  C   . CYS A 1 15  ? -3.201  -9.720  4.627   1.00 20.28 ? 15   CYS A C   1 
ATOM   91   O  O   . CYS A 1 15  ? -3.719  -8.752  5.183   1.00 19.53 ? 15   CYS A O   1 
ATOM   92   C  CB  . CYS A 1 15  ? -1.962  -8.944  2.673   1.00 20.49 ? 15   CYS A CB  1 
ATOM   93   S  SG  . CYS A 1 15  ? -0.609  -9.106  1.523   1.00 19.41 ? 15   CYS A SG  1 
ATOM   94   N  N   . MET A 1 16  ? -3.808  -10.899 4.487   1.00 21.57 ? 16   MET A N   1 
ATOM   95   C  CA  . MET A 1 16  ? -5.181  -11.127 4.932   1.00 24.55 ? 16   MET A CA  1 
ATOM   96   C  C   . MET A 1 16  ? -5.538  -10.855 6.383   1.00 23.89 ? 16   MET A C   1 
ATOM   97   O  O   . MET A 1 16  ? -6.713  -10.654 6.701   1.00 23.61 ? 16   MET A O   1 
ATOM   98   C  CB  . MET A 1 16  ? -5.618  -12.547 4.574   1.00 28.77 ? 16   MET A CB  1 
ATOM   99   C  CG  . MET A 1 16  ? -5.684  -12.804 3.084   1.00 35.91 ? 16   MET A CG  1 
ATOM   100  S  SD  . MET A 1 16  ? -6.578  -14.319 2.718   1.00 44.20 ? 16   MET A SD  1 
ATOM   101  C  CE  . MET A 1 16  ? -5.535  -15.525 3.539   1.00 43.68 ? 16   MET A CE  1 
ATOM   102  N  N   . ALA A 1 17  ? -4.552  -10.851 7.268   1.00 23.10 ? 17   ALA A N   1 
ATOM   103  C  CA  . ALA A 1 17  ? -4.839  -10.587 8.667   1.00 22.44 ? 17   ALA A CA  1 
ATOM   104  C  C   . ALA A 1 17  ? -5.347  -9.163  8.835   1.00 21.26 ? 17   ALA A C   1 
ATOM   105  O  O   . ALA A 1 17  ? -6.097  -8.874  9.768   1.00 23.90 ? 17   ALA A O   1 
ATOM   106  C  CB  . ALA A 1 17  ? -3.584  -10.792 9.510   1.00 25.30 ? 17   ALA A CB  1 
ATOM   107  N  N   . CYS A 1 18  ? -4.959  -8.281  7.917   1.00 18.19 ? 18   CYS A N   1 
ATOM   108  C  CA  . CYS A 1 18  ? -5.342  -6.876  8.008   1.00 17.50 ? 18   CYS A CA  1 
ATOM   109  C  C   . CYS A 1 18  ? -6.027  -6.268  6.797   1.00 16.13 ? 18   CYS A C   1 
ATOM   110  O  O   . CYS A 1 18  ? -6.586  -5.175  6.891   1.00 18.46 ? 18   CYS A O   1 
ATOM   111  C  CB  . CYS A 1 18  ? -4.106  -6.039  8.311   1.00 16.84 ? 18   CYS A CB  1 
ATOM   112  S  SG  . CYS A 1 18  ? -3.149  -6.689  9.669   1.00 18.48 ? 18   CYS A SG  1 
ATOM   113  N  N   . HIS A 1 19  ? -5.973  -6.954  5.664   1.00 16.97 ? 19   HIS A N   1 
ATOM   114  C  CA  . HIS A 1 19  ? -6.572  -6.437  4.438   1.00 16.36 ? 19   HIS A CA  1 
ATOM   115  C  C   . HIS A 1 19  ? -7.516  -7.418  3.774   1.00 18.33 ? 19   HIS A C   1 
ATOM   116  O  O   . HIS A 1 19  ? -7.376  -8.630  3.917   1.00 19.97 ? 19   HIS A O   1 
ATOM   117  C  CB  . HIS A 1 19  ? -5.491  -6.109  3.417   1.00 15.87 ? 19   HIS A CB  1 
ATOM   118  C  CG  . HIS A 1 19  ? -4.613  -4.963  3.796   1.00 15.84 ? 19   HIS A CG  1 
ATOM   119  N  ND1 . HIS A 1 19  ? -5.039  -3.653  3.754   1.00 14.13 ? 19   HIS A ND1 1 
ATOM   120  C  CD2 . HIS A 1 19  ? -3.309  -4.925  4.154   1.00 15.07 ? 19   HIS A CD2 1 
ATOM   121  C  CE1 . HIS A 1 19  ? -4.032  -2.857  4.062   1.00 15.51 ? 19   HIS A CE1 1 
ATOM   122  N  NE2 . HIS A 1 19  ? -2.970  -3.604  4.308   1.00 13.88 ? 19   HIS A NE2 1 
ATOM   123  N  N   . ARG A 1 20  ? -8.460  -6.866  3.024   1.00 18.99 ? 20   ARG A N   1 
ATOM   124  C  CA  . ARG A 1 20  ? -9.428  -7.652  2.273   1.00 20.82 ? 20   ARG A CA  1 
ATOM   125  C  C   . ARG A 1 20  ? -9.477  -7.112  0.849   1.00 20.39 ? 20   ARG A C   1 
ATOM   126  O  O   . ARG A 1 20  ? -9.228  -5.929  0.615   1.00 19.23 ? 20   ARG A O   1 
ATOM   127  C  CB  . ARG A 1 20  ? -10.816 -7.541  2.912   1.00 22.98 ? 20   ARG A CB  1 
ATOM   128  C  CG  . ARG A 1 20  ? -10.948 -8.276  4.231   1.00 26.43 ? 20   ARG A CG  1 
ATOM   129  C  CD  . ARG A 1 20  ? -11.213 -9.756  4.014   1.00 31.85 ? 20   ARG A CD  1 
ATOM   130  N  NE  . ARG A 1 20  ? -11.222 -10.498 5.271   1.00 35.75 ? 20   ARG A NE  1 
ATOM   131  C  CZ  . ARG A 1 20  ? -10.132 -10.755 5.987   1.00 36.64 ? 20   ARG A CZ  1 
ATOM   132  N  NH1 . ARG A 1 20  ? -8.950  -10.331 5.563   1.00 37.66 ? 20   ARG A NH1 1 
ATOM   133  N  NH2 . ARG A 1 20  ? -10.223 -11.429 7.126   1.00 37.14 ? 20   ARG A NH2 1 
ATOM   134  N  N   . VAL A 1 21  ? -9.772  -7.995  -0.098  1.00 21.08 ? 21   VAL A N   1 
ATOM   135  C  CA  . VAL A 1 21  ? -9.897  -7.624  -1.501  1.00 21.95 ? 21   VAL A CA  1 
ATOM   136  C  C   . VAL A 1 21  ? -11.134 -8.354  -2.011  1.00 22.82 ? 21   VAL A C   1 
ATOM   137  O  O   . VAL A 1 21  ? -11.586 -9.310  -1.388  1.00 22.09 ? 21   VAL A O   1 
ATOM   138  C  CB  . VAL A 1 21  ? -8.668  -8.055  -2.336  1.00 22.29 ? 21   VAL A CB  1 
ATOM   139  C  CG1 . VAL A 1 21  ? -7.447  -7.251  -1.914  1.00 25.34 ? 21   VAL A CG1 1 
ATOM   140  C  CG2 . VAL A 1 21  ? -8.412  -9.548  -2.167  1.00 22.95 ? 21   VAL A CG2 1 
ATOM   141  N  N   . GLY A 1 22  ? -11.681 -7.900  -3.132  1.00 25.74 ? 22   GLY A N   1 
ATOM   142  C  CA  . GLY A 1 22  ? -12.863 -8.540  -3.685  1.00 25.85 ? 22   GLY A CA  1 
ATOM   143  C  C   . GLY A 1 22  ? -14.099 -7.670  -3.566  1.00 27.55 ? 22   GLY A C   1 
ATOM   144  O  O   . GLY A 1 22  ? -14.016 -6.542  -3.077  1.00 26.39 ? 22   GLY A O   1 
ATOM   145  N  N   . PRO A 1 23  ? -15.271 -8.166  -4.002  1.00 29.69 ? 23   PRO A N   1 
ATOM   146  C  CA  . PRO A 1 23  ? -16.515 -7.394  -3.927  1.00 31.68 ? 23   PRO A CA  1 
ATOM   147  C  C   . PRO A 1 23  ? -16.936 -7.050  -2.501  1.00 33.12 ? 23   PRO A C   1 
ATOM   148  O  O   . PRO A 1 23  ? -16.904 -7.895  -1.608  1.00 33.68 ? 23   PRO A O   1 
ATOM   149  C  CB  . PRO A 1 23  ? -17.525 -8.298  -4.641  1.00 31.16 ? 23   PRO A CB  1 
ATOM   150  C  CG  . PRO A 1 23  ? -17.005 -9.669  -4.361  1.00 32.12 ? 23   PRO A CG  1 
ATOM   151  C  CD  . PRO A 1 23  ? -15.515 -9.501  -4.576  1.00 30.59 ? 23   PRO A CD  1 
ATOM   152  N  N   . ASP A 1 24  ? -17.332 -5.797  -2.301  1.00 35.80 ? 24   ASP A N   1 
ATOM   153  C  CA  . ASP A 1 24  ? -17.750 -5.321  -0.987  1.00 38.99 ? 24   ASP A CA  1 
ATOM   154  C  C   . ASP A 1 24  ? -16.724 -5.651  0.097   1.00 38.77 ? 24   ASP A C   1 
ATOM   155  O  O   . ASP A 1 24  ? -17.085 -6.025  1.216   1.00 39.76 ? 24   ASP A O   1 
ATOM   156  C  CB  . ASP A 1 24  ? -19.111 -5.915  -0.610  1.00 42.03 ? 24   ASP A CB  1 
ATOM   157  C  CG  . ASP A 1 24  ? -20.216 -5.493  -1.562  1.00 45.26 ? 24   ASP A CG  1 
ATOM   158  O  OD1 . ASP A 1 24  ? -20.422 -4.272  -1.735  1.00 46.99 ? 24   ASP A OD1 1 
ATOM   159  O  OD2 . ASP A 1 24  ? -20.879 -6.383  -2.136  1.00 47.63 ? 24   ASP A OD2 1 
ATOM   160  N  N   . ALA A 1 25  ? -15.444 -5.527  -0.242  1.00 37.13 ? 25   ALA A N   1 
ATOM   161  C  CA  . ALA A 1 25  ? -14.383 -5.788  0.725   1.00 34.94 ? 25   ALA A CA  1 
ATOM   162  C  C   . ALA A 1 25  ? -14.448 -4.648  1.729   1.00 32.37 ? 25   ALA A C   1 
ATOM   163  O  O   . ALA A 1 25  ? -14.578 -3.487  1.344   1.00 34.51 ? 25   ALA A O   1 
ATOM   164  C  CB  . ALA A 1 25  ? -13.026 -5.811  0.030   1.00 33.54 ? 25   ALA A CB  1 
ATOM   165  N  N   . LYS A 1 26  ? -14.363 -4.969  3.014   1.00 30.49 ? 26   LYS A N   1 
ATOM   166  C  CA  . LYS A 1 26  ? -14.443 -3.936  4.038   1.00 28.96 ? 26   LYS A CA  1 
ATOM   167  C  C   . LYS A 1 26  ? -13.118 -3.660  4.727   1.00 25.95 ? 26   LYS A C   1 
ATOM   168  O  O   . LYS A 1 26  ? -12.194 -4.475  4.680   1.00 24.79 ? 26   LYS A O   1 
ATOM   169  C  CB  . LYS A 1 26  ? -15.493 -4.324  5.075   1.00 31.87 ? 26   LYS A CB  1 
ATOM   170  C  CG  . LYS A 1 26  ? -16.887 -4.463  4.486   1.00 35.20 ? 26   LYS A CG  1 
ATOM   171  C  CD  . LYS A 1 26  ? -17.865 -5.043  5.487   1.00 39.08 ? 26   LYS A CD  1 
ATOM   172  C  CE  . LYS A 1 26  ? -19.231 -5.227  4.844   1.00 40.92 ? 26   LYS A CE  1 
ATOM   173  N  NZ  . LYS A 1 26  ? -20.194 -5.885  5.765   1.00 43.57 ? 26   LYS A NZ  1 
ATOM   174  N  N   . ASN A 1 27  ? -13.029 -2.499  5.367   1.00 24.22 ? 27   ASN A N   1 
ATOM   175  C  CA  . ASN A 1 27  ? -11.815 -2.130  6.078   1.00 22.33 ? 27   ASN A CA  1 
ATOM   176  C  C   . ASN A 1 27  ? -11.716 -2.991  7.332   1.00 22.10 ? 27   ASN A C   1 
ATOM   177  O  O   . ASN A 1 27  ? -12.728 -3.358  7.932   1.00 22.96 ? 27   ASN A O   1 
ATOM   178  C  CB  . ASN A 1 27  ? -11.841 -0.654  6.502   1.00 22.21 ? 27   ASN A CB  1 
ATOM   179  C  CG  . ASN A 1 27  ? -11.977 0.308   5.330   1.00 21.67 ? 27   ASN A CG  1 
ATOM   180  O  OD1 . ASN A 1 27  ? -11.383 0.112   4.270   1.00 21.14 ? 27   ASN A OD1 1 
ATOM   181  N  ND2 . ASN A 1 27  ? -12.748 1.372   5.532   1.00 21.52 ? 27   ASN A ND2 1 
ATOM   182  N  N   . LEU A 1 28  ? -10.493 -3.329  7.709   1.00 19.97 ? 28   LEU A N   1 
ATOM   183  C  CA  . LEU A 1 28  ? -10.234 -4.101  8.917   1.00 21.22 ? 28   LEU A CA  1 
ATOM   184  C  C   . LEU A 1 28  ? -9.174  -3.264  9.616   1.00 19.89 ? 28   LEU A C   1 
ATOM   185  O  O   . LEU A 1 28  ? -9.327  -2.047  9.724   1.00 19.53 ? 28   LEU A O   1 
ATOM   186  C  CB  . LEU A 1 28  ? -9.684  -5.490  8.573   1.00 23.16 ? 28   LEU A CB  1 
ATOM   187  C  CG  . LEU A 1 28  ? -10.646 -6.468  7.895   1.00 26.54 ? 28   LEU A CG  1 
ATOM   188  C  CD1 . LEU A 1 28  ? -9.930  -7.787  7.644   1.00 29.49 ? 28   LEU A CD1 1 
ATOM   189  C  CD2 . LEU A 1 28  ? -11.866 -6.691  8.777   1.00 27.86 ? 28   LEU A CD2 1 
ATOM   190  N  N   . VAL A 1 29  ? -8.102  -3.888  10.083  1.00 19.30 ? 29   VAL A N   1 
ATOM   191  C  CA  . VAL A 1 29  ? -7.041  -3.122  10.717  1.00 19.20 ? 29   VAL A CA  1 
ATOM   192  C  C   . VAL A 1 29  ? -6.442  -2.219  9.640   1.00 18.72 ? 29   VAL A C   1 
ATOM   193  O  O   . VAL A 1 29  ? -5.997  -1.105  9.918   1.00 17.93 ? 29   VAL A O   1 
ATOM   194  C  CB  . VAL A 1 29  ? -5.951  -4.050  11.297  1.00 20.17 ? 29   VAL A CB  1 
ATOM   195  C  CG1 . VAL A 1 29  ? -4.730  -3.241  11.698  1.00 23.20 ? 29   VAL A CG1 1 
ATOM   196  C  CG2 . VAL A 1 29  ? -6.508  -4.798  12.506  1.00 23.49 ? 29   VAL A CG2 1 
ATOM   197  N  N   . GLY A 1 30  ? -6.444  -2.722  8.408   1.00 18.51 ? 30   GLY A N   1 
ATOM   198  C  CA  . GLY A 1 30  ? -5.935  -1.969  7.274   1.00 17.63 ? 30   GLY A CA  1 
ATOM   199  C  C   . GLY A 1 30  ? -7.055  -1.698  6.279   1.00 16.75 ? 30   GLY A C   1 
ATOM   200  O  O   . GLY A 1 30  ? -8.094  -2.352  6.330   1.00 15.78 ? 30   GLY A O   1 
ATOM   201  N  N   . PRO A 1 31  ? -6.875  -0.747  5.351   1.00 16.66 ? 31   PRO A N   1 
ATOM   202  C  CA  . PRO A 1 31  ? -7.917  -0.437  4.368   1.00 16.71 ? 31   PRO A CA  1 
ATOM   203  C  C   . PRO A 1 31  ? -8.132  -1.507  3.306   1.00 17.35 ? 31   PRO A C   1 
ATOM   204  O  O   . PRO A 1 31  ? -7.223  -2.278  2.982   1.00 17.94 ? 31   PRO A O   1 
ATOM   205  C  CB  . PRO A 1 31  ? -7.442  0.885   3.768   1.00 18.24 ? 31   PRO A CB  1 
ATOM   206  C  CG  . PRO A 1 31  ? -5.947  0.766   3.842   1.00 15.32 ? 31   PRO A CG  1 
ATOM   207  C  CD  . PRO A 1 31  ? -5.728  0.169   5.215   1.00 15.65 ? 31   PRO A CD  1 
ATOM   208  N  N   . ALA A 1 32  ? -9.344  -1.554  2.760   1.00 18.21 ? 32   ALA A N   1 
ATOM   209  C  CA  . ALA A 1 32  ? -9.657  -2.519  1.713   1.00 17.88 ? 32   ALA A CA  1 
ATOM   210  C  C   . ALA A 1 32  ? -8.710  -2.227  0.557   1.00 17.52 ? 32   ALA A C   1 
ATOM   211  O  O   . ALA A 1 32  ? -8.380  -1.069  0.299   1.00 18.21 ? 32   ALA A O   1 
ATOM   212  C  CB  . ALA A 1 32  ? -11.114 -2.361  1.263   1.00 20.46 ? 32   ALA A CB  1 
ATOM   213  N  N   . LEU A 1 33  ? -8.264  -3.266  -0.140  1.00 16.68 ? 33   LEU A N   1 
ATOM   214  C  CA  . LEU A 1 33  ? -7.332  -3.057  -1.237  1.00 18.02 ? 33   LEU A CA  1 
ATOM   215  C  C   . LEU A 1 33  ? -7.929  -3.235  -2.623  1.00 17.81 ? 33   LEU A C   1 
ATOM   216  O  O   . LEU A 1 33  ? -7.211  -3.244  -3.624  1.00 17.50 ? 33   LEU A O   1 
ATOM   217  C  CB  . LEU A 1 33  ? -6.102  -3.953  -1.056  1.00 16.29 ? 33   LEU A CB  1 
ATOM   218  C  CG  . LEU A 1 33  ? -5.270  -3.599  0.184   1.00 18.21 ? 33   LEU A CG  1 
ATOM   219  C  CD1 . LEU A 1 33  ? -4.116  -4.585  0.320   1.00 18.52 ? 33   LEU A CD1 1 
ATOM   220  C  CD2 . LEU A 1 33  ? -4.742  -2.174  0.064   1.00 19.43 ? 33   LEU A CD2 1 
ATOM   221  N  N   . THR A 1 34  ? -9.248  -3.374  -2.690  1.00 19.34 ? 34   THR A N   1 
ATOM   222  C  CA  . THR A 1 34  ? -9.895  -3.492  -3.988  1.00 18.73 ? 34   THR A CA  1 
ATOM   223  C  C   . THR A 1 34  ? -9.768  -2.119  -4.652  1.00 18.41 ? 34   THR A C   1 
ATOM   224  O  O   . THR A 1 34  ? -10.088 -1.097  -4.042  1.00 18.11 ? 34   THR A O   1 
ATOM   225  C  CB  . THR A 1 34  ? -11.380 -3.849  -3.842  1.00 20.07 ? 34   THR A CB  1 
ATOM   226  O  OG1 . THR A 1 34  ? -11.503 -5.072  -3.109  1.00 21.43 ? 34   THR A OG1 1 
ATOM   227  C  CG2 . THR A 1 34  ? -12.021 -4.030  -5.211  1.00 21.19 ? 34   THR A CG2 1 
ATOM   228  N  N   . GLY A 1 35  ? -9.273  -2.098  -5.887  1.00 17.70 ? 35   GLY A N   1 
ATOM   229  C  CA  . GLY A 1 35  ? -9.118  -0.847  -6.610  1.00 19.76 ? 35   GLY A CA  1 
ATOM   230  C  C   . GLY A 1 35  ? -7.994  0.047   -6.112  1.00 20.43 ? 35   GLY A C   1 
ATOM   231  O  O   . GLY A 1 35  ? -7.994  1.257   -6.362  1.00 20.81 ? 35   GLY A O   1 
ATOM   232  N  N   . VAL A 1 36  ? -7.026  -0.539  -5.416  1.00 19.26 ? 36   VAL A N   1 
ATOM   233  C  CA  . VAL A 1 36  ? -5.912  0.243   -4.885  1.00 20.10 ? 36   VAL A CA  1 
ATOM   234  C  C   . VAL A 1 36  ? -4.922  0.685   -5.971  1.00 21.98 ? 36   VAL A C   1 
ATOM   235  O  O   . VAL A 1 36  ? -4.236  1.693   -5.817  1.00 19.92 ? 36   VAL A O   1 
ATOM   236  C  CB  . VAL A 1 36  ? -5.164  -0.545  -3.772  1.00 19.95 ? 36   VAL A CB  1 
ATOM   237  C  CG1 . VAL A 1 36  ? -4.454  -1.761  -4.369  1.00 20.05 ? 36   VAL A CG1 1 
ATOM   238  C  CG2 . VAL A 1 36  ? -4.180  0.371   -3.052  1.00 19.09 ? 36   VAL A CG2 1 
ATOM   239  N  N   . ILE A 1 37  ? -4.851  -0.052  -7.076  1.00 22.98 ? 37   ILE A N   1 
ATOM   240  C  CA  . ILE A 1 37  ? -3.921  0.318   -8.142  1.00 24.17 ? 37   ILE A CA  1 
ATOM   241  C  C   . ILE A 1 37  ? -4.229  1.698   -8.722  1.00 25.67 ? 37   ILE A C   1 
ATOM   242  O  O   . ILE A 1 37  ? -5.343  1.968   -9.190  1.00 25.97 ? 37   ILE A O   1 
ATOM   243  C  CB  . ILE A 1 37  ? -3.929  -0.718  -9.283  1.00 25.69 ? 37   ILE A CB  1 
ATOM   244  C  CG1 . ILE A 1 37  ? -3.676  -2.118  -8.721  1.00 25.53 ? 37   ILE A CG1 1 
ATOM   245  C  CG2 . ILE A 1 37  ? -2.866  -0.358  -10.317 1.00 25.98 ? 37   ILE A CG2 1 
ATOM   246  C  CD1 . ILE A 1 37  ? -2.317  -2.300  -8.071  1.00 26.40 ? 37   ILE A CD1 1 
ATOM   247  N  N   . ASP A 1 38  ? -3.222  2.566   -8.681  1.00 25.75 ? 38   ASP A N   1 
ATOM   248  C  CA  . ASP A 1 38  ? -3.315  3.938   -9.174  1.00 26.66 ? 38   ASP A CA  1 
ATOM   249  C  C   . ASP A 1 38  ? -4.191  4.829   -8.289  1.00 25.10 ? 38   ASP A C   1 
ATOM   250  O  O   . ASP A 1 38  ? -4.482  5.972   -8.640  1.00 26.18 ? 38   ASP A O   1 
ATOM   251  C  CB  . ASP A 1 38  ? -3.843  3.958   -10.610 1.00 32.23 ? 38   ASP A CB  1 
ATOM   252  C  CG  . ASP A 1 38  ? -3.768  5.335   -11.232 1.00 37.59 ? 38   ASP A CG  1 
ATOM   253  O  OD1 . ASP A 1 38  ? -2.650  5.890   -11.320 1.00 39.46 ? 38   ASP A OD1 1 
ATOM   254  O  OD2 . ASP A 1 38  ? -4.826  5.866   -11.629 1.00 41.74 ? 38   ASP A OD2 1 
ATOM   255  N  N   . ARG A 1 39  ? -4.606  4.301   -7.143  1.00 23.15 ? 39   ARG A N   1 
ATOM   256  C  CA  . ARG A 1 39  ? -5.438  5.053   -6.203  1.00 22.13 ? 39   ARG A CA  1 
ATOM   257  C  C   . ARG A 1 39  ? -4.540  5.974   -5.377  1.00 21.64 ? 39   ARG A C   1 
ATOM   258  O  O   . ARG A 1 39  ? -3.432  5.587   -5.001  1.00 19.26 ? 39   ARG A O   1 
ATOM   259  C  CB  . ARG A 1 39  ? -6.180  4.083   -5.269  1.00 22.52 ? 39   ARG A CB  1 
ATOM   260  C  CG  . ARG A 1 39  ? -7.202  4.736   -4.333  1.00 23.03 ? 39   ARG A CG  1 
ATOM   261  C  CD  . ARG A 1 39  ? -8.020  3.688   -3.569  1.00 22.21 ? 39   ARG A CD  1 
ATOM   262  N  NE  . ARG A 1 39  ? -7.313  3.122   -2.418  1.00 22.39 ? 39   ARG A NE  1 
ATOM   263  C  CZ  . ARG A 1 39  ? -7.656  1.983   -1.817  1.00 24.72 ? 39   ARG A CZ  1 
ATOM   264  N  NH1 . ARG A 1 39  ? -8.692  1.286   -2.264  1.00 25.23 ? 39   ARG A NH1 1 
ATOM   265  N  NH2 . ARG A 1 39  ? -6.976  1.543   -0.765  1.00 22.75 ? 39   ARG A NH2 1 
ATOM   266  N  N   . GLN A 1 40  ? -5.002  7.193   -5.106  1.00 18.98 ? 40   GLN A N   1 
ATOM   267  C  CA  . GLN A 1 40  ? -4.212  8.122   -4.297  1.00 19.29 ? 40   GLN A CA  1 
ATOM   268  C  C   . GLN A 1 40  ? -4.077  7.517   -2.901  1.00 17.36 ? 40   GLN A C   1 
ATOM   269  O  O   . GLN A 1 40  ? -5.051  7.003   -2.349  1.00 18.38 ? 40   GLN A O   1 
ATOM   270  C  CB  . GLN A 1 40  ? -4.905  9.480   -4.190  1.00 19.03 ? 40   GLN A CB  1 
ATOM   271  C  CG  . GLN A 1 40  ? -4.133  10.496  -3.348  1.00 20.95 ? 40   GLN A CG  1 
ATOM   272  C  CD  . GLN A 1 40  ? -4.885  11.802  -3.177  1.00 23.42 ? 40   GLN A CD  1 
ATOM   273  O  OE1 . GLN A 1 40  ? -5.352  12.388  -4.149  1.00 26.93 ? 40   GLN A OE1 1 
ATOM   274  N  NE2 . GLN A 1 40  ? -5.001  12.266  -1.937  1.00 27.14 ? 40   GLN A NE2 1 
ATOM   275  N  N   . ALA A 1 41  ? -2.877  7.572   -2.332  1.00 15.86 ? 41   ALA A N   1 
ATOM   276  C  CA  . ALA A 1 41  ? -2.663  7.011   -1.002  1.00 15.00 ? 41   ALA A CA  1 
ATOM   277  C  C   . ALA A 1 41  ? -3.525  7.728   0.031   1.00 15.71 ? 41   ALA A C   1 
ATOM   278  O  O   . ALA A 1 41  ? -3.730  8.938   -0.054  1.00 16.93 ? 41   ALA A O   1 
ATOM   279  C  CB  . ALA A 1 41  ? -1.178  7.116   -0.611  1.00 15.77 ? 41   ALA A CB  1 
ATOM   280  N  N   . GLY A 1 42  ? -4.048  6.967   0.990   1.00 14.69 ? 42   GLY A N   1 
ATOM   281  C  CA  . GLY A 1 42  ? -4.855  7.539   2.056   1.00 16.49 ? 42   GLY A CA  1 
ATOM   282  C  C   . GLY A 1 42  ? -6.236  8.055   1.705   1.00 18.29 ? 42   GLY A C   1 
ATOM   283  O  O   . GLY A 1 42  ? -6.704  9.022   2.312   1.00 19.49 ? 42   GLY A O   1 
ATOM   284  N  N   . THR A 1 43  ? -6.907  7.413   0.755   1.00 18.40 ? 43   THR A N   1 
ATOM   285  C  CA  . THR A 1 43  ? -8.240  7.862   0.358   1.00 19.44 ? 43   THR A CA  1 
ATOM   286  C  C   . THR A 1 43  ? -9.322  6.792   0.385   1.00 20.47 ? 43   THR A C   1 
ATOM   287  O  O   . THR A 1 43  ? -10.442 7.041   -0.068  1.00 22.32 ? 43   THR A O   1 
ATOM   288  C  CB  . THR A 1 43  ? -8.234  8.481   -1.050  1.00 19.31 ? 43   THR A CB  1 
ATOM   289  O  OG1 . THR A 1 43  ? -7.801  7.502   -2.002  1.00 20.84 ? 43   THR A OG1 1 
ATOM   290  C  CG2 . THR A 1 43  ? -7.314  9.692   -1.098  1.00 20.11 ? 43   THR A CG2 1 
ATOM   291  N  N   . ALA A 1 44  ? -9.003  5.606   0.892   1.00 19.66 ? 44   ALA A N   1 
ATOM   292  C  CA  . ALA A 1 44  ? -10.010 4.549   0.961   1.00 20.08 ? 44   ALA A CA  1 
ATOM   293  C  C   . ALA A 1 44  ? -11.132 5.053   1.866   1.00 20.30 ? 44   ALA A C   1 
ATOM   294  O  O   . ALA A 1 44  ? -10.888 5.515   2.977   1.00 19.14 ? 44   ALA A O   1 
ATOM   295  C  CB  . ALA A 1 44  ? -9.407  3.266   1.527   1.00 21.51 ? 44   ALA A CB  1 
ATOM   296  N  N   . PRO A 1 45  ? -12.384 4.971   1.394   1.00 21.73 ? 45   PRO A N   1 
ATOM   297  C  CA  . PRO A 1 45  ? -13.542 5.425   2.166   1.00 22.68 ? 45   PRO A CA  1 
ATOM   298  C  C   . PRO A 1 45  ? -13.630 4.851   3.580   1.00 21.67 ? 45   PRO A C   1 
ATOM   299  O  O   . PRO A 1 45  ? -13.404 3.660   3.795   1.00 23.26 ? 45   PRO A O   1 
ATOM   300  C  CB  . PRO A 1 45  ? -14.721 4.985   1.302   1.00 23.80 ? 45   PRO A CB  1 
ATOM   301  C  CG  . PRO A 1 45  ? -14.162 5.046   -0.081  1.00 25.37 ? 45   PRO A CG  1 
ATOM   302  C  CD  . PRO A 1 45  ? -12.802 4.436   0.087   1.00 22.97 ? 45   PRO A CD  1 
ATOM   303  N  N   . GLY A 1 46  ? -13.948 5.720   4.534   1.00 21.51 ? 46   GLY A N   1 
ATOM   304  C  CA  . GLY A 1 46  ? -14.120 5.309   5.917   1.00 21.83 ? 46   GLY A CA  1 
ATOM   305  C  C   . GLY A 1 46  ? -12.934 4.828   6.732   1.00 22.35 ? 46   GLY A C   1 
ATOM   306  O  O   . GLY A 1 46  ? -13.096 4.493   7.904   1.00 23.80 ? 46   GLY A O   1 
ATOM   307  N  N   . PHE A 1 47  ? -11.746 4.782   6.147   1.00 20.77 ? 47   PHE A N   1 
ATOM   308  C  CA  . PHE A 1 47  ? -10.596 4.320   6.909   1.00 19.85 ? 47   PHE A CA  1 
ATOM   309  C  C   . PHE A 1 47  ? -9.854  5.486   7.546   1.00 19.55 ? 47   PHE A C   1 
ATOM   310  O  O   . PHE A 1 47  ? -9.714  6.544   6.936   1.00 20.02 ? 47   PHE A O   1 
ATOM   311  C  CB  . PHE A 1 47  ? -9.630  3.536   6.021   1.00 18.43 ? 47   PHE A CB  1 
ATOM   312  C  CG  . PHE A 1 47  ? -8.507  2.906   6.784   1.00 17.93 ? 47   PHE A CG  1 
ATOM   313  C  CD1 . PHE A 1 47  ? -8.707  1.726   7.494   1.00 16.52 ? 47   PHE A CD1 1 
ATOM   314  C  CD2 . PHE A 1 47  ? -7.262  3.527   6.846   1.00 16.52 ? 47   PHE A CD2 1 
ATOM   315  C  CE1 . PHE A 1 47  ? -7.683  1.171   8.263   1.00 18.23 ? 47   PHE A CE1 1 
ATOM   316  C  CE2 . PHE A 1 47  ? -6.231  2.984   7.610   1.00 16.38 ? 47   PHE A CE2 1 
ATOM   317  C  CZ  . PHE A 1 47  ? -6.439  1.806   8.322   1.00 16.96 ? 47   PHE A CZ  1 
ATOM   318  N  N   . ASN A 1 48  ? -9.385  5.292   8.777   1.00 18.82 ? 48   ASN A N   1 
ATOM   319  C  CA  . ASN A 1 48  ? -8.645  6.341   9.470   1.00 19.93 ? 48   ASN A CA  1 
ATOM   320  C  C   . ASN A 1 48  ? -7.146  6.100   9.368   1.00 18.67 ? 48   ASN A C   1 
ATOM   321  O  O   . ASN A 1 48  ? -6.566  5.292   10.098  1.00 17.15 ? 48   ASN A O   1 
ATOM   322  C  CB  . ASN A 1 48  ? -9.078  6.435   10.934  1.00 23.13 ? 48   ASN A CB  1 
ATOM   323  C  CG  . ASN A 1 48  ? -10.446 7.062   11.089  1.00 25.31 ? 48   ASN A CG  1 
ATOM   324  O  OD1 . ASN A 1 48  ? -10.745 8.082   10.461  1.00 26.38 ? 48   ASN A OD1 1 
ATOM   325  N  ND2 . ASN A 1 48  ? -11.282 6.468   11.932  1.00 29.46 ? 48   ASN A ND2 1 
ATOM   326  N  N   . TYR A 1 49  ? -6.539  6.822   8.432   1.00 17.66 ? 49   TYR A N   1 
ATOM   327  C  CA  . TYR A 1 49  ? -5.116  6.742   8.138   1.00 17.19 ? 49   TYR A CA  1 
ATOM   328  C  C   . TYR A 1 49  ? -4.220  7.502   9.103   1.00 16.92 ? 49   TYR A C   1 
ATOM   329  O  O   . TYR A 1 49  ? -4.670  8.392   9.822   1.00 18.14 ? 49   TYR A O   1 
ATOM   330  C  CB  . TYR A 1 49  ? -4.864  7.301   6.741   1.00 15.62 ? 49   TYR A CB  1 
ATOM   331  C  CG  . TYR A 1 49  ? -5.383  6.439   5.622   1.00 16.45 ? 49   TYR A CG  1 
ATOM   332  C  CD1 . TYR A 1 49  ? -4.613  5.395   5.108   1.00 15.85 ? 49   TYR A CD1 1 
ATOM   333  C  CD2 . TYR A 1 49  ? -6.635  6.680   5.059   1.00 15.90 ? 49   TYR A CD2 1 
ATOM   334  C  CE1 . TYR A 1 49  ? -5.077  4.616   4.045   1.00 16.02 ? 49   TYR A CE1 1 
ATOM   335  C  CE2 . TYR A 1 49  ? -7.109  5.909   4.005   1.00 16.60 ? 49   TYR A CE2 1 
ATOM   336  C  CZ  . TYR A 1 49  ? -6.325  4.886   3.499   1.00 16.56 ? 49   TYR A CZ  1 
ATOM   337  O  OH  . TYR A 1 49  ? -6.772  4.172   2.417   1.00 18.15 ? 49   TYR A OH  1 
ATOM   338  N  N   . SER A 1 50  ? -2.940  7.148   9.096   1.00 15.88 ? 50   SER A N   1 
ATOM   339  C  CA  . SER A 1 50  ? -1.953  7.837   9.914   1.00 15.43 ? 50   SER A CA  1 
ATOM   340  C  C   . SER A 1 50  ? -1.730  9.170   9.203   1.00 16.16 ? 50   SER A C   1 
ATOM   341  O  O   . SER A 1 50  ? -2.062  9.313   8.023   1.00 16.37 ? 50   SER A O   1 
ATOM   342  C  CB  . SER A 1 50  ? -0.639  7.062   9.935   1.00 16.87 ? 50   SER A CB  1 
ATOM   343  O  OG  . SER A 1 50  ? -0.092  6.994   8.628   1.00 16.56 ? 50   SER A OG  1 
ATOM   344  N  N   . ALA A 1 51  ? -1.166  10.143  9.908   1.00 14.70 ? 51   ALA A N   1 
ATOM   345  C  CA  . ALA A 1 51  ? -0.908  11.436  9.300   1.00 16.04 ? 51   ALA A CA  1 
ATOM   346  C  C   . ALA A 1 51  ? 0.059   11.294  8.125   1.00 15.17 ? 51   ALA A C   1 
ATOM   347  O  O   . ALA A 1 51  ? -0.109  11.940  7.098   1.00 14.66 ? 51   ALA A O   1 
ATOM   348  C  CB  . ALA A 1 51  ? -0.335  12.392  10.334  1.00 17.27 ? 51   ALA A CB  1 
ATOM   349  N  N   . ILE A 1 52  ? 1.068   10.441  8.279   1.00 16.11 ? 52   ILE A N   1 
ATOM   350  C  CA  . ILE A 1 52  ? 2.056   10.260  7.223   1.00 17.23 ? 52   ILE A CA  1 
ATOM   351  C  C   . ILE A 1 52  ? 1.507   9.606   5.946   1.00 17.26 ? 52   ILE A C   1 
ATOM   352  O  O   . ILE A 1 52  ? 1.875   10.008  4.843   1.00 17.96 ? 52   ILE A O   1 
ATOM   353  C  CB  . ILE A 1 52  ? 3.299   9.485   7.770   1.00 18.64 ? 52   ILE A CB  1 
ATOM   354  C  CG1 . ILE A 1 52  ? 4.507   9.709   6.855   1.00 21.59 ? 52   ILE A CG1 1 
ATOM   355  C  CG2 . ILE A 1 52  ? 2.972   8.016   7.960   1.00 19.47 ? 52   ILE A CG2 1 
ATOM   356  C  CD1 . ILE A 1 52  ? 4.422   9.053   5.519   1.00 28.14 ? 52   ILE A CD1 1 
ATOM   357  N  N   . ASN A 1 53  ? 0.626   8.617   6.080   1.00 16.44 ? 53   ASN A N   1 
ATOM   358  C  CA  . ASN A 1 53  ? 0.045   7.963   4.908   1.00 16.08 ? 53   ASN A CA  1 
ATOM   359  C  C   . ASN A 1 53  ? -0.873  8.973   4.203   1.00 14.84 ? 53   ASN A C   1 
ATOM   360  O  O   . ASN A 1 53  ? -0.892  9.060   2.979   1.00 15.41 ? 53   ASN A O   1 
ATOM   361  C  CB  . ASN A 1 53  ? -0.754  6.725   5.335   1.00 17.09 ? 53   ASN A CB  1 
ATOM   362  C  CG  . ASN A 1 53  ? -1.120  5.827   4.163   1.00 21.17 ? 53   ASN A CG  1 
ATOM   363  O  OD1 . ASN A 1 53  ? -1.543  6.300   3.112   1.00 24.23 ? 53   ASN A OD1 1 
ATOM   364  N  ND2 . ASN A 1 53  ? -0.975  4.524   4.352   1.00 21.52 ? 53   ASN A ND2 1 
ATOM   365  N  N   . HIS A 1 54  ? -1.623  9.741   4.987   1.00 13.67 ? 54   HIS A N   1 
ATOM   366  C  CA  . HIS A 1 54  ? -2.520  10.756  4.435   1.00 15.57 ? 54   HIS A CA  1 
ATOM   367  C  C   . HIS A 1 54  ? -1.717  11.846  3.721   1.00 15.35 ? 54   HIS A C   1 
ATOM   368  O  O   . HIS A 1 54  ? -2.043  12.241  2.601   1.00 16.24 ? 54   HIS A O   1 
ATOM   369  C  CB  . HIS A 1 54  ? -3.366  11.366  5.563   1.00 16.94 ? 54   HIS A CB  1 
ATOM   370  C  CG  . HIS A 1 54  ? -4.154  12.572  5.151   1.00 19.48 ? 54   HIS A CG  1 
ATOM   371  N  ND1 . HIS A 1 54  ? -3.678  13.856  5.300   1.00 21.54 ? 54   HIS A ND1 1 
ATOM   372  C  CD2 . HIS A 1 54  ? -5.371  12.688  4.571   1.00 20.31 ? 54   HIS A CD2 1 
ATOM   373  C  CE1 . HIS A 1 54  ? -4.566  14.712  4.827   1.00 21.24 ? 54   HIS A CE1 1 
ATOM   374  N  NE2 . HIS A 1 54  ? -5.603  14.028  4.378   1.00 21.30 ? 54   HIS A NE2 1 
ATOM   375  N  N   . ALA A 1 55  ? -0.652  12.314  4.369   1.00 15.85 ? 55   ALA A N   1 
ATOM   376  C  CA  . ALA A 1 55  ? 0.198   13.362  3.808   1.00 15.11 ? 55   ALA A CA  1 
ATOM   377  C  C   . ALA A 1 55  ? 0.849   12.942  2.494   1.00 15.44 ? 55   ALA A C   1 
ATOM   378  O  O   . ALA A 1 55  ? 0.971   13.751  1.574   1.00 15.20 ? 55   ALA A O   1 
ATOM   379  C  CB  . ALA A 1 55  ? 1.278   13.748  4.809   1.00 16.40 ? 55   ALA A CB  1 
ATOM   380  N  N   . ALA A 1 56  ? 1.272   11.684  2.409   1.00 15.32 ? 56   ALA A N   1 
ATOM   381  C  CA  . ALA A 1 56  ? 1.913   11.190  1.195   1.00 15.05 ? 56   ALA A CA  1 
ATOM   382  C  C   . ALA A 1 56  ? 0.965   11.281  -0.002  1.00 16.75 ? 56   ALA A C   1 
ATOM   383  O  O   . ALA A 1 56  ? 1.374   11.662  -1.095  1.00 16.01 ? 56   ALA A O   1 
ATOM   384  C  CB  . ALA A 1 56  ? 2.381   9.751   1.394   1.00 17.34 ? 56   ALA A CB  1 
ATOM   385  N  N   . GLY A 1 57  ? -0.301  10.931  0.209   1.00 16.54 ? 57   GLY A N   1 
ATOM   386  C  CA  . GLY A 1 57  ? -1.272  10.995  -0.866  1.00 16.76 ? 57   GLY A CA  1 
ATOM   387  C  C   . GLY A 1 57  ? -1.491  12.428  -1.317  1.00 18.18 ? 57   GLY A C   1 
ATOM   388  O  O   . GLY A 1 57  ? -1.533  12.706  -2.516  1.00 18.24 ? 57   GLY A O   1 
ATOM   389  N  N   . GLU A 1 58  ? -1.628  13.339  -0.356  1.00 17.97 ? 58   GLU A N   1 
ATOM   390  C  CA  . GLU A 1 58  ? -1.836  14.754  -0.664  1.00 20.47 ? 58   GLU A CA  1 
ATOM   391  C  C   . GLU A 1 58  ? -0.633  15.321  -1.411  1.00 21.62 ? 58   GLU A C   1 
ATOM   392  O  O   . GLU A 1 58  ? -0.766  16.263  -2.200  1.00 22.48 ? 58   GLU A O   1 
ATOM   393  C  CB  . GLU A 1 58  ? -2.055  15.555  0.623   1.00 23.79 ? 58   GLU A CB  1 
ATOM   394  C  CG  . GLU A 1 58  ? -3.352  15.235  1.346   1.00 30.61 ? 58   GLU A CG  1 
ATOM   395  C  CD  . GLU A 1 58  ? -4.573  15.812  0.652   1.00 34.51 ? 58   GLU A CD  1 
ATOM   396  O  OE1 . GLU A 1 58  ? -5.699  15.562  1.127   1.00 38.52 ? 58   GLU A OE1 1 
ATOM   397  O  OE2 . GLU A 1 58  ? -4.410  16.518  -0.366  1.00 38.50 ? 58   GLU A OE2 1 
ATOM   398  N  N   . ALA A 1 59  ? 0.541   14.748  -1.155  1.00 20.42 ? 59   ALA A N   1 
ATOM   399  C  CA  . ALA A 1 59  ? 1.772   15.185  -1.804  1.00 18.71 ? 59   ALA A CA  1 
ATOM   400  C  C   . ALA A 1 59  ? 1.924   14.560  -3.191  1.00 20.10 ? 59   ALA A C   1 
ATOM   401  O  O   . ALA A 1 59  ? 2.932   14.777  -3.868  1.00 20.72 ? 59   ALA A O   1 
ATOM   402  C  CB  . ALA A 1 59  ? 2.977   14.840  -0.936  1.00 21.01 ? 59   ALA A CB  1 
ATOM   403  N  N   . GLY A 1 60  ? 0.933   13.770  -3.603  1.00 18.01 ? 60   GLY A N   1 
ATOM   404  C  CA  . GLY A 1 60  ? 0.969   13.174  -4.930  1.00 18.11 ? 60   GLY A CA  1 
ATOM   405  C  C   . GLY A 1 60  ? 1.167   11.677  -5.056  1.00 19.02 ? 60   GLY A C   1 
ATOM   406  O  O   . GLY A 1 60  ? 1.213   11.150  -6.174  1.00 20.29 ? 60   GLY A O   1 
ATOM   407  N  N   . LEU A 1 61  ? 1.273   10.970  -3.938  1.00 16.64 ? 61   LEU A N   1 
ATOM   408  C  CA  . LEU A 1 61  ? 1.490   9.531   -4.015  1.00 15.97 ? 61   LEU A CA  1 
ATOM   409  C  C   . LEU A 1 61  ? 0.263   8.732   -4.453  1.00 16.51 ? 61   LEU A C   1 
ATOM   410  O  O   . LEU A 1 61  ? -0.797  8.792   -3.823  1.00 17.28 ? 61   LEU A O   1 
ATOM   411  C  CB  . LEU A 1 61  ? 1.995   8.994   -2.670  1.00 15.64 ? 61   LEU A CB  1 
ATOM   412  C  CG  . LEU A 1 61  ? 2.243   7.481   -2.618  1.00 16.58 ? 61   LEU A CG  1 
ATOM   413  C  CD1 . LEU A 1 61  ? 3.306   7.079   -3.643  1.00 18.06 ? 61   LEU A CD1 1 
ATOM   414  C  CD2 . LEU A 1 61  ? 2.669   7.091   -1.206  1.00 17.39 ? 61   LEU A CD2 1 
ATOM   415  N  N   . HIS A 1 62  ? 0.419   7.997   -5.549  1.00 15.74 ? 62   HIS A N   1 
ATOM   416  C  CA  . HIS A 1 62  ? -0.631  7.132   -6.079  1.00 17.23 ? 62   HIS A CA  1 
ATOM   417  C  C   . HIS A 1 62  ? -0.005  5.748   -6.100  1.00 17.11 ? 62   HIS A C   1 
ATOM   418  O  O   . HIS A 1 62  ? 1.196   5.613   -6.358  1.00 17.95 ? 62   HIS A O   1 
ATOM   419  C  CB  . HIS A 1 62  ? -1.031  7.590   -7.482  1.00 18.29 ? 62   HIS A CB  1 
ATOM   420  C  CG  . HIS A 1 62  ? -1.742  8.906   -7.488  1.00 19.80 ? 62   HIS A CG  1 
ATOM   421  N  ND1 . HIS A 1 62  ? -3.111  9.013   -7.606  1.00 22.20 ? 62   HIS A ND1 1 
ATOM   422  C  CD2 . HIS A 1 62  ? -1.280  10.164  -7.306  1.00 20.91 ? 62   HIS A CD2 1 
ATOM   423  C  CE1 . HIS A 1 62  ? -3.462  10.284  -7.491  1.00 19.22 ? 62   HIS A CE1 1 
ATOM   424  N  NE2 . HIS A 1 62  ? -2.369  11.002  -7.308  1.00 22.73 ? 62   HIS A NE2 1 
ATOM   425  N  N   . TRP A 1 63  ? -0.803  4.723   -5.816  1.00 15.40 ? 63   TRP A N   1 
ATOM   426  C  CA  . TRP A 1 63  ? -0.266  3.372   -5.774  1.00 17.27 ? 63   TRP A CA  1 
ATOM   427  C  C   . TRP A 1 63  ? -0.109  2.655   -7.105  1.00 18.02 ? 63   TRP A C   1 
ATOM   428  O  O   . TRP A 1 63  ? -0.837  1.702   -7.411  1.00 19.58 ? 63   TRP A O   1 
ATOM   429  C  CB  . TRP A 1 63  ? -1.082  2.513   -4.808  1.00 17.37 ? 63   TRP A CB  1 
ATOM   430  C  CG  . TRP A 1 63  ? -0.912  2.948   -3.382  1.00 15.08 ? 63   TRP A CG  1 
ATOM   431  C  CD1 . TRP A 1 63  ? -1.885  3.398   -2.541  1.00 16.10 ? 63   TRP A CD1 1 
ATOM   432  C  CD2 . TRP A 1 63  ? 0.319   3.011   -2.648  1.00 15.38 ? 63   TRP A CD2 1 
ATOM   433  N  NE1 . TRP A 1 63  ? -1.338  3.742   -1.326  1.00 14.68 ? 63   TRP A NE1 1 
ATOM   434  C  CE2 . TRP A 1 63  ? 0.012   3.512   -1.363  1.00 14.65 ? 63   TRP A CE2 1 
ATOM   435  C  CE3 . TRP A 1 63  ? 1.651   2.693   -2.953  1.00 15.71 ? 63   TRP A CE3 1 
ATOM   436  C  CZ2 . TRP A 1 63  ? 0.991   3.707   -0.377  1.00 14.71 ? 63   TRP A CZ2 1 
ATOM   437  C  CZ3 . TRP A 1 63  ? 2.630   2.887   -1.972  1.00 16.57 ? 63   TRP A CZ3 1 
ATOM   438  C  CH2 . TRP A 1 63  ? 2.290   3.390   -0.698  1.00 15.69 ? 63   TRP A CH2 1 
ATOM   439  N  N   . THR A 1 64  ? 0.846   3.123   -7.896  1.00 18.64 ? 64   THR A N   1 
ATOM   440  C  CA  . THR A 1 64  ? 1.148   2.487   -9.167  1.00 20.04 ? 64   THR A CA  1 
ATOM   441  C  C   . THR A 1 64  ? 1.810   1.162   -8.786  1.00 20.94 ? 64   THR A C   1 
ATOM   442  O  O   . THR A 1 64  ? 2.312   1.009   -7.672  1.00 20.60 ? 64   THR A O   1 
ATOM   443  C  CB  . THR A 1 64  ? 2.147   3.312   -9.982  1.00 21.42 ? 64   THR A CB  1 
ATOM   444  O  OG1 . THR A 1 64  ? 3.349   3.492   -9.220  1.00 21.62 ? 64   THR A OG1 1 
ATOM   445  C  CG2 . THR A 1 64  ? 1.558   4.670   -10.323 1.00 22.30 ? 64   THR A CG2 1 
ATOM   446  N  N   . PRO A 1 65  ? 1.810   0.180   -9.695  1.00 21.71 ? 65   PRO A N   1 
ATOM   447  C  CA  . PRO A 1 65  ? 2.447   -1.090  -9.330  1.00 22.44 ? 65   PRO A CA  1 
ATOM   448  C  C   . PRO A 1 65  ? 3.893   -0.921  -8.861  1.00 22.00 ? 65   PRO A C   1 
ATOM   449  O  O   . PRO A 1 65  ? 4.327   -1.584  -7.909  1.00 21.16 ? 65   PRO A O   1 
ATOM   450  C  CB  . PRO A 1 65  ? 2.324   -1.921  -10.610 1.00 24.20 ? 65   PRO A CB  1 
ATOM   451  C  CG  . PRO A 1 65  ? 2.184   -0.884  -11.702 1.00 26.52 ? 65   PRO A CG  1 
ATOM   452  C  CD  . PRO A 1 65  ? 1.279   0.134   -11.066 1.00 22.88 ? 65   PRO A CD  1 
ATOM   453  N  N   . GLU A 1 66  ? 4.629   -0.028  -9.517  1.00 21.77 ? 66   GLU A N   1 
ATOM   454  C  CA  . GLU A 1 66  ? 6.028   0.229   -9.171  1.00 23.42 ? 66   GLU A CA  1 
ATOM   455  C  C   . GLU A 1 66  ? 6.169   0.770   -7.754  1.00 22.29 ? 66   GLU A C   1 
ATOM   456  O  O   . GLU A 1 66  ? 7.073   0.374   -7.015  1.00 21.33 ? 66   GLU A O   1 
ATOM   457  C  CB  . GLU A 1 66  ? 6.653   1.235   -10.146 1.00 27.06 ? 66   GLU A CB  1 
ATOM   458  C  CG  . GLU A 1 66  ? 6.833   0.727   -11.571 1.00 33.05 ? 66   GLU A CG  1 
ATOM   459  C  CD  . GLU A 1 66  ? 5.522   0.349   -12.236 1.00 36.41 ? 66   GLU A CD  1 
ATOM   460  O  OE1 . GLU A 1 66  ? 4.598   1.193   -12.267 1.00 36.26 ? 66   GLU A OE1 1 
ATOM   461  O  OE2 . GLU A 1 66  ? 5.420   -0.794  -12.735 1.00 40.64 ? 66   GLU A OE2 1 
ATOM   462  N  N   . ASN A 1 67  ? 5.285   1.691   -7.385  1.00 19.18 ? 67   ASN A N   1 
ATOM   463  C  CA  . ASN A 1 67  ? 5.323   2.272   -6.051  1.00 19.00 ? 67   ASN A CA  1 
ATOM   464  C  C   . ASN A 1 67  ? 5.006   1.250   -4.965  1.00 19.24 ? 67   ASN A C   1 
ATOM   465  O  O   . ASN A 1 67  ? 5.620   1.271   -3.900  1.00 19.77 ? 67   ASN A O   1 
ATOM   466  C  CB  . ASN A 1 67  ? 4.363   3.458   -5.951  1.00 18.42 ? 67   ASN A CB  1 
ATOM   467  C  CG  . ASN A 1 67  ? 4.936   4.720   -6.568  1.00 20.08 ? 67   ASN A CG  1 
ATOM   468  O  OD1 . ASN A 1 67  ? 6.149   4.844   -6.733  1.00 21.88 ? 67   ASN A OD1 1 
ATOM   469  N  ND2 . ASN A 1 67  ? 4.069   5.668   -6.900  1.00 20.89 ? 67   ASN A ND2 1 
ATOM   470  N  N   . ILE A 1 68  ? 4.064   0.349   -5.228  1.00 18.67 ? 68   ILE A N   1 
ATOM   471  C  CA  . ILE A 1 68  ? 3.721   -0.661  -4.229  1.00 19.46 ? 68   ILE A CA  1 
ATOM   472  C  C   . ILE A 1 68  ? 4.918   -1.588  -4.032  1.00 20.14 ? 68   ILE A C   1 
ATOM   473  O  O   . ILE A 1 68  ? 5.260   -1.956  -2.905  1.00 18.08 ? 68   ILE A O   1 
ATOM   474  C  CB  . ILE A 1 68  ? 2.486   -1.483  -4.655  1.00 19.44 ? 68   ILE A CB  1 
ATOM   475  C  CG1 . ILE A 1 68  ? 1.289   -0.551  -4.862  1.00 19.89 ? 68   ILE A CG1 1 
ATOM   476  C  CG2 . ILE A 1 68  ? 2.164   -2.525  -3.587  1.00 21.66 ? 68   ILE A CG2 1 
ATOM   477  C  CD1 . ILE A 1 68  ? 0.022   -1.263  -5.306  1.00 20.89 ? 68   ILE A CD1 1 
ATOM   478  N  N   . ILE A 1 69  ? 5.563   -1.958  -5.134  1.00 19.55 ? 69   ILE A N   1 
ATOM   479  C  CA  . ILE A 1 69  ? 6.731   -2.830  -5.071  1.00 21.14 ? 69   ILE A CA  1 
ATOM   480  C  C   . ILE A 1 69  ? 7.856   -2.208  -4.245  1.00 20.02 ? 69   ILE A C   1 
ATOM   481  O  O   . ILE A 1 69  ? 8.502   -2.892  -3.455  1.00 19.06 ? 69   ILE A O   1 
ATOM   482  C  CB  . ILE A 1 69  ? 7.267   -3.141  -6.494  1.00 23.45 ? 69   ILE A CB  1 
ATOM   483  C  CG1 . ILE A 1 69  ? 6.268   -4.023  -7.244  1.00 26.57 ? 69   ILE A CG1 1 
ATOM   484  C  CG2 . ILE A 1 69  ? 8.630   -3.822  -6.410  1.00 25.90 ? 69   ILE A CG2 1 
ATOM   485  C  CD1 . ILE A 1 69  ? 6.109   -5.407  -6.655  1.00 30.04 ? 69   ILE A CD1 1 
ATOM   486  N  N   . ALA A 1 70  ? 8.085   -0.910  -4.425  1.00 19.08 ? 70   ALA A N   1 
ATOM   487  C  CA  . ALA A 1 70  ? 9.146   -0.211  -3.704  1.00 18.91 ? 70   ALA A CA  1 
ATOM   488  C  C   . ALA A 1 70  ? 8.781   0.066   -2.251  1.00 19.17 ? 70   ALA A C   1 
ATOM   489  O  O   . ALA A 1 70  ? 9.654   0.242   -1.401  1.00 20.07 ? 70   ALA A O   1 
ATOM   490  C  CB  . ALA A 1 70  ? 9.473   1.099   -4.405  1.00 19.97 ? 70   ALA A CB  1 
ATOM   491  N  N   . TYR A 1 71  ? 7.483   0.104   -1.983  1.00 16.85 ? 71   TYR A N   1 
ATOM   492  C  CA  . TYR A 1 71  ? 6.939   0.379   -0.654  1.00 17.37 ? 71   TYR A CA  1 
ATOM   493  C  C   . TYR A 1 71  ? 6.972   -0.807  0.311   1.00 17.56 ? 71   TYR A C   1 
ATOM   494  O  O   . TYR A 1 71  ? 7.368   -0.667  1.465   1.00 18.20 ? 71   TYR A O   1 
ATOM   495  C  CB  . TYR A 1 71  ? 5.494   0.857   -0.831  1.00 16.16 ? 71   TYR A CB  1 
ATOM   496  C  CG  . TYR A 1 71  ? 4.591   0.814   0.389   1.00 13.98 ? 71   TYR A CG  1 
ATOM   497  C  CD1 . TYR A 1 71  ? 4.644   1.809   1.365   1.00 14.32 ? 71   TYR A CD1 1 
ATOM   498  C  CD2 . TYR A 1 71  ? 3.625   -0.185  0.517   1.00 14.86 ? 71   TYR A CD2 1 
ATOM   499  C  CE1 . TYR A 1 71  ? 3.742   1.818   2.436   1.00 14.90 ? 71   TYR A CE1 1 
ATOM   500  C  CE2 . TYR A 1 71  ? 2.728   -0.192  1.581   1.00 15.17 ? 71   TYR A CE2 1 
ATOM   501  C  CZ  . TYR A 1 71  ? 2.787   0.811   2.530   1.00 15.38 ? 71   TYR A CZ  1 
ATOM   502  O  OH  . TYR A 1 71  ? 1.868   0.821   3.553   1.00 17.26 ? 71   TYR A OH  1 
ATOM   503  N  N   . LEU A 1 72  ? 6.561   -1.971  -0.175  1.00 18.57 ? 72   LEU A N   1 
ATOM   504  C  CA  . LEU A 1 72  ? 6.467   -3.171  0.655   1.00 18.46 ? 72   LEU A CA  1 
ATOM   505  C  C   . LEU A 1 72  ? 7.656   -3.629  1.504   1.00 19.50 ? 72   LEU A C   1 
ATOM   506  O  O   . LEU A 1 72  ? 7.458   -4.157  2.597   1.00 18.92 ? 72   LEU A O   1 
ATOM   507  C  CB  . LEU A 1 72  ? 5.960   -4.342  -0.193  1.00 19.94 ? 72   LEU A CB  1 
ATOM   508  C  CG  . LEU A 1 72  ? 4.489   -4.227  -0.616  1.00 20.81 ? 72   LEU A CG  1 
ATOM   509  C  CD1 . LEU A 1 72  ? 4.128   -5.374  -1.537  1.00 20.29 ? 72   LEU A CD1 1 
ATOM   510  C  CD2 . LEU A 1 72  ? 3.588   -4.216  0.615   1.00 22.58 ? 72   LEU A CD2 1 
ATOM   511  N  N   . PRO A 1 73  ? 8.900   -3.429  1.035   1.00 20.16 ? 73   PRO A N   1 
ATOM   512  C  CA  . PRO A 1 73  ? 10.013  -3.885  1.877   1.00 19.95 ? 73   PRO A CA  1 
ATOM   513  C  C   . PRO A 1 73  ? 10.229  -3.079  3.160   1.00 20.76 ? 73   PRO A C   1 
ATOM   514  O  O   . PRO A 1 73  ? 10.818  -3.573  4.122   1.00 19.40 ? 73   PRO A O   1 
ATOM   515  C  CB  . PRO A 1 73  ? 11.211  -3.834  0.925   1.00 23.02 ? 73   PRO A CB  1 
ATOM   516  C  CG  . PRO A 1 73  ? 10.856  -2.729  -0.011  1.00 23.99 ? 73   PRO A CG  1 
ATOM   517  C  CD  . PRO A 1 73  ? 9.382   -2.949  -0.272  1.00 20.92 ? 73   PRO A CD  1 
ATOM   518  N  N   . ASP A 1 74  ? 9.738   -1.844  3.178   1.00 19.26 ? 74   ASP A N   1 
ATOM   519  C  CA  . ASP A 1 74  ? 9.874   -0.967  4.339   1.00 20.47 ? 74   ASP A CA  1 
ATOM   520  C  C   . ASP A 1 74  ? 8.921   0.205   4.125   1.00 19.57 ? 74   ASP A C   1 
ATOM   521  O  O   . ASP A 1 74  ? 9.309   1.240   3.582   1.00 18.60 ? 74   ASP A O   1 
ATOM   522  C  CB  . ASP A 1 74  ? 11.311  -0.439  4.449   1.00 22.91 ? 74   ASP A CB  1 
ATOM   523  C  CG  . ASP A 1 74  ? 11.596  0.214   5.792   1.00 25.73 ? 74   ASP A CG  1 
ATOM   524  O  OD1 . ASP A 1 74  ? 10.668  0.801   6.386   1.00 25.88 ? 74   ASP A OD1 1 
ATOM   525  O  OD2 . ASP A 1 74  ? 12.757  0.151   6.250   1.00 27.95 ? 74   ASP A OD2 1 
ATOM   526  N  N   . PRO A 1 75  ? 7.655   0.053   4.541   1.00 19.91 ? 75   PRO A N   1 
ATOM   527  C  CA  . PRO A 1 75  ? 6.643   1.102   4.389   1.00 19.46 ? 75   PRO A CA  1 
ATOM   528  C  C   . PRO A 1 75  ? 7.073   2.490   4.866   1.00 19.12 ? 75   PRO A C   1 
ATOM   529  O  O   . PRO A 1 75  ? 6.944   3.471   4.130   1.00 18.60 ? 75   PRO A O   1 
ATOM   530  C  CB  . PRO A 1 75  ? 5.459   0.546   5.177   1.00 20.03 ? 75   PRO A CB  1 
ATOM   531  C  CG  . PRO A 1 75  ? 5.584   -0.925  4.946   1.00 20.11 ? 75   PRO A CG  1 
ATOM   532  C  CD  . PRO A 1 75  ? 7.069   -1.155  5.147   1.00 19.32 ? 75   PRO A CD  1 
ATOM   533  N  N   . ASN A 1 76  ? 7.582   2.573   6.091   1.00 19.59 ? 76   ASN A N   1 
ATOM   534  C  CA  . ASN A 1 76  ? 8.018   3.851   6.648   1.00 21.11 ? 76   ASN A CA  1 
ATOM   535  C  C   . ASN A 1 76  ? 9.099   4.530   5.819   1.00 21.06 ? 76   ASN A C   1 
ATOM   536  O  O   . ASN A 1 76  ? 9.012   5.727   5.528   1.00 20.10 ? 76   ASN A O   1 
ATOM   537  C  CB  . ASN A 1 76  ? 8.532   3.655   8.074   1.00 24.77 ? 76   ASN A CB  1 
ATOM   538  C  CG  . ASN A 1 76  ? 7.420   3.648   9.094   1.00 28.76 ? 76   ASN A CG  1 
ATOM   539  O  OD1 . ASN A 1 76  ? 7.316   2.733   9.915   1.00 33.89 ? 76   ASN A OD1 1 
ATOM   540  N  ND2 . ASN A 1 76  ? 6.581   4.679   9.058   1.00 28.10 ? 76   ASN A ND2 1 
ATOM   541  N  N   . ALA A 1 77  ? 10.121  3.767   5.444   1.00 20.39 ? 77   ALA A N   1 
ATOM   542  C  CA  . ALA A 1 77  ? 11.221  4.312   4.658   1.00 19.97 ? 77   ALA A CA  1 
ATOM   543  C  C   . ALA A 1 77  ? 10.730  4.901   3.346   1.00 19.49 ? 77   ALA A C   1 
ATOM   544  O  O   . ALA A 1 77  ? 11.149  5.989   2.955   1.00 20.78 ? 77   ALA A O   1 
ATOM   545  C  CB  . ALA A 1 77  ? 12.261  3.231   4.392   1.00 21.47 ? 77   ALA A CB  1 
ATOM   546  N  N   . PHE A 1 78  ? 9.835   4.186   2.671   1.00 18.25 ? 78   PHE A N   1 
ATOM   547  C  CA  . PHE A 1 78  ? 9.305   4.655   1.397   1.00 18.56 ? 78   PHE A CA  1 
ATOM   548  C  C   . PHE A 1 78  ? 8.520   5.956   1.537   1.00 18.05 ? 78   PHE A C   1 
ATOM   549  O  O   . PHE A 1 78  ? 8.736   6.907   0.787   1.00 18.06 ? 78   PHE A O   1 
ATOM   550  C  CB  . PHE A 1 78  ? 8.400   3.592   0.771   1.00 19.36 ? 78   PHE A CB  1 
ATOM   551  C  CG  . PHE A 1 78  ? 7.812   4.005   -0.549  1.00 20.00 ? 78   PHE A CG  1 
ATOM   552  C  CD1 . PHE A 1 78  ? 8.543   3.868   -1.727  1.00 21.66 ? 78   PHE A CD1 1 
ATOM   553  C  CD2 . PHE A 1 78  ? 6.541   4.571   -0.610  1.00 21.06 ? 78   PHE A CD2 1 
ATOM   554  C  CE1 . PHE A 1 78  ? 8.014   4.291   -2.950  1.00 23.84 ? 78   PHE A CE1 1 
ATOM   555  C  CE2 . PHE A 1 78  ? 6.001   4.997   -1.825  1.00 20.27 ? 78   PHE A CE2 1 
ATOM   556  C  CZ  . PHE A 1 78  ? 6.739   4.857   -2.997  1.00 23.33 ? 78   PHE A CZ  1 
ATOM   557  N  N   . LEU A 1 79  ? 7.597   5.988   2.491   1.00 16.92 ? 79   LEU A N   1 
ATOM   558  C  CA  . LEU A 1 79  ? 6.769   7.164   2.715   1.00 16.81 ? 79   LEU A CA  1 
ATOM   559  C  C   . LEU A 1 79  ? 7.558   8.396   3.140   1.00 17.46 ? 79   LEU A C   1 
ATOM   560  O  O   . LEU A 1 79  ? 7.283   9.504   2.680   1.00 18.58 ? 79   LEU A O   1 
ATOM   561  C  CB  . LEU A 1 79  ? 5.701   6.851   3.758   1.00 16.31 ? 79   LEU A CB  1 
ATOM   562  C  CG  . LEU A 1 79  ? 4.640   5.837   3.330   1.00 17.30 ? 79   LEU A CG  1 
ATOM   563  C  CD1 . LEU A 1 79  ? 3.762   5.479   4.521   1.00 17.33 ? 79   LEU A CD1 1 
ATOM   564  C  CD2 . LEU A 1 79  ? 3.806   6.422   2.202   1.00 18.31 ? 79   LEU A CD2 1 
ATOM   565  N  N   . ARG A 1 80  ? 8.535   8.209   4.020   1.00 17.35 ? 80   ARG A N   1 
ATOM   566  C  CA  . ARG A 1 80  ? 9.349   9.327   4.478   1.00 18.95 ? 80   ARG A CA  1 
ATOM   567  C  C   . ARG A 1 80  ? 10.162  9.920   3.337   1.00 19.47 ? 80   ARG A C   1 
ATOM   568  O  O   . ARG A 1 80  ? 10.265  11.143  3.208   1.00 19.69 ? 80   ARG A O   1 
ATOM   569  C  CB  . ARG A 1 80  ? 10.272  8.872   5.611   1.00 21.80 ? 80   ARG A CB  1 
ATOM   570  C  CG  . ARG A 1 80  ? 9.534   8.683   6.926   1.00 22.75 ? 80   ARG A CG  1 
ATOM   571  C  CD  . ARG A 1 80  ? 10.414  8.077   8.009   1.00 29.48 ? 80   ARG A CD  1 
ATOM   572  N  NE  . ARG A 1 80  ? 9.692   7.973   9.276   1.00 32.29 ? 80   ARG A NE  1 
ATOM   573  C  CZ  . ARG A 1 80  ? 10.023  7.153   10.269  1.00 34.43 ? 80   ARG A CZ  1 
ATOM   574  N  NH1 . ARG A 1 80  ? 11.071  6.348   10.150  1.00 35.24 ? 80   ARG A NH1 1 
ATOM   575  N  NH2 . ARG A 1 80  ? 9.302   7.136   11.383  1.00 34.22 ? 80   ARG A NH2 1 
ATOM   576  N  N   . LYS A 1 81  ? 10.730  9.059   2.499   1.00 20.04 ? 81   LYS A N   1 
ATOM   577  C  CA  . LYS A 1 81  ? 11.522  9.531   1.370   1.00 21.92 ? 81   LYS A CA  1 
ATOM   578  C  C   . LYS A 1 81  ? 10.646  10.232  0.345   1.00 21.21 ? 81   LYS A C   1 
ATOM   579  O  O   . LYS A 1 81  ? 11.045  11.244  -0.231  1.00 22.28 ? 81   LYS A O   1 
ATOM   580  C  CB  . LYS A 1 81  ? 12.261  8.371   0.703   1.00 22.99 ? 81   LYS A CB  1 
ATOM   581  C  CG  . LYS A 1 81  ? 12.999  8.775   -0.563  1.00 26.72 ? 81   LYS A CG  1 
ATOM   582  C  CD  . LYS A 1 81  ? 13.703  7.597   -1.212  1.00 30.37 ? 81   LYS A CD  1 
ATOM   583  C  CE  . LYS A 1 81  ? 14.277  7.995   -2.566  1.00 32.80 ? 81   LYS A CE  1 
ATOM   584  N  NZ  . LYS A 1 81  ? 15.136  9.210   -2.460  1.00 33.21 ? 81   LYS A NZ  1 
ATOM   585  N  N   . PHE A 1 82  ? 9.448   9.699   0.113   1.00 20.50 ? 82   PHE A N   1 
ATOM   586  C  CA  . PHE A 1 82  ? 8.543   10.307  -0.856  1.00 20.87 ? 82   PHE A CA  1 
ATOM   587  C  C   . PHE A 1 82  ? 8.185   11.735  -0.458  1.00 20.29 ? 82   PHE A C   1 
ATOM   588  O  O   . PHE A 1 82  ? 8.186   12.639  -1.293  1.00 20.75 ? 82   PHE A O   1 
ATOM   589  C  CB  . PHE A 1 82  ? 7.248   9.498   -0.991  1.00 19.59 ? 82   PHE A CB  1 
ATOM   590  C  CG  . PHE A 1 82  ? 6.322   10.029  -2.056  1.00 21.89 ? 82   PHE A CG  1 
ATOM   591  C  CD1 . PHE A 1 82  ? 6.429   9.591   -3.370  1.00 22.58 ? 82   PHE A CD1 1 
ATOM   592  C  CD2 . PHE A 1 82  ? 5.387   11.013  -1.754  1.00 21.60 ? 82   PHE A CD2 1 
ATOM   593  C  CE1 . PHE A 1 82  ? 5.618   10.128  -4.373  1.00 23.42 ? 82   PHE A CE1 1 
ATOM   594  C  CE2 . PHE A 1 82  ? 4.573   11.559  -2.745  1.00 22.75 ? 82   PHE A CE2 1 
ATOM   595  C  CZ  . PHE A 1 82  ? 4.691   11.114  -4.061  1.00 22.59 ? 82   PHE A CZ  1 
ATOM   596  N  N   . LEU A 1 83  ? 7.860   11.929  0.817   1.00 20.74 ? 83   LEU A N   1 
ATOM   597  C  CA  . LEU A 1 83  ? 7.492   13.247  1.316   1.00 20.78 ? 83   LEU A CA  1 
ATOM   598  C  C   . LEU A 1 83  ? 8.658   14.219  1.279   1.00 22.42 ? 83   LEU A C   1 
ATOM   599  O  O   . LEU A 1 83  ? 8.485   15.395  0.948   1.00 23.06 ? 83   LEU A O   1 
ATOM   600  C  CB  . LEU A 1 83  ? 6.947   13.143  2.738   1.00 20.97 ? 83   LEU A CB  1 
ATOM   601  C  CG  . LEU A 1 83  ? 5.534   12.557  2.835   1.00 22.00 ? 83   LEU A CG  1 
ATOM   602  C  CD1 . LEU A 1 83  ? 5.189   12.276  4.284   1.00 23.28 ? 83   LEU A CD1 1 
ATOM   603  C  CD2 . LEU A 1 83  ? 4.545   13.531  2.225   1.00 22.45 ? 83   LEU A CD2 1 
ATOM   604  N  N   . ALA A 1 84  ? 9.844   13.733  1.625   1.00 21.84 ? 84   ALA A N   1 
ATOM   605  C  CA  . ALA A 1 84  ? 11.027  14.585  1.608   1.00 21.89 ? 84   ALA A CA  1 
ATOM   606  C  C   . ALA A 1 84  ? 11.325  15.024  0.178   1.00 22.04 ? 84   ALA A C   1 
ATOM   607  O  O   . ALA A 1 84  ? 11.554  16.206  -0.082  1.00 22.37 ? 84   ALA A O   1 
ATOM   608  C  CB  . ALA A 1 84  ? 12.218  13.837  2.186   1.00 23.57 ? 84   ALA A CB  1 
ATOM   609  N  N   . ASP A 1 85  ? 11.318  14.073  -0.751  1.00 22.10 ? 85   ASP A N   1 
ATOM   610  C  CA  . ASP A 1 85  ? 11.589  14.383  -2.152  1.00 23.03 ? 85   ASP A CA  1 
ATOM   611  C  C   . ASP A 1 85  ? 10.588  15.387  -2.714  1.00 23.46 ? 85   ASP A C   1 
ATOM   612  O  O   . ASP A 1 85  ? 10.918  16.175  -3.601  1.00 22.65 ? 85   ASP A O   1 
ATOM   613  C  CB  . ASP A 1 85  ? 11.541  13.114  -3.009  1.00 24.51 ? 85   ASP A CB  1 
ATOM   614  C  CG  . ASP A 1 85  ? 12.772  12.246  -2.846  1.00 24.70 ? 85   ASP A CG  1 
ATOM   615  O  OD1 . ASP A 1 85  ? 13.731  12.680  -2.178  1.00 25.61 ? 85   ASP A OD1 1 
ATOM   616  O  OD2 . ASP A 1 85  ? 12.778  11.125  -3.399  1.00 27.84 ? 85   ASP A OD2 1 
ATOM   617  N  N   . ALA A 1 86  ? 9.364   15.351  -2.194  1.00 23.09 ? 86   ALA A N   1 
ATOM   618  C  CA  . ALA A 1 86  ? 8.306   16.240  -2.666  1.00 23.91 ? 86   ALA A CA  1 
ATOM   619  C  C   . ALA A 1 86  ? 8.363   17.646  -2.081  1.00 24.92 ? 86   ALA A C   1 
ATOM   620  O  O   . ALA A 1 86  ? 7.620   18.530  -2.517  1.00 25.74 ? 86   ALA A O   1 
ATOM   621  C  CB  . ALA A 1 86  ? 6.943   15.621  -2.374  1.00 24.35 ? 86   ALA A CB  1 
ATOM   622  N  N   . GLY A 1 87  ? 9.233   17.854  -1.097  1.00 24.80 ? 87   GLY A N   1 
ATOM   623  C  CA  . GLY A 1 87  ? 9.336   19.164  -0.480  1.00 24.76 ? 87   GLY A CA  1 
ATOM   624  C  C   . GLY A 1 87  ? 8.501   19.286  0.784   1.00 26.48 ? 87   GLY A C   1 
ATOM   625  O  O   . GLY A 1 87  ? 8.202   20.396  1.236   1.00 26.24 ? 87   GLY A O   1 
ATOM   626  N  N   . HIS A 1 88  ? 8.119   18.144  1.353   1.00 25.84 ? 88   HIS A N   1 
ATOM   627  C  CA  . HIS A 1 88  ? 7.320   18.113  2.576   1.00 26.37 ? 88   HIS A CA  1 
ATOM   628  C  C   . HIS A 1 88  ? 8.009   17.258  3.632   1.00 27.27 ? 88   HIS A C   1 
ATOM   629  O  O   . HIS A 1 88  ? 7.378   16.417  4.279   1.00 27.27 ? 88   HIS A O   1 
ATOM   630  C  CB  . HIS A 1 88  ? 5.925   17.536  2.297   1.00 28.87 ? 88   HIS A CB  1 
ATOM   631  C  CG  . HIS A 1 88  ? 5.157   18.284  1.252   1.00 31.79 ? 88   HIS A CG  1 
ATOM   632  N  ND1 . HIS A 1 88  ? 5.356   18.094  -0.098  1.00 33.40 ? 88   HIS A ND1 1 
ATOM   633  C  CD2 . HIS A 1 88  ? 4.199   19.235  1.362   1.00 34.40 ? 88   HIS A CD2 1 
ATOM   634  C  CE1 . HIS A 1 88  ? 4.554   18.896  -0.777  1.00 35.20 ? 88   HIS A CE1 1 
ATOM   635  N  NE2 . HIS A 1 88  ? 3.842   19.599  0.086   1.00 35.53 ? 88   HIS A NE2 1 
ATOM   636  N  N   . ALA A 1 89  ? 9.306   17.482  3.808   1.00 27.50 ? 89   ALA A N   1 
ATOM   637  C  CA  . ALA A 1 89  ? 10.094  16.725  4.772   1.00 28.60 ? 89   ALA A CA  1 
ATOM   638  C  C   . ALA A 1 89  ? 9.557   16.839  6.193   1.00 29.36 ? 89   ALA A C   1 
ATOM   639  O  O   . ALA A 1 89  ? 9.611   15.884  6.965   1.00 29.70 ? 89   ALA A O   1 
ATOM   640  C  CB  . ALA A 1 89  ? 11.546  17.187  4.728   1.00 27.90 ? 89   ALA A CB  1 
ATOM   641  N  N   . GLU A 1 90  ? 9.035   18.009  6.534   1.00 32.28 ? 90   GLU A N   1 
ATOM   642  C  CA  . GLU A 1 90  ? 8.505   18.244  7.870   1.00 35.18 ? 90   GLU A CA  1 
ATOM   643  C  C   . GLU A 1 90  ? 7.365   17.293  8.231   1.00 35.35 ? 90   GLU A C   1 
ATOM   644  O  O   . GLU A 1 90  ? 7.115   17.039  9.408   1.00 35.36 ? 90   GLU A O   1 
ATOM   645  C  CB  . GLU A 1 90  ? 8.032   19.693  7.988   1.00 38.70 ? 90   GLU A CB  1 
ATOM   646  C  CG  . GLU A 1 90  ? 6.897   20.050  7.045   1.00 43.67 ? 90   GLU A CG  1 
ATOM   647  C  CD  . GLU A 1 90  ? 6.648   21.544  6.975   1.00 46.84 ? 90   GLU A CD  1 
ATOM   648  O  OE1 . GLU A 1 90  ? 6.475   22.170  8.043   1.00 48.94 ? 90   GLU A OE1 1 
ATOM   649  O  OE2 . GLU A 1 90  ? 6.625   22.091  5.850   1.00 49.66 ? 90   GLU A OE2 1 
ATOM   650  N  N   . GLN A 1 91  ? 6.679   16.763  7.224   1.00 34.38 ? 91   GLN A N   1 
ATOM   651  C  CA  . GLN A 1 91  ? 5.565   15.855  7.470   1.00 35.43 ? 91   GLN A CA  1 
ATOM   652  C  C   . GLN A 1 91  ? 5.974   14.387  7.494   1.00 35.15 ? 91   GLN A C   1 
ATOM   653  O  O   . GLN A 1 91  ? 5.124   13.507  7.622   1.00 35.64 ? 91   GLN A O   1 
ATOM   654  C  CB  . GLN A 1 91  ? 4.476   16.062  6.413   1.00 37.11 ? 91   GLN A CB  1 
ATOM   655  C  CG  . GLN A 1 91  ? 4.018   17.504  6.280   1.00 40.42 ? 91   GLN A CG  1 
ATOM   656  C  CD  . GLN A 1 91  ? 2.791   17.649  5.403   1.00 42.47 ? 91   GLN A CD  1 
ATOM   657  O  OE1 . GLN A 1 91  ? 1.714   17.157  5.741   1.00 43.69 ? 91   GLN A OE1 1 
ATOM   658  N  NE2 . GLN A 1 91  ? 2.949   18.326  4.273   1.00 43.19 ? 91   GLN A NE2 1 
ATOM   659  N  N   . ALA A 1 92  ? 7.272   14.123  7.384   1.00 34.25 ? 92   ALA A N   1 
ATOM   660  C  CA  . ALA A 1 92  ? 7.772   12.751  7.379   1.00 34.74 ? 92   ALA A CA  1 
ATOM   661  C  C   . ALA A 1 92  ? 8.358   12.308  8.716   1.00 34.77 ? 92   ALA A C   1 
ATOM   662  O  O   . ALA A 1 92  ? 9.113   11.337  8.775   1.00 35.54 ? 92   ALA A O   1 
ATOM   663  C  CB  . ALA A 1 92  ? 8.817   12.588  6.277   1.00 34.40 ? 92   ALA A CB  1 
ATOM   664  N  N   . LYS A 1 93  ? 8.008   13.007  9.791   1.00 34.91 ? 93   LYS A N   1 
ATOM   665  C  CA  . LYS A 1 93  ? 8.525   12.663  11.112  1.00 35.09 ? 93   LYS A CA  1 
ATOM   666  C  C   . LYS A 1 93  ? 7.712   11.569  11.804  1.00 34.85 ? 93   LYS A C   1 
ATOM   667  O  O   . LYS A 1 93  ? 8.203   10.908  12.722  1.00 36.04 ? 93   LYS A O   1 
ATOM   668  C  CB  . LYS A 1 93  ? 8.577   13.916  11.992  1.00 36.37 ? 93   LYS A CB  1 
ATOM   669  C  CG  . LYS A 1 93  ? 9.517   14.990  11.459  1.00 38.90 ? 93   LYS A CG  1 
ATOM   670  C  CD  . LYS A 1 93  ? 9.549   16.215  12.358  1.00 40.21 ? 93   LYS A CD  1 
ATOM   671  C  CE  . LYS A 1 93  ? 10.483  17.278  11.799  1.00 41.64 ? 93   LYS A CE  1 
ATOM   672  N  NZ  . LYS A 1 93  ? 10.524  18.496  12.654  1.00 43.43 ? 93   LYS A NZ  1 
ATOM   673  N  N   . GLY A 1 94  ? 6.474   11.377  11.359  1.00 32.51 ? 94   GLY A N   1 
ATOM   674  C  CA  . GLY A 1 94  ? 5.624   10.358  11.952  1.00 31.09 ? 94   GLY A CA  1 
ATOM   675  C  C   . GLY A 1 94  ? 5.907   8.963   11.419  1.00 28.64 ? 94   GLY A C   1 
ATOM   676  O  O   . GLY A 1 94  ? 6.878   8.754   10.690  1.00 28.03 ? 94   GLY A O   1 
ATOM   677  N  N   . SER A 1 95  ? 5.059   8.006   11.785  1.00 26.63 ? 95   SER A N   1 
ATOM   678  C  CA  . SER A 1 95  ? 5.217   6.626   11.344  1.00 25.76 ? 95   SER A CA  1 
ATOM   679  C  C   . SER A 1 95  ? 3.888   6.055   10.849  1.00 23.07 ? 95   SER A C   1 
ATOM   680  O  O   . SER A 1 95  ? 2.819   6.450   11.318  1.00 22.63 ? 95   SER A O   1 
ATOM   681  C  CB  . SER A 1 95  ? 5.751   5.773   12.498  1.00 28.60 ? 95   SER A CB  1 
ATOM   682  O  OG  . SER A 1 95  ? 5.774   4.400   12.153  1.00 34.85 ? 95   SER A OG  1 
ATOM   683  N  N   . THR A 1 96  ? 3.953   5.132   9.894   1.00 20.58 ? 96   THR A N   1 
ATOM   684  C  CA  . THR A 1 96  ? 2.741   4.509   9.362   1.00 18.04 ? 96   THR A CA  1 
ATOM   685  C  C   . THR A 1 96  ? 2.229   3.422   10.309  1.00 18.90 ? 96   THR A C   1 
ATOM   686  O  O   . THR A 1 96  ? 3.003   2.815   11.053  1.00 20.04 ? 96   THR A O   1 
ATOM   687  C  CB  . THR A 1 96  ? 2.994   3.868   7.966   1.00 17.85 ? 96   THR A CB  1 
ATOM   688  O  OG1 . THR A 1 96  ? 1.800   3.220   7.504   1.00 17.69 ? 96   THR A OG1 1 
ATOM   689  C  CG2 . THR A 1 96  ? 4.102   2.831   8.054   1.00 18.44 ? 96   THR A CG2 1 
ATOM   690  N  N   . LYS A 1 97  ? 0.922   3.185   10.272  1.00 18.51 ? 97   LYS A N   1 
ATOM   691  C  CA  . LYS A 1 97  ? 0.287   2.173   11.108  1.00 20.33 ? 97   LYS A CA  1 
ATOM   692  C  C   . LYS A 1 97  ? 0.547   0.762   10.598  1.00 19.74 ? 97   LYS A C   1 
ATOM   693  O  O   . LYS A 1 97  ? 0.260   -0.211  11.301  1.00 20.08 ? 97   LYS A O   1 
ATOM   694  C  CB  . LYS A 1 97  ? -1.226  2.402   11.174  1.00 21.87 ? 97   LYS A CB  1 
ATOM   695  C  CG  . LYS A 1 97  ? -1.652  3.663   11.902  1.00 25.05 ? 97   LYS A CG  1 
ATOM   696  C  CD  . LYS A 1 97  ? -3.171  3.783   11.918  1.00 27.67 ? 97   LYS A CD  1 
ATOM   697  C  CE  . LYS A 1 97  ? -3.622  5.053   12.618  1.00 30.43 ? 97   LYS A CE  1 
ATOM   698  N  NZ  . LYS A 1 97  ? -5.102  5.135   12.696  1.00 33.14 ? 97   LYS A NZ  1 
ATOM   699  N  N   . MET A 1 98  ? 1.065   0.639   9.377   1.00 18.29 ? 98   MET A N   1 
ATOM   700  C  CA  . MET A 1 98  ? 1.341   -0.688  8.833   1.00 20.07 ? 98   MET A CA  1 
ATOM   701  C  C   . MET A 1 98  ? 2.684   -1.202  9.309   1.00 21.96 ? 98   MET A C   1 
ATOM   702  O  O   . MET A 1 98  ? 3.734   -0.807  8.789   1.00 22.41 ? 98   MET A O   1 
ATOM   703  C  CB  . MET A 1 98  ? 1.319   -0.682  7.305   1.00 17.80 ? 98   MET A CB  1 
ATOM   704  C  CG  . MET A 1 98  ? 1.557   -2.075  6.707   1.00 17.72 ? 98   MET A CG  1 
ATOM   705  S  SD  . MET A 1 98  ? 1.147   -2.172  4.958   1.00 15.56 ? 98   MET A SD  1 
ATOM   706  C  CE  . MET A 1 98  ? 2.450   -3.231  4.373   1.00 17.27 ? 98   MET A CE  1 
ATOM   707  N  N   . VAL A 1 99  ? 2.631   -2.082  10.307  1.00 23.70 ? 99   VAL A N   1 
ATOM   708  C  CA  . VAL A 1 99  ? 3.817   -2.687  10.893  1.00 26.43 ? 99   VAL A CA  1 
ATOM   709  C  C   . VAL A 1 99  ? 3.991   -4.089  10.314  1.00 24.52 ? 99   VAL A C   1 
ATOM   710  O  O   . VAL A 1 99  ? 3.747   -5.094  10.983  1.00 27.26 ? 99   VAL A O   1 
ATOM   711  C  CB  . VAL A 1 99  ? 3.693   -2.791  12.431  1.00 27.39 ? 99   VAL A CB  1 
ATOM   712  C  CG1 . VAL A 1 99  ? 4.989   -3.322  13.024  1.00 30.28 ? 99   VAL A CG1 1 
ATOM   713  C  CG2 . VAL A 1 99  ? 3.355   -1.426  13.019  1.00 29.68 ? 99   VAL A CG2 1 
ATOM   714  N  N   . PHE A 1 100 ? 4.395   -4.134  9.051   1.00 22.45 ? 100  PHE A N   1 
ATOM   715  C  CA  . PHE A 1 100 ? 4.625   -5.383  8.343   1.00 21.50 ? 100  PHE A CA  1 
ATOM   716  C  C   . PHE A 1 100 ? 5.504   -5.067  7.143   1.00 22.15 ? 100  PHE A C   1 
ATOM   717  O  O   . PHE A 1 100 ? 5.358   -4.011  6.519   1.00 23.19 ? 100  PHE A O   1 
ATOM   718  C  CB  . PHE A 1 100 ? 3.292   -5.999  7.881   1.00 21.67 ? 100  PHE A CB  1 
ATOM   719  C  CG  . PHE A 1 100 ? 3.443   -7.324  7.184   1.00 23.22 ? 100  PHE A CG  1 
ATOM   720  C  CD1 . PHE A 1 100 ? 3.615   -7.387  5.804   1.00 25.02 ? 100  PHE A CD1 1 
ATOM   721  C  CD2 . PHE A 1 100 ? 3.440   -8.509  7.915   1.00 24.52 ? 100  PHE A CD2 1 
ATOM   722  C  CE1 . PHE A 1 100 ? 3.781   -8.610  5.159   1.00 26.60 ? 100  PHE A CE1 1 
ATOM   723  C  CE2 . PHE A 1 100 ? 3.607   -9.741  7.280   1.00 26.03 ? 100  PHE A CE2 1 
ATOM   724  C  CZ  . PHE A 1 100 ? 3.778   -9.789  5.897   1.00 26.57 ? 100  PHE A CZ  1 
ATOM   725  N  N   . LYS A 1 101 ? 6.430   -5.968  6.839   1.00 22.06 ? 101  LYS A N   1 
ATOM   726  C  CA  . LYS A 1 101 ? 7.333   -5.799  5.709   1.00 22.72 ? 101  LYS A CA  1 
ATOM   727  C  C   . LYS A 1 101 ? 7.354   -7.074  4.876   1.00 22.70 ? 101  LYS A C   1 
ATOM   728  O  O   . LYS A 1 101 ? 7.206   -8.178  5.406   1.00 22.68 ? 101  LYS A O   1 
ATOM   729  C  CB  . LYS A 1 101 ? 8.762   -5.517  6.188   1.00 24.45 ? 101  LYS A CB  1 
ATOM   730  C  CG  . LYS A 1 101 ? 8.944   -4.276  7.046   1.00 27.09 ? 101  LYS A CG  1 
ATOM   731  C  CD  . LYS A 1 101 ? 10.403  -4.155  7.477   1.00 29.57 ? 101  LYS A CD  1 
ATOM   732  C  CE  . LYS A 1 101 ? 10.636  -2.940  8.360   1.00 32.71 ? 101  LYS A CE  1 
ATOM   733  N  NZ  . LYS A 1 101 ? 12.050  -2.872  8.833   1.00 37.16 ? 101  LYS A NZ  1 
ATOM   734  N  N   . LEU A 1 102 ? 7.545   -6.911  3.572   1.00 22.20 ? 102  LEU A N   1 
ATOM   735  C  CA  . LEU A 1 102 ? 7.627   -8.032  2.647   1.00 22.48 ? 102  LEU A CA  1 
ATOM   736  C  C   . LEU A 1 102 ? 8.889   -7.744  1.835   1.00 23.71 ? 102  LEU A C   1 
ATOM   737  O  O   . LEU A 1 102 ? 8.834   -7.105  0.789   1.00 23.23 ? 102  LEU A O   1 
ATOM   738  C  CB  . LEU A 1 102 ? 6.400   -8.062  1.726   1.00 22.86 ? 102  LEU A CB  1 
ATOM   739  C  CG  . LEU A 1 102 ? 6.178   -9.310  0.862   1.00 23.74 ? 102  LEU A CG  1 
ATOM   740  C  CD1 . LEU A 1 102 ? 5.040   -9.049  -0.116  1.00 24.02 ? 102  LEU A CD1 1 
ATOM   741  C  CD2 . LEU A 1 102 ? 7.441   -9.664  0.092   1.00 28.07 ? 102  LEU A CD2 1 
ATOM   742  N  N   . PRO A 1 103 ? 10.050  -8.208  2.318   1.00 25.70 ? 103  PRO A N   1 
ATOM   743  C  CA  . PRO A 1 103 ? 11.328  -7.985  1.635   1.00 27.51 ? 103  PRO A CA  1 
ATOM   744  C  C   . PRO A 1 103 ? 11.577  -8.692  0.301   1.00 27.55 ? 103  PRO A C   1 
ATOM   745  O  O   . PRO A 1 103 ? 12.148  -8.097  -0.616  1.00 29.29 ? 103  PRO A O   1 
ATOM   746  C  CB  . PRO A 1 103 ? 12.351  -8.387  2.695   1.00 27.47 ? 103  PRO A CB  1 
ATOM   747  C  CG  . PRO A 1 103 ? 11.645  -9.486  3.423   1.00 28.77 ? 103  PRO A CG  1 
ATOM   748  C  CD  . PRO A 1 103 ? 10.260  -8.907  3.599   1.00 27.17 ? 103  PRO A CD  1 
ATOM   749  N  N   . ASP A 1 104 ? 11.155  -9.947  0.185   1.00 27.01 ? 104  ASP A N   1 
ATOM   750  C  CA  . ASP A 1 104 ? 11.397  -10.715 -1.037  1.00 28.64 ? 104  ASP A CA  1 
ATOM   751  C  C   . ASP A 1 104 ? 10.833  -10.081 -2.306  1.00 28.70 ? 104  ASP A C   1 
ATOM   752  O  O   . ASP A 1 104 ? 9.634   -9.837  -2.417  1.00 27.07 ? 104  ASP A O   1 
ATOM   753  C  CB  . ASP A 1 104 ? 10.861  -12.140 -0.875  1.00 30.50 ? 104  ASP A CB  1 
ATOM   754  C  CG  . ASP A 1 104 ? 11.274  -13.049 -2.017  1.00 33.70 ? 104  ASP A CG  1 
ATOM   755  O  OD1 . ASP A 1 104 ? 10.605  -13.038 -3.071  1.00 35.71 ? 104  ASP A OD1 1 
ATOM   756  O  OD2 . ASP A 1 104 ? 12.281  -13.771 -1.864  1.00 36.93 ? 104  ASP A OD2 1 
ATOM   757  N  N   . GLU A 1 105 ? 11.719  -9.827  -3.267  1.00 29.32 ? 105  GLU A N   1 
ATOM   758  C  CA  . GLU A 1 105 ? 11.342  -9.207  -4.535  1.00 30.70 ? 105  GLU A CA  1 
ATOM   759  C  C   . GLU A 1 105 ? 10.299  -9.988  -5.328  1.00 29.98 ? 105  GLU A C   1 
ATOM   760  O  O   . GLU A 1 105 ? 9.354   -9.401  -5.862  1.00 29.27 ? 105  GLU A O   1 
ATOM   761  C  CB  . GLU A 1 105 ? 12.586  -8.993  -5.403  1.00 33.14 ? 105  GLU A CB  1 
ATOM   762  C  CG  . GLU A 1 105 ? 12.306  -8.238  -6.692  1.00 37.44 ? 105  GLU A CG  1 
ATOM   763  C  CD  . GLU A 1 105 ? 13.565  -7.921  -7.470  1.00 39.85 ? 105  GLU A CD  1 
ATOM   764  O  OE1 . GLU A 1 105 ? 14.243  -8.867  -7.925  1.00 41.61 ? 105  GLU A OE1 1 
ATOM   765  O  OE2 . GLU A 1 105 ? 13.876  -6.722  -7.625  1.00 41.85 ? 105  GLU A OE2 1 
ATOM   766  N  N   . GLN A 1 106 ? 10.466  -11.303 -5.412  1.00 29.29 ? 106  GLN A N   1 
ATOM   767  C  CA  . GLN A 1 106 ? 9.525   -12.131 -6.155  1.00 30.33 ? 106  GLN A CA  1 
ATOM   768  C  C   . GLN A 1 106 ? 8.137   -12.080 -5.522  1.00 27.73 ? 106  GLN A C   1 
ATOM   769  O  O   . GLN A 1 106 ? 7.140   -11.901 -6.218  1.00 27.25 ? 106  GLN A O   1 
ATOM   770  C  CB  . GLN A 1 106 ? 10.010  -13.581 -6.219  1.00 32.45 ? 106  GLN A CB  1 
ATOM   771  C  CG  . GLN A 1 106 ? 9.160   -14.474 -7.112  1.00 37.12 ? 106  GLN A CG  1 
ATOM   772  C  CD  . GLN A 1 106 ? 9.074   -13.958 -8.538  1.00 39.71 ? 106  GLN A CD  1 
ATOM   773  O  OE1 . GLN A 1 106 ? 10.093  -13.710 -9.184  1.00 41.50 ? 106  GLN A OE1 1 
ATOM   774  N  NE2 . GLN A 1 106 ? 7.853   -13.795 -9.037  1.00 41.48 ? 106  GLN A NE2 1 
ATOM   775  N  N   . GLU A 1 107 ? 8.074   -12.242 -4.205  1.00 25.30 ? 107  GLU A N   1 
ATOM   776  C  CA  . GLU A 1 107 ? 6.790   -12.198 -3.516  1.00 24.33 ? 107  GLU A CA  1 
ATOM   777  C  C   . GLU A 1 107 ? 6.103   -10.863 -3.757  1.00 21.87 ? 107  GLU A C   1 
ATOM   778  O  O   . GLU A 1 107 ? 4.885   -10.809 -3.941  1.00 22.83 ? 107  GLU A O   1 
ATOM   779  C  CB  . GLU A 1 107 ? 6.969   -12.414 -2.016  1.00 23.49 ? 107  GLU A CB  1 
ATOM   780  C  CG  . GLU A 1 107 ? 7.307   -13.841 -1.641  1.00 29.09 ? 107  GLU A CG  1 
ATOM   781  C  CD  . GLU A 1 107 ? 7.216   -14.070 -0.148  1.00 31.60 ? 107  GLU A CD  1 
ATOM   782  O  OE1 . GLU A 1 107 ? 8.054   -13.519 0.593   1.00 35.85 ? 107  GLU A OE1 1 
ATOM   783  O  OE2 . GLU A 1 107 ? 6.296   -14.794 0.284   1.00 36.23 ? 107  GLU A OE2 1 
ATOM   784  N  N   . ARG A 1 108 ? 6.885   -9.789  -3.752  1.00 21.10 ? 108  ARG A N   1 
ATOM   785  C  CA  . ARG A 1 108 ? 6.332   -8.462  -3.987  1.00 21.92 ? 108  ARG A CA  1 
ATOM   786  C  C   . ARG A 1 108 ? 5.757   -8.379  -5.393  1.00 22.16 ? 108  ARG A C   1 
ATOM   787  O  O   . ARG A 1 108 ? 4.646   -7.891  -5.583  1.00 23.05 ? 108  ARG A O   1 
ATOM   788  C  CB  . ARG A 1 108 ? 7.405   -7.387  -3.798  1.00 21.06 ? 108  ARG A CB  1 
ATOM   789  C  CG  . ARG A 1 108 ? 7.638   -6.997  -2.348  1.00 22.11 ? 108  ARG A CG  1 
ATOM   790  C  CD  . ARG A 1 108 ? 8.708   -5.927  -2.248  1.00 24.52 ? 108  ARG A CD  1 
ATOM   791  N  NE  . ARG A 1 108 ? 10.050  -6.472  -2.429  1.00 26.27 ? 108  ARG A NE  1 
ATOM   792  C  CZ  . ARG A 1 108 ? 11.071  -5.791  -2.941  1.00 28.37 ? 108  ARG A CZ  1 
ATOM   793  N  NH1 . ARG A 1 108 ? 10.905  -4.536  -3.333  1.00 28.49 ? 108  ARG A NH1 1 
ATOM   794  N  NH2 . ARG A 1 108 ? 12.264  -6.362  -3.051  1.00 28.97 ? 108  ARG A NH2 1 
ATOM   795  N  N   . LYS A 1 109 ? 6.510   -8.854  -6.382  1.00 22.72 ? 109  LYS A N   1 
ATOM   796  C  CA  . LYS A 1 109 ? 6.032   -8.823  -7.763  1.00 23.35 ? 109  LYS A CA  1 
ATOM   797  C  C   . LYS A 1 109 ? 4.739   -9.619  -7.910  1.00 22.00 ? 109  LYS A C   1 
ATOM   798  O  O   . LYS A 1 109 ? 3.797   -9.176  -8.570  1.00 22.62 ? 109  LYS A O   1 
ATOM   799  C  CB  . LYS A 1 109 ? 7.077   -9.409  -8.718  1.00 24.69 ? 109  LYS A CB  1 
ATOM   800  C  CG  . LYS A 1 109 ? 8.352   -8.603  -8.856  1.00 29.81 ? 109  LYS A CG  1 
ATOM   801  C  CD  . LYS A 1 109 ? 9.246   -9.230  -9.915  1.00 32.90 ? 109  LYS A CD  1 
ATOM   802  C  CE  . LYS A 1 109 ? 10.535  -8.452  -10.100 1.00 36.44 ? 109  LYS A CE  1 
ATOM   803  N  NZ  . LYS A 1 109 ? 11.375  -9.061  -11.168 1.00 38.80 ? 109  LYS A NZ  1 
ATOM   804  N  N   . ASP A 1 110 ? 4.700   -10.795 -7.291  1.00 22.28 ? 110  ASP A N   1 
ATOM   805  C  CA  . ASP A 1 110 ? 3.532   -11.662 -7.378  1.00 22.12 ? 110  ASP A CA  1 
ATOM   806  C  C   . ASP A 1 110 ? 2.301   -11.114 -6.672  1.00 21.11 ? 110  ASP A C   1 
ATOM   807  O  O   . ASP A 1 110 ? 1.196   -11.177 -7.209  1.00 20.46 ? 110  ASP A O   1 
ATOM   808  C  CB  . ASP A 1 110 ? 3.846   -13.055 -6.820  1.00 25.04 ? 110  ASP A CB  1 
ATOM   809  C  CG  . ASP A 1 110 ? 4.904   -13.786 -7.627  1.00 28.32 ? 110  ASP A CG  1 
ATOM   810  O  OD1 . ASP A 1 110 ? 4.968   -13.578 -8.857  1.00 29.62 ? 110  ASP A OD1 1 
ATOM   811  O  OD2 . ASP A 1 110 ? 5.661   -14.583 -7.030  1.00 30.59 ? 110  ASP A OD2 1 
ATOM   812  N  N   . VAL A 1 111 ? 2.476   -10.580 -5.469  1.00 20.97 ? 111  VAL A N   1 
ATOM   813  C  CA  . VAL A 1 111 ? 1.324   -10.057 -4.754  1.00 20.44 ? 111  VAL A CA  1 
ATOM   814  C  C   . VAL A 1 111 ? 0.754   -8.844  -5.494  1.00 20.89 ? 111  VAL A C   1 
ATOM   815  O  O   . VAL A 1 111 ? -0.458  -8.636  -5.514  1.00 20.36 ? 111  VAL A O   1 
ATOM   816  C  CB  . VAL A 1 111 ? 1.676   -9.712  -3.282  1.00 20.90 ? 111  VAL A CB  1 
ATOM   817  C  CG1 . VAL A 1 111 ? 2.468   -8.422  -3.200  1.00 20.13 ? 111  VAL A CG1 1 
ATOM   818  C  CG2 . VAL A 1 111 ? 0.392   -9.639  -2.456  1.00 21.12 ? 111  VAL A CG2 1 
ATOM   819  N  N   . VAL A 1 112 ? 1.623   -8.058  -6.125  1.00 21.53 ? 112  VAL A N   1 
ATOM   820  C  CA  . VAL A 1 112 ? 1.158   -6.900  -6.886  1.00 21.93 ? 112  VAL A CA  1 
ATOM   821  C  C   . VAL A 1 112 ? 0.413   -7.382  -8.137  1.00 22.96 ? 112  VAL A C   1 
ATOM   822  O  O   . VAL A 1 112 ? -0.588  -6.789  -8.541  1.00 22.46 ? 112  VAL A O   1 
ATOM   823  C  CB  . VAL A 1 112 ? 2.338   -5.985  -7.276  1.00 21.86 ? 112  VAL A CB  1 
ATOM   824  C  CG1 . VAL A 1 112 ? 1.889   -4.922  -8.270  1.00 24.33 ? 112  VAL A CG1 1 
ATOM   825  C  CG2 . VAL A 1 112 ? 2.886   -5.317  -6.024  1.00 23.14 ? 112  VAL A CG2 1 
ATOM   826  N  N   . ALA A 1 113 ? 0.892   -8.464  -8.746  1.00 23.70 ? 113  ALA A N   1 
ATOM   827  C  CA  . ALA A 1 113 ? 0.222   -9.008  -9.925  1.00 24.15 ? 113  ALA A CA  1 
ATOM   828  C  C   . ALA A 1 113 ? -1.183  -9.452  -9.520  1.00 24.11 ? 113  ALA A C   1 
ATOM   829  O  O   . ALA A 1 113 ? -2.138  -9.334  -10.292 1.00 24.82 ? 113  ALA A O   1 
ATOM   830  C  CB  . ALA A 1 113 ? 1.014   -10.192 -10.484 1.00 25.96 ? 113  ALA A CB  1 
ATOM   831  N  N   . TYR A 1 114 ? -1.306  -9.959  -8.297  1.00 23.07 ? 114  TYR A N   1 
ATOM   832  C  CA  . TYR A 1 114 ? -2.592  -10.404 -7.773  1.00 21.26 ? 114  TYR A CA  1 
ATOM   833  C  C   . TYR A 1 114 ? -3.513  -9.201  -7.539  1.00 21.04 ? 114  TYR A C   1 
ATOM   834  O  O   . TYR A 1 114 ? -4.691  -9.220  -7.909  1.00 18.61 ? 114  TYR A O   1 
ATOM   835  C  CB  . TYR A 1 114 ? -2.377  -11.168 -6.460  1.00 21.52 ? 114  TYR A CB  1 
ATOM   836  C  CG  . TYR A 1 114 ? -3.651  -11.586 -5.765  1.00 21.35 ? 114  TYR A CG  1 
ATOM   837  C  CD1 . TYR A 1 114 ? -4.512  -12.524 -6.337  1.00 23.36 ? 114  TYR A CD1 1 
ATOM   838  C  CD2 . TYR A 1 114 ? -4.000  -11.040 -4.533  1.00 21.28 ? 114  TYR A CD2 1 
ATOM   839  C  CE1 . TYR A 1 114 ? -5.686  -12.906 -5.700  1.00 23.65 ? 114  TYR A CE1 1 
ATOM   840  C  CE2 . TYR A 1 114 ? -5.174  -11.415 -3.887  1.00 22.85 ? 114  TYR A CE2 1 
ATOM   841  C  CZ  . TYR A 1 114 ? -6.011  -12.347 -4.475  1.00 22.96 ? 114  TYR A CZ  1 
ATOM   842  O  OH  . TYR A 1 114 ? -7.171  -12.719 -3.833  1.00 25.18 ? 114  TYR A OH  1 
ATOM   843  N  N   . LEU A 1 115 ? -2.964  -8.149  -6.942  1.00 19.77 ? 115  LEU A N   1 
ATOM   844  C  CA  . LEU A 1 115 ? -3.737  -6.945  -6.656  1.00 20.27 ? 115  LEU A CA  1 
ATOM   845  C  C   . LEU A 1 115 ? -4.231  -6.264  -7.925  1.00 19.54 ? 115  LEU A C   1 
ATOM   846  O  O   . LEU A 1 115 ? -5.283  -5.632  -7.919  1.00 20.12 ? 115  LEU A O   1 
ATOM   847  C  CB  . LEU A 1 115 ? -2.900  -5.952  -5.846  1.00 21.09 ? 115  LEU A CB  1 
ATOM   848  C  CG  . LEU A 1 115 ? -2.595  -6.362  -4.404  1.00 23.08 ? 115  LEU A CG  1 
ATOM   849  C  CD1 . LEU A 1 115 ? -1.631  -5.366  -3.773  1.00 24.48 ? 115  LEU A CD1 1 
ATOM   850  C  CD2 . LEU A 1 115 ? -3.892  -6.436  -3.615  1.00 22.66 ? 115  LEU A CD2 1 
ATOM   851  N  N   . LYS A 1 116 ? -3.467  -6.386  -9.005  1.00 20.46 ? 116  LYS A N   1 
ATOM   852  C  CA  . LYS A 1 116 ? -3.839  -5.764  -10.275 1.00 22.43 ? 116  LYS A CA  1 
ATOM   853  C  C   . LYS A 1 116 ? -5.122  -6.354  -10.842 1.00 23.48 ? 116  LYS A C   1 
ATOM   854  O  O   . LYS A 1 116 ? -5.796  -5.720  -11.654 1.00 23.54 ? 116  LYS A O   1 
ATOM   855  C  CB  . LYS A 1 116 ? -2.713  -5.920  -11.299 1.00 24.29 ? 116  LYS A CB  1 
ATOM   856  C  CG  . LYS A 1 116 ? -1.462  -5.119  -10.984 1.00 28.35 ? 116  LYS A CG  1 
ATOM   857  C  CD  . LYS A 1 116 ? -0.422  -5.242  -12.095 1.00 32.39 ? 116  LYS A CD  1 
ATOM   858  C  CE  . LYS A 1 116 ? -0.795  -4.420  -13.323 1.00 35.06 ? 116  LYS A CE  1 
ATOM   859  N  NZ  . LYS A 1 116 ? -2.079  -4.844  -13.946 1.00 38.49 ? 116  LYS A NZ  1 
ATOM   860  N  N   . GLN A 1 117 ? -5.454  -7.569  -10.414 1.00 23.69 ? 117  GLN A N   1 
ATOM   861  C  CA  . GLN A 1 117 ? -6.663  -8.244  -10.880 1.00 25.12 ? 117  GLN A CA  1 
ATOM   862  C  C   . GLN A 1 117 ? -7.933  -7.611  -10.332 1.00 25.12 ? 117  GLN A C   1 
ATOM   863  O  O   . GLN A 1 117 ? -9.028  -7.854  -10.847 1.00 24.63 ? 117  GLN A O   1 
ATOM   864  C  CB  . GLN A 1 117 ? -6.638  -9.716  -10.470 1.00 27.15 ? 117  GLN A CB  1 
ATOM   865  C  CG  . GLN A 1 117 ? -5.540  -10.537 -11.111 1.00 30.31 ? 117  GLN A CG  1 
ATOM   866  C  CD  . GLN A 1 117 ? -5.621  -11.995 -10.714 1.00 33.79 ? 117  GLN A CD  1 
ATOM   867  O  OE1 . GLN A 1 117 ? -5.546  -12.332 -9.531  1.00 36.79 ? 117  GLN A OE1 1 
ATOM   868  N  NE2 . GLN A 1 117 ? -5.782  -12.871 -11.700 1.00 36.28 ? 117  GLN A NE2 1 
ATOM   869  N  N   . PHE A 1 118 ? -7.785  -6.803  -9.286  1.00 23.95 ? 118  PHE A N   1 
ATOM   870  C  CA  . PHE A 1 118 ? -8.927  -6.163  -8.644  1.00 23.48 ? 118  PHE A CA  1 
ATOM   871  C  C   . PHE A 1 118 ? -9.033  -4.663  -8.898  1.00 24.13 ? 118  PHE A C   1 
ATOM   872  O  O   . PHE A 1 118 ? -9.738  -3.954  -8.177  1.00 23.56 ? 118  PHE A O   1 
ATOM   873  C  CB  . PHE A 1 118 ? -8.871  -6.426  -7.138  1.00 21.74 ? 118  PHE A CB  1 
ATOM   874  C  CG  . PHE A 1 118 ? -8.994  -7.876  -6.774  1.00 23.46 ? 118  PHE A CG  1 
ATOM   875  C  CD1 . PHE A 1 118 ? -10.243 -8.448  -6.551  1.00 23.48 ? 118  PHE A CD1 1 
ATOM   876  C  CD2 . PHE A 1 118 ? -7.859  -8.675  -6.655  1.00 25.09 ? 118  PHE A CD2 1 
ATOM   877  C  CE1 . PHE A 1 118 ? -10.363 -9.795  -6.210  1.00 26.27 ? 118  PHE A CE1 1 
ATOM   878  C  CE2 . PHE A 1 118 ? -7.966  -10.021 -6.317  1.00 25.47 ? 118  PHE A CE2 1 
ATOM   879  C  CZ  . PHE A 1 118 ? -9.220  -10.584 -6.093  1.00 25.56 ? 118  PHE A CZ  1 
ATOM   880  N  N   . SER A 1 119 ? -8.330  -4.184  -9.919  1.00 24.69 ? 119  SER A N   1 
ATOM   881  C  CA  . SER A 1 119 ? -8.350  -2.770  -10.280 1.00 28.07 ? 119  SER A CA  1 
ATOM   882  C  C   . SER A 1 119 ? -8.429  -2.634  -11.795 1.00 30.13 ? 119  SER A C   1 
ATOM   883  O  O   . SER A 1 119 ? -7.919  -3.481  -12.528 1.00 29.59 ? 119  SER A O   1 
ATOM   884  C  CB  . SER A 1 119 ? -7.083  -2.059  -9.778  1.00 28.17 ? 119  SER A CB  1 
ATOM   885  O  OG  . SER A 1 119 ? -7.059  -1.974  -8.366  1.00 29.12 ? 119  SER A OG  1 
ATOM   886  N  N   . PRO A 1 120 ? -9.073  -1.561  -12.286 1.00 33.36 ? 120  PRO A N   1 
ATOM   887  C  CA  . PRO A 1 120 ? -9.210  -1.322  -13.725 1.00 34.75 ? 120  PRO A CA  1 
ATOM   888  C  C   . PRO A 1 120 ? -7.863  -1.413  -14.436 1.00 35.95 ? 120  PRO A C   1 
ATOM   889  O  O   . PRO A 1 120 ? -7.795  -2.064  -15.504 1.00 37.06 ? 120  PRO A O   1 
ATOM   890  C  CB  . PRO A 1 120 ? -9.799  0.085   -13.781 1.00 35.51 ? 120  PRO A CB  1 
ATOM   891  C  CG  . PRO A 1 120 ? -10.650 0.127   -12.555 1.00 35.84 ? 120  PRO A CG  1 
ATOM   892  C  CD  . PRO A 1 120 ? -9.735  -0.491  -11.516 1.00 34.68 ? 120  PRO A CD  1 
HETATM 893  C  CHA . HEM B 2 .   ? -1.785  0.248   4.384   1.00 13.26 ? 500  HEM A CHA 1 
HETATM 894  C  CHB . HEM B 2 .   ? -0.500  -3.186  1.251   1.00 14.12 ? 500  HEM A CHB 1 
HETATM 895  C  CHC . HEM B 2 .   ? -0.015  -6.308  4.908   1.00 16.13 ? 500  HEM A CHC 1 
HETATM 896  C  CHD . HEM B 2 .   ? -1.814  -3.041  7.917   1.00 14.64 ? 500  HEM A CHD 1 
HETATM 897  C  C1A . HEM B 2 .   ? -1.417  -0.406  3.207   1.00 14.19 ? 500  HEM A C1A 1 
HETATM 898  C  C2A . HEM B 2 .   ? -1.286  0.240   1.922   1.00 12.43 ? 500  HEM A C2A 1 
HETATM 899  C  C3A . HEM B 2 .   ? -0.918  -0.738  1.051   1.00 12.16 ? 500  HEM A C3A 1 
HETATM 900  C  C4A . HEM B 2 .   ? -0.840  -1.969  1.801   1.00 14.75 ? 500  HEM A C4A 1 
HETATM 901  C  CMA . HEM B 2 .   ? -0.587  -0.577  -0.425  1.00 14.35 ? 500  HEM A CMA 1 
HETATM 902  C  CAA . HEM B 2 .   ? -1.662  1.695   1.614   1.00 13.84 ? 500  HEM A CAA 1 
HETATM 903  C  CBA . HEM B 2 .   ? -3.143  1.708   1.237   1.00 13.78 ? 500  HEM A CBA 1 
HETATM 904  C  CGA . HEM B 2 .   ? -3.725  3.108   1.020   1.00 15.40 ? 500  HEM A CGA 1 
HETATM 905  O  O1A . HEM B 2 .   ? -2.972  4.102   1.045   1.00 15.99 ? 500  HEM A O1A 1 
HETATM 906  O  O2A . HEM B 2 .   ? -4.951  3.208   0.812   1.00 16.85 ? 500  HEM A O2A 1 
HETATM 907  C  C1B . HEM B 2 .   ? -0.286  -4.344  1.986   1.00 14.31 ? 500  HEM A C1B 1 
HETATM 908  C  C2B . HEM B 2 .   ? 0.135   -5.604  1.426   1.00 15.13 ? 500  HEM A C2B 1 
HETATM 909  C  C3B . HEM B 2 .   ? 0.482   -6.384  2.494   1.00 17.47 ? 500  HEM A C3B 1 
HETATM 910  C  C4B . HEM B 2 .   ? 0.032   -5.716  3.655   1.00 14.93 ? 500  HEM A C4B 1 
HETATM 911  C  CMB . HEM B 2 .   ? 0.141   -5.945  -0.058  1.00 15.67 ? 500  HEM A CMB 1 
HETATM 912  C  CAB . HEM B 2 .   ? 1.375   -7.472  2.583   1.00 22.68 ? 500  HEM A CAB 1 
HETATM 913  C  CBB . HEM B 2 .   ? 2.245   -8.072  1.492   1.00 19.03 ? 500  HEM A CBB 1 
HETATM 914  C  C1C . HEM B 2 .   ? -0.414  -5.679  6.051   1.00 15.27 ? 500  HEM A C1C 1 
HETATM 915  C  C2C . HEM B 2 .   ? -0.459  -6.292  7.363   1.00 16.79 ? 500  HEM A C2C 1 
HETATM 916  C  C3C . HEM B 2 .   ? -0.804  -5.311  8.212   1.00 17.82 ? 500  HEM A C3C 1 
HETATM 917  C  C4C . HEM B 2 .   ? -1.214  -4.181  7.404   1.00 16.12 ? 500  HEM A C4C 1 
HETATM 918  C  CMC . HEM B 2 .   ? -0.188  -7.763  7.689   1.00 17.67 ? 500  HEM A CMC 1 
HETATM 919  C  CAC . HEM B 2 .   ? -0.644  -5.235  9.614   1.00 24.84 ? 500  HEM A CAC 1 
HETATM 920  C  CBC . HEM B 2 .   ? -0.224  -6.306  10.615  1.00 23.76 ? 500  HEM A CBC 1 
HETATM 921  C  C1D . HEM B 2 .   ? -2.039  -1.882  7.210   1.00 13.52 ? 500  HEM A C1D 1 
HETATM 922  C  C2D . HEM B 2 .   ? -2.507  -0.654  7.807   1.00 13.61 ? 500  HEM A C2D 1 
HETATM 923  C  C3D . HEM B 2 .   ? -2.430  0.307   6.838   1.00 14.72 ? 500  HEM A C3D 1 
HETATM 924  C  C4D . HEM B 2 .   ? -1.929  -0.369  5.636   1.00 13.24 ? 500  HEM A C4D 1 
HETATM 925  C  CMD . HEM B 2 .   ? -2.936  -0.439  9.261   1.00 13.82 ? 500  HEM A CMD 1 
HETATM 926  C  CAD . HEM B 2 .   ? -2.698  1.804   7.018   1.00 14.05 ? 500  HEM A CAD 1 
HETATM 927  C  CBD . HEM B 2 .   ? -1.354  2.455   7.364   1.00 16.17 ? 500  HEM A CBD 1 
HETATM 928  C  CGD . HEM B 2 .   ? -1.457  3.925   7.716   1.00 15.36 ? 500  HEM A CGD 1 
HETATM 929  O  O1D . HEM B 2 .   ? -0.408  4.517   8.051   1.00 15.41 ? 500  HEM A O1D 1 
HETATM 930  O  O2D . HEM B 2 .   ? -2.569  4.496   7.660   1.00 16.86 ? 500  HEM A O2D 1 
HETATM 931  N  NA  . HEM B 2 .   ? -1.124  -1.757  3.132   1.00 13.73 ? 500  HEM A NA  1 
HETATM 932  N  NB  . HEM B 2 .   ? -0.362  -4.413  3.361   1.00 14.47 ? 500  HEM A NB  1 
HETATM 933  N  NC  . HEM B 2 .   ? -0.861  -4.370  6.087   1.00 14.32 ? 500  HEM A NC  1 
HETATM 934  N  ND  . HEM B 2 .   ? -1.692  -1.716  5.879   1.00 13.70 ? 500  HEM A ND  1 
HETATM 935  FE FE  . HEM B 2 .   ? -0.969  -3.063  4.623   1.00 14.03 ? 500  HEM A FE  1 
HETATM 936  O  O   . HOH C 3 .   ? 1.201   3.124   4.767   1.00 20.67 ? 1000 HOH A O   1 
HETATM 937  O  O   . HOH C 3 .   ? -9.439  -4.485  4.582   1.00 19.20 ? 1001 HOH A O   1 
HETATM 938  O  O   . HOH C 3 .   ? -5.060  0.676   11.798  1.00 21.03 ? 1002 HOH A O   1 
HETATM 939  O  O   . HOH C 3 .   ? -4.311  11.530  1.046   1.00 23.08 ? 1003 HOH A O   1 
HETATM 940  O  O   . HOH C 3 .   ? -6.655  -3.809  -6.465  1.00 22.75 ? 1004 HOH A O   1 
HETATM 941  O  O   . HOH C 3 .   ? 2.815   8.708   -7.409  1.00 26.25 ? 1005 HOH A O   1 
HETATM 942  O  O   . HOH C 3 .   ? 8.130   12.659  -4.169  1.00 24.48 ? 1006 HOH A O   1 
HETATM 943  O  O   . HOH C 3 .   ? 10.754  0.775   1.073   1.00 23.25 ? 1007 HOH A O   1 
HETATM 944  O  O   . HOH C 3 .   ? -8.116  9.215   7.234   1.00 23.99 ? 1008 HOH A O   1 
HETATM 945  O  O   . HOH C 3 .   ? -5.909  4.920   -0.850  1.00 22.60 ? 1009 HOH A O   1 
HETATM 946  O  O   . HOH C 3 .   ? -10.231 7.809   4.131   1.00 33.16 ? 1010 HOH A O   1 
HETATM 947  O  O   . HOH C 3 .   ? -9.659  -10.793 0.869   1.00 31.38 ? 1011 HOH A O   1 
HETATM 948  O  O   . HOH C 3 .   ? 1.517   16.523  2.003   1.00 28.28 ? 1012 HOH A O   1 
HETATM 949  O  O   . HOH C 3 .   ? 10.233  6.770   -1.912  1.00 31.22 ? 1013 HOH A O   1 
HETATM 950  O  O   . HOH C 3 .   ? 9.411   -11.680 1.955   1.00 33.67 ? 1014 HOH A O   1 
HETATM 951  O  O   . HOH C 3 .   ? -6.063  17.959  3.159   1.00 24.39 ? 1015 HOH A O   1 
HETATM 952  O  O   . HOH C 3 .   ? -11.950 -2.393  -8.499  1.00 29.20 ? 1016 HOH A O   1 
HETATM 953  O  O   . HOH C 3 .   ? -12.600 1.406   2.069   1.00 32.63 ? 1017 HOH A O   1 
HETATM 954  O  O   . HOH C 3 .   ? -6.781  10.181  4.834   1.00 40.40 ? 1018 HOH A O   1 
HETATM 955  O  O   . HOH C 3 .   ? 9.365   -0.610  -7.804  1.00 35.46 ? 1019 HOH A O   1 
HETATM 956  O  O   . HOH C 3 .   ? 3.321   8.566   14.031  1.00 44.69 ? 1020 HOH A O   1 
HETATM 957  O  O   . HOH C 3 .   ? -2.700  14.243  -4.511  1.00 33.13 ? 1021 HOH A O   1 
HETATM 958  O  O   . HOH C 3 .   ? -0.552  -2.761  11.347  1.00 35.18 ? 1022 HOH A O   1 
HETATM 959  O  O   . HOH C 3 .   ? 5.448   14.513  -5.404  1.00 32.07 ? 1023 HOH A O   1 
HETATM 960  O  O   . HOH C 3 .   ? -7.208  8.436   -6.598  1.00 36.51 ? 1024 HOH A O   1 
HETATM 961  O  O   . HOH C 3 .   ? 5.344   4.716   -10.431 1.00 34.05 ? 1025 HOH A O   1 
HETATM 962  O  O   . HOH C 3 .   ? -2.474  -9.372  -12.947 1.00 39.34 ? 1026 HOH A O   1 
HETATM 963  O  O   . HOH C 3 .   ? -0.680  9.598   12.681  1.00 28.23 ? 1027 HOH A O   1 
HETATM 964  O  O   . HOH C 3 .   ? -7.998  15.462  3.195   1.00 33.24 ? 1028 HOH A O   1 
HETATM 965  O  O   . HOH C 3 .   ? -6.640  12.887  1.101   1.00 33.70 ? 1029 HOH A O   1 
HETATM 966  O  O   . HOH C 3 .   ? 0.543   -11.253 8.211   1.00 43.69 ? 1030 HOH A O   1 
HETATM 967  O  O   . HOH C 3 .   ? 6.353   -15.501 -4.726  1.00 37.18 ? 1031 HOH A O   1 
HETATM 968  O  O   . HOH C 3 .   ? 14.738  -10.004 -2.911  1.00 41.94 ? 1032 HOH A O   1 
HETATM 969  O  O   . HOH C 3 .   ? -15.291 -2.457  8.693   1.00 45.57 ? 1033 HOH A O   1 
HETATM 970  O  O   . HOH C 3 .   ? -7.599  14.340  -4.141  1.00 36.21 ? 1034 HOH A O   1 
HETATM 971  O  O   . HOH C 3 .   ? -8.124  -10.414 11.029  1.00 38.50 ? 1035 HOH A O   1 
HETATM 972  O  O   . HOH C 3 .   ? 2.043   -16.989 1.935   1.00 33.11 ? 1036 HOH A O   1 
HETATM 973  O  O   . HOH C 3 .   ? 2.168   -13.280 7.646   1.00 33.29 ? 1037 HOH A O   1 
HETATM 974  O  O   . HOH C 3 .   ? -4.416  9.886   12.035  1.00 37.82 ? 1038 HOH A O   1 
HETATM 975  O  O   . HOH C 3 .   ? 1.916   13.015  -8.543  1.00 40.02 ? 1039 HOH A O   1 
HETATM 976  O  O   . HOH C 3 .   ? 7.309   -8.280  8.525   1.00 32.32 ? 1040 HOH A O   1 
HETATM 977  O  O   . HOH C 3 .   ? 3.466   -1.762  -14.684 1.00 59.51 ? 1041 HOH A O   1 
HETATM 978  O  O   . HOH C 3 .   ? 9.846   10.714  -4.936  1.00 43.25 ? 1042 HOH A O   1 
HETATM 979  O  O   . HOH C 3 .   ? -15.424 -0.910  5.396   1.00 36.48 ? 1043 HOH A O   1 
HETATM 980  O  O   . HOH C 3 .   ? -8.156  -12.939 -1.139  1.00 37.63 ? 1044 HOH A O   1 
HETATM 981  O  O   . HOH C 3 .   ? -7.494  -7.031  10.911  1.00 36.27 ? 1045 HOH A O   1 
HETATM 982  O  O   . HOH C 3 .   ? -6.693  7.233   -9.679  1.00 48.15 ? 1046 HOH A O   1 
HETATM 983  O  O   . HOH C 3 .   ? 12.976  -5.044  4.551   1.00 38.31 ? 1047 HOH A O   1 
HETATM 984  O  O   . HOH C 3 .   ? 4.120   -7.506  -10.767 1.00 32.47 ? 1048 HOH A O   1 
HETATM 985  O  O   . HOH C 3 .   ? -1.642  14.453  7.238   1.00 29.71 ? 1049 HOH A O   1 
HETATM 986  O  O   . HOH C 3 .   ? -2.024  -12.505 7.353   1.00 38.34 ? 1050 HOH A O   1 
HETATM 987  O  O   . HOH C 3 .   ? -5.618  -6.268  -14.634 1.00 43.93 ? 1051 HOH A O   1 
HETATM 988  O  O   . HOH C 3 .   ? -1.057  16.751  6.313   1.00 44.31 ? 1052 HOH A O   1 
HETATM 989  O  O   . HOH C 3 .   ? -15.586 3.658   9.055   1.00 40.62 ? 1053 HOH A O   1 
HETATM 990  O  O   . HOH C 3 .   ? 3.632   2.544   13.912  1.00 46.47 ? 1054 HOH A O   1 
HETATM 991  O  O   . HOH C 3 .   ? 7.794   -16.788 3.791   1.00 45.94 ? 1055 HOH A O   1 
HETATM 992  O  O   . HOH C 3 .   ? -9.790  -3.553  -16.521 1.00 45.21 ? 1056 HOH A O   1 
HETATM 993  O  O   . HOH C 3 .   ? -13.879 1.412   8.146   1.00 47.40 ? 1057 HOH A O   1 
HETATM 994  O  O   . HOH C 3 .   ? -4.964  -2.985  -12.337 1.00 39.39 ? 1058 HOH A O   1 
HETATM 995  O  O   . HOH C 3 .   ? -9.289  8.307   -4.255  1.00 41.83 ? 1059 HOH A O   1 
HETATM 996  O  O   . HOH C 3 .   ? 13.514  6.863   4.080   1.00 37.46 ? 1060 HOH A O   1 
HETATM 997  O  O   . HOH C 3 .   ? 1.970   9.517   10.936  1.00 21.73 ? 1061 HOH A O   1 
HETATM 998  O  O   . HOH C 3 .   ? 9.740   -15.499 4.801   1.00 44.80 ? 1062 HOH A O   1 
HETATM 999  O  O   . HOH C 3 .   ? -14.359 -7.976  3.371   1.00 47.17 ? 1063 HOH A O   1 
HETATM 1000 O  O   . HOH C 3 .   ? 14.242  -5.990  0.554   1.00 46.11 ? 1064 HOH A O   1 
HETATM 1001 O  O   . HOH C 3 .   ? -7.114  9.165   10.874  1.00 36.75 ? 1065 HOH A O   1 
HETATM 1002 O  O   . HOH C 3 .   ? -5.982  8.174   13.744  1.00 42.59 ? 1066 HOH A O   1 
HETATM 1003 O  O   . HOH C 3 .   ? 12.205  0.132   -2.040  1.00 44.18 ? 1067 HOH A O   1 
HETATM 1004 O  O   . HOH C 3 .   ? -8.735  -14.424 -5.190  1.00 45.31 ? 1068 HOH A O   1 
HETATM 1005 O  O   . HOH C 3 .   ? 6.898   -16.466 -8.817  1.00 47.81 ? 1069 HOH A O   1 
HETATM 1006 O  O   . HOH C 3 .   ? -9.117  12.436  1.862   1.00 48.95 ? 1070 HOH A O   1 
HETATM 1007 O  O   . HOH C 3 .   ? -13.886 -9.253  6.553   1.00 50.69 ? 1071 HOH A O   1 
HETATM 1008 O  O   . HOH C 3 .   ? -4.331  17.899  5.411   1.00 28.97 ? 1072 HOH A O   1 
HETATM 1009 O  O   . HOH C 3 .   ? 7.915   -12.908 4.115   1.00 42.14 ? 1073 HOH A O   1 
HETATM 1010 O  O   . HOH C 3 .   ? -9.050  10.105  3.290   1.00 50.16 ? 1075 HOH A O   1 
HETATM 1011 O  O   . HOH C 3 .   ? 13.246  0.010   1.530   1.00 45.78 ? 1076 HOH A O   1 
HETATM 1012 O  O   . HOH C 3 .   ? -1.324  7.172   13.344  1.00 48.48 ? 1078 HOH A O   1 
HETATM 1013 O  O   . HOH C 3 .   ? 0.763   5.700   13.173  1.00 48.43 ? 1079 HOH A O   1 
HETATM 1014 O  O   . HOH C 3 .   ? 13.100  -9.300  -13.611 1.00 49.81 ? 1080 HOH A O   1 
HETATM 1015 O  O   . HOH C 3 .   ? 8.547   3.417   -7.195  1.00 45.48 ? 1081 HOH A O   1 
HETATM 1016 O  O   . HOH C 3 .   ? 6.505   18.174  -5.420  1.00 48.12 ? 1082 HOH A O   1 
HETATM 1017 O  O   . HOH C 3 .   ? 6.157   14.831  10.393  1.00 55.99 ? 1083 HOH A O   1 
HETATM 1018 O  O   . HOH C 3 .   ? -3.075  -15.866 6.560   1.00 45.64 ? 1084 HOH A O   1 
HETATM 1019 O  O   . HOH C 3 .   ? -13.176 -10.551 8.688   1.00 46.58 ? 1086 HOH A O   1 
HETATM 1020 O  O   . HOH C 3 .   ? 7.367   7.093   8.665   1.00 64.22 ? 1087 HOH A O   1 
HETATM 1021 O  O   . HOH C 3 .   ? -12.233 7.550   -1.929  1.00 51.25 ? 1088 HOH A O   1 
HETATM 1022 O  O   . HOH C 3 .   ? 11.426  -1.730  -6.156  1.00 48.33 ? 1089 HOH A O   1 
# 
loop_
_pdbx_poly_seq_scheme.asym_id 
_pdbx_poly_seq_scheme.entity_id 
_pdbx_poly_seq_scheme.seq_id 
_pdbx_poly_seq_scheme.mon_id 
_pdbx_poly_seq_scheme.ndb_seq_num 
_pdbx_poly_seq_scheme.pdb_seq_num 
_pdbx_poly_seq_scheme.auth_seq_num 
_pdbx_poly_seq_scheme.pdb_mon_id 
_pdbx_poly_seq_scheme.auth_mon_id 
_pdbx_poly_seq_scheme.pdb_strand_id 
_pdbx_poly_seq_scheme.pdb_ins_code 
_pdbx_poly_seq_scheme.hetero 
A 1 1   GLU 1   1   ?   ?   ?   A . n 
A 1 2   ASP 2   2   ?   ?   ?   A . n 
A 1 3   GLY 3   3   3   GLY GLY A . n 
A 1 4   ASP 4   4   4   ASP ASP A . n 
A 1 5   PRO 5   5   5   PRO PRO A . n 
A 1 6   ALA 6   6   6   ALA ALA A . n 
A 1 7   LYS 7   7   7   LYS LYS A . n 
A 1 8   GLY 8   8   8   GLY GLY A . n 
A 1 9   GLU 9   9   9   GLU GLU A . n 
A 1 10  ALA 10  10  10  ALA ALA A . n 
A 1 11  VAL 11  11  11  VAL VAL A . n 
A 1 12  PHE 12  12  12  PHE PHE A . n 
A 1 13  LYS 13  13  13  LYS LYS A . n 
A 1 14  LYS 14  14  14  LYS LYS A . n 
A 1 15  CYS 15  15  15  CYS CYS A . n 
A 1 16  MET 16  16  16  MET MET A . n 
A 1 17  ALA 17  17  17  ALA ALA A . n 
A 1 18  CYS 18  18  18  CYS CYS A . n 
A 1 19  HIS 19  19  19  HIS HIS A . n 
A 1 20  ARG 20  20  20  ARG ARG A . n 
A 1 21  VAL 21  21  21  VAL VAL A . n 
A 1 22  GLY 22  22  22  GLY GLY A . n 
A 1 23  PRO 23  23  23  PRO PRO A . n 
A 1 24  ASP 24  24  24  ASP ASP A . n 
A 1 25  ALA 25  25  25  ALA ALA A . n 
A 1 26  LYS 26  26  26  LYS LYS A . n 
A 1 27  ASN 27  27  27  ASN ASN A . n 
A 1 28  LEU 28  28  28  LEU LEU A . n 
A 1 29  VAL 29  29  29  VAL VAL A . n 
A 1 30  GLY 30  30  30  GLY GLY A . n 
A 1 31  PRO 31  31  31  PRO PRO A . n 
A 1 32  ALA 32  32  32  ALA ALA A . n 
A 1 33  LEU 33  33  33  LEU LEU A . n 
A 1 34  THR 34  34  34  THR THR A . n 
A 1 35  GLY 35  35  35  GLY GLY A . n 
A 1 36  VAL 36  36  36  VAL VAL A . n 
A 1 37  ILE 37  37  37  ILE ILE A . n 
A 1 38  ASP 38  38  38  ASP ASP A . n 
A 1 39  ARG 39  39  39  ARG ARG A . n 
A 1 40  GLN 40  40  40  GLN GLN A . n 
A 1 41  ALA 41  41  41  ALA ALA A . n 
A 1 42  GLY 42  42  42  GLY GLY A . n 
A 1 43  THR 43  43  43  THR THR A . n 
A 1 44  ALA 44  44  44  ALA ALA A . n 
A 1 45  PRO 45  45  45  PRO PRO A . n 
A 1 46  GLY 46  46  46  GLY GLY A . n 
A 1 47  PHE 47  47  47  PHE PHE A . n 
A 1 48  ASN 48  48  48  ASN ASN A . n 
A 1 49  TYR 49  49  49  TYR TYR A . n 
A 1 50  SER 50  50  50  SER SER A . n 
A 1 51  ALA 51  51  51  ALA ALA A . n 
A 1 52  ILE 52  52  52  ILE ILE A . n 
A 1 53  ASN 53  53  53  ASN ASN A . n 
A 1 54  HIS 54  54  54  HIS HIS A . n 
A 1 55  ALA 55  55  55  ALA ALA A . n 
A 1 56  ALA 56  56  56  ALA ALA A . n 
A 1 57  GLY 57  57  57  GLY GLY A . n 
A 1 58  GLU 58  58  58  GLU GLU A . n 
A 1 59  ALA 59  59  59  ALA ALA A . n 
A 1 60  GLY 60  60  60  GLY GLY A . n 
A 1 61  LEU 61  61  61  LEU LEU A . n 
A 1 62  HIS 62  62  62  HIS HIS A . n 
A 1 63  TRP 63  63  63  TRP TRP A . n 
A 1 64  THR 64  64  64  THR THR A . n 
A 1 65  PRO 65  65  65  PRO PRO A . n 
A 1 66  GLU 66  66  66  GLU GLU A . n 
A 1 67  ASN 67  67  67  ASN ASN A . n 
A 1 68  ILE 68  68  68  ILE ILE A . n 
A 1 69  ILE 69  69  69  ILE ILE A . n 
A 1 70  ALA 70  70  70  ALA ALA A . n 
A 1 71  TYR 71  71  71  TYR TYR A . n 
A 1 72  LEU 72  72  72  LEU LEU A . n 
A 1 73  PRO 73  73  73  PRO PRO A . n 
A 1 74  ASP 74  74  74  ASP ASP A . n 
A 1 75  PRO 75  75  75  PRO PRO A . n 
A 1 76  ASN 76  76  76  ASN ASN A . n 
A 1 77  ALA 77  77  77  ALA ALA A . n 
A 1 78  PHE 78  78  78  PHE PHE A . n 
A 1 79  LEU 79  79  79  LEU LEU A . n 
A 1 80  ARG 80  80  80  ARG ARG A . n 
A 1 81  LYS 81  81  81  LYS LYS A . n 
A 1 82  PHE 82  82  82  PHE PHE A . n 
A 1 83  LEU 83  83  83  LEU LEU A . n 
A 1 84  ALA 84  84  84  ALA ALA A . n 
A 1 85  ASP 85  85  85  ASP ASP A . n 
A 1 86  ALA 86  86  86  ALA ALA A . n 
A 1 87  GLY 87  87  87  GLY GLY A . n 
A 1 88  HIS 88  88  88  HIS HIS A . n 
A 1 89  ALA 89  89  89  ALA ALA A . n 
A 1 90  GLU 90  90  90  GLU GLU A . n 
A 1 91  GLN 91  91  91  GLN GLN A . n 
A 1 92  ALA 92  92  92  ALA ALA A . n 
A 1 93  LYS 93  93  93  LYS LYS A . n 
A 1 94  GLY 94  94  94  GLY GLY A . n 
A 1 95  SER 95  95  95  SER SER A . n 
A 1 96  THR 96  96  96  THR THR A . n 
A 1 97  LYS 97  97  97  LYS LYS A . n 
A 1 98  MET 98  98  98  MET MET A . n 
A 1 99  VAL 99  99  99  VAL VAL A . n 
A 1 100 PHE 100 100 100 PHE PHE A . n 
A 1 101 LYS 101 101 101 LYS LYS A . n 
A 1 102 LEU 102 102 102 LEU LEU A . n 
A 1 103 PRO 103 103 103 PRO PRO A . n 
A 1 104 ASP 104 104 104 ASP ASP A . n 
A 1 105 GLU 105 105 105 GLU GLU A . n 
A 1 106 GLN 106 106 106 GLN GLN A . n 
A 1 107 GLU 107 107 107 GLU GLU A . n 
A 1 108 ARG 108 108 108 ARG ARG A . n 
A 1 109 LYS 109 109 109 LYS LYS A . n 
A 1 110 ASP 110 110 110 ASP ASP A . n 
A 1 111 VAL 111 111 111 VAL VAL A . n 
A 1 112 VAL 112 112 112 VAL VAL A . n 
A 1 113 ALA 113 113 113 ALA ALA A . n 
A 1 114 TYR 114 114 114 TYR TYR A . n 
A 1 115 LEU 115 115 115 LEU LEU A . n 
A 1 116 LYS 116 116 116 LYS LYS A . n 
A 1 117 GLN 117 117 117 GLN GLN A . n 
A 1 118 PHE 118 118 118 PHE PHE A . n 
A 1 119 SER 119 119 119 SER SER A . n 
A 1 120 PRO 120 120 120 PRO PRO A . n 
A 1 121 GLN 121 121 ?   ?   ?   A . n 
# 
loop_
_pdbx_nonpoly_scheme.asym_id 
_pdbx_nonpoly_scheme.entity_id 
_pdbx_nonpoly_scheme.mon_id 
_pdbx_nonpoly_scheme.ndb_seq_num 
_pdbx_nonpoly_scheme.pdb_seq_num 
_pdbx_nonpoly_scheme.auth_seq_num 
_pdbx_nonpoly_scheme.pdb_mon_id 
_pdbx_nonpoly_scheme.auth_mon_id 
_pdbx_nonpoly_scheme.pdb_strand_id 
_pdbx_nonpoly_scheme.pdb_ins_code 
B 2 HEM 1  500  500  HEM HEM A . 
C 3 HOH 1  1000 1000 HOH TIP A . 
C 3 HOH 2  1001 1001 HOH TIP A . 
C 3 HOH 3  1002 1002 HOH TIP A . 
C 3 HOH 4  1003 1003 HOH TIP A . 
C 3 HOH 5  1004 1004 HOH TIP A . 
C 3 HOH 6  1005 1005 HOH TIP A . 
C 3 HOH 7  1006 1006 HOH TIP A . 
C 3 HOH 8  1007 1007 HOH TIP A . 
C 3 HOH 9  1008 1008 HOH TIP A . 
C 3 HOH 10 1009 1009 HOH TIP A . 
C 3 HOH 11 1010 1010 HOH TIP A . 
C 3 HOH 12 1011 1011 HOH TIP A . 
C 3 HOH 13 1012 1012 HOH TIP A . 
C 3 HOH 14 1013 1013 HOH TIP A . 
C 3 HOH 15 1014 1014 HOH TIP A . 
C 3 HOH 16 1015 1015 HOH TIP A . 
C 3 HOH 17 1016 1016 HOH TIP A . 
C 3 HOH 18 1017 1017 HOH TIP A . 
C 3 HOH 19 1018 1018 HOH TIP A . 
C 3 HOH 20 1019 1019 HOH TIP A . 
C 3 HOH 21 1020 1020 HOH TIP A . 
C 3 HOH 22 1021 1021 HOH TIP A . 
C 3 HOH 23 1022 1022 HOH TIP A . 
C 3 HOH 24 1023 1023 HOH TIP A . 
C 3 HOH 25 1024 1024 HOH TIP A . 
C 3 HOH 26 1025 1025 HOH TIP A . 
C 3 HOH 27 1026 1026 HOH TIP A . 
C 3 HOH 28 1027 1027 HOH TIP A . 
C 3 HOH 29 1028 1028 HOH TIP A . 
C 3 HOH 30 1029 1029 HOH TIP A . 
C 3 HOH 31 1030 1030 HOH TIP A . 
C 3 HOH 32 1031 1031 HOH TIP A . 
C 3 HOH 33 1032 1032 HOH TIP A . 
C 3 HOH 34 1033 1033 HOH TIP A . 
C 3 HOH 35 1034 1034 HOH TIP A . 
C 3 HOH 36 1035 1035 HOH TIP A . 
C 3 HOH 37 1036 1036 HOH TIP A . 
C 3 HOH 38 1037 1037 HOH TIP A . 
C 3 HOH 39 1038 1038 HOH TIP A . 
C 3 HOH 40 1039 1039 HOH TIP A . 
C 3 HOH 41 1040 1040 HOH TIP A . 
C 3 HOH 42 1041 1041 HOH TIP A . 
C 3 HOH 43 1042 1042 HOH TIP A . 
C 3 HOH 44 1043 1043 HOH TIP A . 
C 3 HOH 45 1044 1044 HOH TIP A . 
C 3 HOH 46 1045 1045 HOH TIP A . 
C 3 HOH 47 1046 1046 HOH TIP A . 
C 3 HOH 48 1047 1047 HOH TIP A . 
C 3 HOH 49 1048 1048 HOH TIP A . 
C 3 HOH 50 1049 1049 HOH TIP A . 
C 3 HOH 51 1050 1050 HOH TIP A . 
C 3 HOH 52 1051 1051 HOH TIP A . 
C 3 HOH 53 1052 1052 HOH TIP A . 
C 3 HOH 54 1053 1053 HOH TIP A . 
C 3 HOH 55 1054 1054 HOH TIP A . 
C 3 HOH 56 1055 1055 HOH TIP A . 
C 3 HOH 57 1056 1056 HOH TIP A . 
C 3 HOH 58 1057 1057 HOH TIP A . 
C 3 HOH 59 1058 1058 HOH TIP A . 
C 3 HOH 60 1059 1059 HOH TIP A . 
C 3 HOH 61 1060 1060 HOH TIP A . 
C 3 HOH 62 1061 1061 HOH TIP A . 
C 3 HOH 63 1062 1062 HOH TIP A . 
C 3 HOH 64 1063 1063 HOH TIP A . 
C 3 HOH 65 1064 1064 HOH TIP A . 
C 3 HOH 66 1065 1065 HOH TIP A . 
C 3 HOH 67 1066 1066 HOH TIP A . 
C 3 HOH 68 1067 1067 HOH TIP A . 
C 3 HOH 69 1068 1068 HOH TIP A . 
C 3 HOH 70 1069 1069 HOH TIP A . 
C 3 HOH 71 1070 1070 HOH TIP A . 
C 3 HOH 72 1071 1071 HOH TIP A . 
C 3 HOH 73 1072 1072 HOH TIP A . 
C 3 HOH 74 1073 1073 HOH TIP A . 
C 3 HOH 75 1075 1075 HOH TIP A . 
C 3 HOH 76 1076 1076 HOH TIP A . 
C 3 HOH 77 1078 1078 HOH TIP A . 
C 3 HOH 78 1079 1079 HOH TIP A . 
C 3 HOH 79 1080 1080 HOH TIP A . 
C 3 HOH 80 1081 1081 HOH TIP A . 
C 3 HOH 81 1082 1082 HOH TIP A . 
C 3 HOH 82 1083 1083 HOH TIP A . 
C 3 HOH 83 1084 1084 HOH TIP A . 
C 3 HOH 84 1086 1086 HOH TIP A . 
C 3 HOH 85 1087 1087 HOH TIP A . 
C 3 HOH 86 1088 1088 HOH TIP A . 
C 3 HOH 87 1089 1089 HOH TIP A . 
# 
_pdbx_struct_assembly.id                   1 
_pdbx_struct_assembly.details              author_defined_assembly 
_pdbx_struct_assembly.method_details       ? 
_pdbx_struct_assembly.oligomeric_details   monomeric 
_pdbx_struct_assembly.oligomeric_count     1 
# 
_pdbx_struct_assembly_gen.assembly_id       1 
_pdbx_struct_assembly_gen.oper_expression   1 
_pdbx_struct_assembly_gen.asym_id_list      A,B,C 
# 
_pdbx_struct_oper_list.id                   1 
_pdbx_struct_oper_list.type                 'identity operation' 
_pdbx_struct_oper_list.name                 1_555 
_pdbx_struct_oper_list.symmetry_operation   x,y,z 
_pdbx_struct_oper_list.matrix[1][1]         1.0000000000 
_pdbx_struct_oper_list.matrix[1][2]         0.0000000000 
_pdbx_struct_oper_list.matrix[1][3]         0.0000000000 
_pdbx_struct_oper_list.vector[1]            0.0000000000 
_pdbx_struct_oper_list.matrix[2][1]         0.0000000000 
_pdbx_struct_oper_list.matrix[2][2]         1.0000000000 
_pdbx_struct_oper_list.matrix[2][3]         0.0000000000 
_pdbx_struct_oper_list.vector[2]            0.0000000000 
_pdbx_struct_oper_list.matrix[3][1]         0.0000000000 
_pdbx_struct_oper_list.matrix[3][2]         0.0000000000 
_pdbx_struct_oper_list.matrix[3][3]         1.0000000000 
_pdbx_struct_oper_list.vector[3]            0.0000000000 
# 
loop_
_pdbx_struct_conn_angle.id 
_pdbx_struct_conn_angle.ptnr1_label_atom_id 
_pdbx_struct_conn_angle.ptnr1_label_alt_id 
_pdbx_struct_conn_angle.ptnr1_label_asym_id 
_pdbx_struct_conn_angle.ptnr1_label_comp_id 
_pdbx_struct_conn_angle.ptnr1_label_seq_id 
_pdbx_struct_conn_angle.ptnr1_auth_atom_id 
_pdbx_struct_conn_angle.ptnr1_auth_asym_id 
_pdbx_struct_conn_angle.ptnr1_auth_comp_id 
_pdbx_struct_conn_angle.ptnr1_auth_seq_id 
_pdbx_struct_conn_angle.ptnr1_PDB_ins_code 
_pdbx_struct_conn_angle.ptnr1_symmetry 
_pdbx_struct_conn_angle.ptnr2_label_atom_id 
_pdbx_struct_conn_angle.ptnr2_label_alt_id 
_pdbx_struct_conn_angle.ptnr2_label_asym_id 
_pdbx_struct_conn_angle.ptnr2_label_comp_id 
_pdbx_struct_conn_angle.ptnr2_label_seq_id 
_pdbx_struct_conn_angle.ptnr2_auth_atom_id 
_pdbx_struct_conn_angle.ptnr2_auth_asym_id 
_pdbx_struct_conn_angle.ptnr2_auth_comp_id 
_pdbx_struct_conn_angle.ptnr2_auth_seq_id 
_pdbx_struct_conn_angle.ptnr2_PDB_ins_code 
_pdbx_struct_conn_angle.ptnr2_symmetry 
_pdbx_struct_conn_angle.ptnr3_label_atom_id 
_pdbx_struct_conn_angle.ptnr3_label_alt_id 
_pdbx_struct_conn_angle.ptnr3_label_asym_id 
_pdbx_struct_conn_angle.ptnr3_label_comp_id 
_pdbx_struct_conn_angle.ptnr3_label_seq_id 
_pdbx_struct_conn_angle.ptnr3_auth_atom_id 
_pdbx_struct_conn_angle.ptnr3_auth_asym_id 
_pdbx_struct_conn_angle.ptnr3_auth_comp_id 
_pdbx_struct_conn_angle.ptnr3_auth_seq_id 
_pdbx_struct_conn_angle.ptnr3_PDB_ins_code 
_pdbx_struct_conn_angle.ptnr3_symmetry 
_pdbx_struct_conn_angle.value 
_pdbx_struct_conn_angle.value_esd 
1  NE2 ? A HIS 19 ? A HIS 19  ? 1_555 FE ? B HEM . ? A HEM 500 ? 1_555 NA ? B HEM .  ? A HEM 500 ? 1_555 89.0  ? 
2  NE2 ? A HIS 19 ? A HIS 19  ? 1_555 FE ? B HEM . ? A HEM 500 ? 1_555 NB ? B HEM .  ? A HEM 500 ? 1_555 91.2  ? 
3  NA  ? B HEM .  ? A HEM 500 ? 1_555 FE ? B HEM . ? A HEM 500 ? 1_555 NB ? B HEM .  ? A HEM 500 ? 1_555 89.7  ? 
4  NE2 ? A HIS 19 ? A HIS 19  ? 1_555 FE ? B HEM . ? A HEM 500 ? 1_555 NC ? B HEM .  ? A HEM 500 ? 1_555 89.6  ? 
5  NA  ? B HEM .  ? A HEM 500 ? 1_555 FE ? B HEM . ? A HEM 500 ? 1_555 NC ? B HEM .  ? A HEM 500 ? 1_555 178.6 ? 
6  NB  ? B HEM .  ? A HEM 500 ? 1_555 FE ? B HEM . ? A HEM 500 ? 1_555 NC ? B HEM .  ? A HEM 500 ? 1_555 90.2  ? 
7  NE2 ? A HIS 19 ? A HIS 19  ? 1_555 FE ? B HEM . ? A HEM 500 ? 1_555 ND ? B HEM .  ? A HEM 500 ? 1_555 85.5  ? 
8  NA  ? B HEM .  ? A HEM 500 ? 1_555 FE ? B HEM . ? A HEM 500 ? 1_555 ND ? B HEM .  ? A HEM 500 ? 1_555 90.0  ? 
9  NB  ? B HEM .  ? A HEM 500 ? 1_555 FE ? B HEM . ? A HEM 500 ? 1_555 ND ? B HEM .  ? A HEM 500 ? 1_555 176.7 ? 
10 NC  ? B HEM .  ? A HEM 500 ? 1_555 FE ? B HEM . ? A HEM 500 ? 1_555 ND ? B HEM .  ? A HEM 500 ? 1_555 90.0  ? 
11 NE2 ? A HIS 19 ? A HIS 19  ? 1_555 FE ? B HEM . ? A HEM 500 ? 1_555 SD ? A MET 98 ? A MET 98  ? 1_555 172.4 ? 
12 NA  ? B HEM .  ? A HEM 500 ? 1_555 FE ? B HEM . ? A HEM 500 ? 1_555 SD ? A MET 98 ? A MET 98  ? 1_555 85.8  ? 
13 NB  ? B HEM .  ? A HEM 500 ? 1_555 FE ? B HEM . ? A HEM 500 ? 1_555 SD ? A MET 98 ? A MET 98  ? 1_555 94.3  ? 
14 NC  ? B HEM .  ? A HEM 500 ? 1_555 FE ? B HEM . ? A HEM 500 ? 1_555 SD ? A MET 98 ? A MET 98  ? 1_555 95.6  ? 
15 ND  ? B HEM .  ? A HEM 500 ? 1_555 FE ? B HEM . ? A HEM 500 ? 1_555 SD ? A MET 98 ? A MET 98  ? 1_555 88.9  ? 
# 
loop_
_pdbx_audit_revision_history.ordinal 
_pdbx_audit_revision_history.data_content_type 
_pdbx_audit_revision_history.major_revision 
_pdbx_audit_revision_history.minor_revision 
_pdbx_audit_revision_history.revision_date 
1 'Structure model' 1 0 2001-11-07 
2 'Structure model' 1 1 2008-04-27 
3 'Structure model' 1 2 2011-07-13 
4 'Structure model' 1 3 2018-04-04 
5 'Structure model' 1 4 2023-08-16 
# 
_pdbx_audit_revision_details.ordinal             1 
_pdbx_audit_revision_details.revision_ordinal    1 
_pdbx_audit_revision_details.data_content_type   'Structure model' 
_pdbx_audit_revision_details.provider            repository 
_pdbx_audit_revision_details.type                'Initial release' 
_pdbx_audit_revision_details.description         ? 
_pdbx_audit_revision_details.details             ? 
# 
loop_
_pdbx_audit_revision_group.ordinal 
_pdbx_audit_revision_group.revision_ordinal 
_pdbx_audit_revision_group.data_content_type 
_pdbx_audit_revision_group.group 
1 2 'Structure model' 'Version format compliance' 
2 3 'Structure model' 'Version format compliance' 
3 4 'Structure model' 'Data collection'           
4 5 'Structure model' 'Data collection'           
5 5 'Structure model' 'Database references'       
6 5 'Structure model' 'Derived calculations'      
7 5 'Structure model' 'Refinement description'    
# 
loop_
_pdbx_audit_revision_category.ordinal 
_pdbx_audit_revision_category.revision_ordinal 
_pdbx_audit_revision_category.data_content_type 
_pdbx_audit_revision_category.category 
1 4 'Structure model' diffrn_source                 
2 5 'Structure model' chem_comp_atom                
3 5 'Structure model' chem_comp_bond                
4 5 'Structure model' database_2                    
5 5 'Structure model' pdbx_initial_refinement_model 
6 5 'Structure model' struct_conn                   
7 5 'Structure model' struct_site                   
# 
loop_
_pdbx_audit_revision_item.ordinal 
_pdbx_audit_revision_item.revision_ordinal 
_pdbx_audit_revision_item.data_content_type 
_pdbx_audit_revision_item.item 
1  4 'Structure model' '_diffrn_source.type'                 
2  5 'Structure model' '_database_2.pdbx_DOI'                
3  5 'Structure model' '_database_2.pdbx_database_accession' 
4  5 'Structure model' '_struct_conn.ptnr1_auth_comp_id'     
5  5 'Structure model' '_struct_conn.ptnr1_auth_seq_id'      
6  5 'Structure model' '_struct_conn.ptnr1_label_asym_id'    
7  5 'Structure model' '_struct_conn.ptnr1_label_atom_id'    
8  5 'Structure model' '_struct_conn.ptnr1_label_comp_id'    
9  5 'Structure model' '_struct_conn.ptnr1_label_seq_id'     
10 5 'Structure model' '_struct_conn.ptnr2_auth_comp_id'     
11 5 'Structure model' '_struct_conn.ptnr2_auth_seq_id'      
12 5 'Structure model' '_struct_conn.ptnr2_label_asym_id'    
13 5 'Structure model' '_struct_conn.ptnr2_label_atom_id'    
14 5 'Structure model' '_struct_conn.ptnr2_label_comp_id'    
15 5 'Structure model' '_struct_conn.ptnr2_label_seq_id'     
16 5 'Structure model' '_struct_site.pdbx_auth_asym_id'      
17 5 'Structure model' '_struct_site.pdbx_auth_comp_id'      
18 5 'Structure model' '_struct_site.pdbx_auth_seq_id'       
# 
loop_
_software.name 
_software.classification 
_software.version 
_software.citation_id 
_software.pdbx_ordinal 
CNS       refinement       . ? 1 
DENZO     'data reduction' . ? 2 
SCALEPACK 'data scaling'   . ? 3 
CNS       phasing          . ? 4 
# 
loop_
_pdbx_validate_torsion.id 
_pdbx_validate_torsion.PDB_model_num 
_pdbx_validate_torsion.auth_comp_id 
_pdbx_validate_torsion.auth_asym_id 
_pdbx_validate_torsion.auth_seq_id 
_pdbx_validate_torsion.PDB_ins_code 
_pdbx_validate_torsion.label_alt_id 
_pdbx_validate_torsion.phi 
_pdbx_validate_torsion.psi 
1 1 LEU A 28 ? ? -129.13 -132.70 
2 1 ASP A 74 ? ? -166.69 87.11   
3 1 VAL A 99 ? ? -100.38 72.43   
# 
loop_
_pdbx_unobs_or_zero_occ_residues.id 
_pdbx_unobs_or_zero_occ_residues.PDB_model_num 
_pdbx_unobs_or_zero_occ_residues.polymer_flag 
_pdbx_unobs_or_zero_occ_residues.occupancy_flag 
_pdbx_unobs_or_zero_occ_residues.auth_asym_id 
_pdbx_unobs_or_zero_occ_residues.auth_comp_id 
_pdbx_unobs_or_zero_occ_residues.auth_seq_id 
_pdbx_unobs_or_zero_occ_residues.PDB_ins_code 
_pdbx_unobs_or_zero_occ_residues.label_asym_id 
_pdbx_unobs_or_zero_occ_residues.label_comp_id 
_pdbx_unobs_or_zero_occ_residues.label_seq_id 
1 1 Y 1 A GLU 1   ? A GLU 1   
2 1 Y 1 A ASP 2   ? A ASP 2   
3 1 Y 1 A GLN 121 ? A GLN 121 
# 
loop_
_chem_comp_atom.comp_id 
_chem_comp_atom.atom_id 
_chem_comp_atom.type_symbol 
_chem_comp_atom.pdbx_aromatic_flag 
_chem_comp_atom.pdbx_stereo_config 
_chem_comp_atom.pdbx_ordinal 
ALA N    N  N N 1   
ALA CA   C  N S 2   
ALA C    C  N N 3   
ALA O    O  N N 4   
ALA CB   C  N N 5   
ALA OXT  O  N N 6   
ALA H    H  N N 7   
ALA H2   H  N N 8   
ALA HA   H  N N 9   
ALA HB1  H  N N 10  
ALA HB2  H  N N 11  
ALA HB3  H  N N 12  
ALA HXT  H  N N 13  
ARG N    N  N N 14  
ARG CA   C  N S 15  
ARG C    C  N N 16  
ARG O    O  N N 17  
ARG CB   C  N N 18  
ARG CG   C  N N 19  
ARG CD   C  N N 20  
ARG NE   N  N N 21  
ARG CZ   C  N N 22  
ARG NH1  N  N N 23  
ARG NH2  N  N N 24  
ARG OXT  O  N N 25  
ARG H    H  N N 26  
ARG H2   H  N N 27  
ARG HA   H  N N 28  
ARG HB2  H  N N 29  
ARG HB3  H  N N 30  
ARG HG2  H  N N 31  
ARG HG3  H  N N 32  
ARG HD2  H  N N 33  
ARG HD3  H  N N 34  
ARG HE   H  N N 35  
ARG HH11 H  N N 36  
ARG HH12 H  N N 37  
ARG HH21 H  N N 38  
ARG HH22 H  N N 39  
ARG HXT  H  N N 40  
ASN N    N  N N 41  
ASN CA   C  N S 42  
ASN C    C  N N 43  
ASN O    O  N N 44  
ASN CB   C  N N 45  
ASN CG   C  N N 46  
ASN OD1  O  N N 47  
ASN ND2  N  N N 48  
ASN OXT  O  N N 49  
ASN H    H  N N 50  
ASN H2   H  N N 51  
ASN HA   H  N N 52  
ASN HB2  H  N N 53  
ASN HB3  H  N N 54  
ASN HD21 H  N N 55  
ASN HD22 H  N N 56  
ASN HXT  H  N N 57  
ASP N    N  N N 58  
ASP CA   C  N S 59  
ASP C    C  N N 60  
ASP O    O  N N 61  
ASP CB   C  N N 62  
ASP CG   C  N N 63  
ASP OD1  O  N N 64  
ASP OD2  O  N N 65  
ASP OXT  O  N N 66  
ASP H    H  N N 67  
ASP H2   H  N N 68  
ASP HA   H  N N 69  
ASP HB2  H  N N 70  
ASP HB3  H  N N 71  
ASP HD2  H  N N 72  
ASP HXT  H  N N 73  
CYS N    N  N N 74  
CYS CA   C  N R 75  
CYS C    C  N N 76  
CYS O    O  N N 77  
CYS CB   C  N N 78  
CYS SG   S  N N 79  
CYS OXT  O  N N 80  
CYS H    H  N N 81  
CYS H2   H  N N 82  
CYS HA   H  N N 83  
CYS HB2  H  N N 84  
CYS HB3  H  N N 85  
CYS HG   H  N N 86  
CYS HXT  H  N N 87  
GLN N    N  N N 88  
GLN CA   C  N S 89  
GLN C    C  N N 90  
GLN O    O  N N 91  
GLN CB   C  N N 92  
GLN CG   C  N N 93  
GLN CD   C  N N 94  
GLN OE1  O  N N 95  
GLN NE2  N  N N 96  
GLN OXT  O  N N 97  
GLN H    H  N N 98  
GLN H2   H  N N 99  
GLN HA   H  N N 100 
GLN HB2  H  N N 101 
GLN HB3  H  N N 102 
GLN HG2  H  N N 103 
GLN HG3  H  N N 104 
GLN HE21 H  N N 105 
GLN HE22 H  N N 106 
GLN HXT  H  N N 107 
GLU N    N  N N 108 
GLU CA   C  N S 109 
GLU C    C  N N 110 
GLU O    O  N N 111 
GLU CB   C  N N 112 
GLU CG   C  N N 113 
GLU CD   C  N N 114 
GLU OE1  O  N N 115 
GLU OE2  O  N N 116 
GLU OXT  O  N N 117 
GLU H    H  N N 118 
GLU H2   H  N N 119 
GLU HA   H  N N 120 
GLU HB2  H  N N 121 
GLU HB3  H  N N 122 
GLU HG2  H  N N 123 
GLU HG3  H  N N 124 
GLU HE2  H  N N 125 
GLU HXT  H  N N 126 
GLY N    N  N N 127 
GLY CA   C  N N 128 
GLY C    C  N N 129 
GLY O    O  N N 130 
GLY OXT  O  N N 131 
GLY H    H  N N 132 
GLY H2   H  N N 133 
GLY HA2  H  N N 134 
GLY HA3  H  N N 135 
GLY HXT  H  N N 136 
HEM CHA  C  N N 137 
HEM CHB  C  N N 138 
HEM CHC  C  N N 139 
HEM CHD  C  N N 140 
HEM C1A  C  Y N 141 
HEM C2A  C  Y N 142 
HEM C3A  C  Y N 143 
HEM C4A  C  Y N 144 
HEM CMA  C  N N 145 
HEM CAA  C  N N 146 
HEM CBA  C  N N 147 
HEM CGA  C  N N 148 
HEM O1A  O  N N 149 
HEM O2A  O  N N 150 
HEM C1B  C  N N 151 
HEM C2B  C  N N 152 
HEM C3B  C  N N 153 
HEM C4B  C  N N 154 
HEM CMB  C  N N 155 
HEM CAB  C  N N 156 
HEM CBB  C  N N 157 
HEM C1C  C  Y N 158 
HEM C2C  C  Y N 159 
HEM C3C  C  Y N 160 
HEM C4C  C  Y N 161 
HEM CMC  C  N N 162 
HEM CAC  C  N N 163 
HEM CBC  C  N N 164 
HEM C1D  C  N N 165 
HEM C2D  C  N N 166 
HEM C3D  C  N N 167 
HEM C4D  C  N N 168 
HEM CMD  C  N N 169 
HEM CAD  C  N N 170 
HEM CBD  C  N N 171 
HEM CGD  C  N N 172 
HEM O1D  O  N N 173 
HEM O2D  O  N N 174 
HEM NA   N  Y N 175 
HEM NB   N  N N 176 
HEM NC   N  Y N 177 
HEM ND   N  N N 178 
HEM FE   FE N N 179 
HEM HHB  H  N N 180 
HEM HHC  H  N N 181 
HEM HHD  H  N N 182 
HEM HMA  H  N N 183 
HEM HMAA H  N N 184 
HEM HMAB H  N N 185 
HEM HAA  H  N N 186 
HEM HAAA H  N N 187 
HEM HBA  H  N N 188 
HEM HBAA H  N N 189 
HEM HMB  H  N N 190 
HEM HMBA H  N N 191 
HEM HMBB H  N N 192 
HEM HAB  H  N N 193 
HEM HBB  H  N N 194 
HEM HBBA H  N N 195 
HEM HMC  H  N N 196 
HEM HMCA H  N N 197 
HEM HMCB H  N N 198 
HEM HAC  H  N N 199 
HEM HBC  H  N N 200 
HEM HBCA H  N N 201 
HEM HMD  H  N N 202 
HEM HMDA H  N N 203 
HEM HMDB H  N N 204 
HEM HAD  H  N N 205 
HEM HADA H  N N 206 
HEM HBD  H  N N 207 
HEM HBDA H  N N 208 
HEM H2A  H  N N 209 
HEM H2D  H  N N 210 
HEM HHA  H  N N 211 
HIS N    N  N N 212 
HIS CA   C  N S 213 
HIS C    C  N N 214 
HIS O    O  N N 215 
HIS CB   C  N N 216 
HIS CG   C  Y N 217 
HIS ND1  N  Y N 218 
HIS CD2  C  Y N 219 
HIS CE1  C  Y N 220 
HIS NE2  N  Y N 221 
HIS OXT  O  N N 222 
HIS H    H  N N 223 
HIS H2   H  N N 224 
HIS HA   H  N N 225 
HIS HB2  H  N N 226 
HIS HB3  H  N N 227 
HIS HD1  H  N N 228 
HIS HD2  H  N N 229 
HIS HE1  H  N N 230 
HIS HE2  H  N N 231 
HIS HXT  H  N N 232 
HOH O    O  N N 233 
HOH H1   H  N N 234 
HOH H2   H  N N 235 
ILE N    N  N N 236 
ILE CA   C  N S 237 
ILE C    C  N N 238 
ILE O    O  N N 239 
ILE CB   C  N S 240 
ILE CG1  C  N N 241 
ILE CG2  C  N N 242 
ILE CD1  C  N N 243 
ILE OXT  O  N N 244 
ILE H    H  N N 245 
ILE H2   H  N N 246 
ILE HA   H  N N 247 
ILE HB   H  N N 248 
ILE HG12 H  N N 249 
ILE HG13 H  N N 250 
ILE HG21 H  N N 251 
ILE HG22 H  N N 252 
ILE HG23 H  N N 253 
ILE HD11 H  N N 254 
ILE HD12 H  N N 255 
ILE HD13 H  N N 256 
ILE HXT  H  N N 257 
LEU N    N  N N 258 
LEU CA   C  N S 259 
LEU C    C  N N 260 
LEU O    O  N N 261 
LEU CB   C  N N 262 
LEU CG   C  N N 263 
LEU CD1  C  N N 264 
LEU CD2  C  N N 265 
LEU OXT  O  N N 266 
LEU H    H  N N 267 
LEU H2   H  N N 268 
LEU HA   H  N N 269 
LEU HB2  H  N N 270 
LEU HB3  H  N N 271 
LEU HG   H  N N 272 
LEU HD11 H  N N 273 
LEU HD12 H  N N 274 
LEU HD13 H  N N 275 
LEU HD21 H  N N 276 
LEU HD22 H  N N 277 
LEU HD23 H  N N 278 
LEU HXT  H  N N 279 
LYS N    N  N N 280 
LYS CA   C  N S 281 
LYS C    C  N N 282 
LYS O    O  N N 283 
LYS CB   C  N N 284 
LYS CG   C  N N 285 
LYS CD   C  N N 286 
LYS CE   C  N N 287 
LYS NZ   N  N N 288 
LYS OXT  O  N N 289 
LYS H    H  N N 290 
LYS H2   H  N N 291 
LYS HA   H  N N 292 
LYS HB2  H  N N 293 
LYS HB3  H  N N 294 
LYS HG2  H  N N 295 
LYS HG3  H  N N 296 
LYS HD2  H  N N 297 
LYS HD3  H  N N 298 
LYS HE2  H  N N 299 
LYS HE3  H  N N 300 
LYS HZ1  H  N N 301 
LYS HZ2  H  N N 302 
LYS HZ3  H  N N 303 
LYS HXT  H  N N 304 
MET N    N  N N 305 
MET CA   C  N S 306 
MET C    C  N N 307 
MET O    O  N N 308 
MET CB   C  N N 309 
MET CG   C  N N 310 
MET SD   S  N N 311 
MET CE   C  N N 312 
MET OXT  O  N N 313 
MET H    H  N N 314 
MET H2   H  N N 315 
MET HA   H  N N 316 
MET HB2  H  N N 317 
MET HB3  H  N N 318 
MET HG2  H  N N 319 
MET HG3  H  N N 320 
MET HE1  H  N N 321 
MET HE2  H  N N 322 
MET HE3  H  N N 323 
MET HXT  H  N N 324 
PHE N    N  N N 325 
PHE CA   C  N S 326 
PHE C    C  N N 327 
PHE O    O  N N 328 
PHE CB   C  N N 329 
PHE CG   C  Y N 330 
PHE CD1  C  Y N 331 
PHE CD2  C  Y N 332 
PHE CE1  C  Y N 333 
PHE CE2  C  Y N 334 
PHE CZ   C  Y N 335 
PHE OXT  O  N N 336 
PHE H    H  N N 337 
PHE H2   H  N N 338 
PHE HA   H  N N 339 
PHE HB2  H  N N 340 
PHE HB3  H  N N 341 
PHE HD1  H  N N 342 
PHE HD2  H  N N 343 
PHE HE1  H  N N 344 
PHE HE2  H  N N 345 
PHE HZ   H  N N 346 
PHE HXT  H  N N 347 
PRO N    N  N N 348 
PRO CA   C  N S 349 
PRO C    C  N N 350 
PRO O    O  N N 351 
PRO CB   C  N N 352 
PRO CG   C  N N 353 
PRO CD   C  N N 354 
PRO OXT  O  N N 355 
PRO H    H  N N 356 
PRO HA   H  N N 357 
PRO HB2  H  N N 358 
PRO HB3  H  N N 359 
PRO HG2  H  N N 360 
PRO HG3  H  N N 361 
PRO HD2  H  N N 362 
PRO HD3  H  N N 363 
PRO HXT  H  N N 364 
SER N    N  N N 365 
SER CA   C  N S 366 
SER C    C  N N 367 
SER O    O  N N 368 
SER CB   C  N N 369 
SER OG   O  N N 370 
SER OXT  O  N N 371 
SER H    H  N N 372 
SER H2   H  N N 373 
SER HA   H  N N 374 
SER HB2  H  N N 375 
SER HB3  H  N N 376 
SER HG   H  N N 377 
SER HXT  H  N N 378 
THR N    N  N N 379 
THR CA   C  N S 380 
THR C    C  N N 381 
THR O    O  N N 382 
THR CB   C  N R 383 
THR OG1  O  N N 384 
THR CG2  C  N N 385 
THR OXT  O  N N 386 
THR H    H  N N 387 
THR H2   H  N N 388 
THR HA   H  N N 389 
THR HB   H  N N 390 
THR HG1  H  N N 391 
THR HG21 H  N N 392 
THR HG22 H  N N 393 
THR HG23 H  N N 394 
THR HXT  H  N N 395 
TRP N    N  N N 396 
TRP CA   C  N S 397 
TRP C    C  N N 398 
TRP O    O  N N 399 
TRP CB   C  N N 400 
TRP CG   C  Y N 401 
TRP CD1  C  Y N 402 
TRP CD2  C  Y N 403 
TRP NE1  N  Y N 404 
TRP CE2  C  Y N 405 
TRP CE3  C  Y N 406 
TRP CZ2  C  Y N 407 
TRP CZ3  C  Y N 408 
TRP CH2  C  Y N 409 
TRP OXT  O  N N 410 
TRP H    H  N N 411 
TRP H2   H  N N 412 
TRP HA   H  N N 413 
TRP HB2  H  N N 414 
TRP HB3  H  N N 415 
TRP HD1  H  N N 416 
TRP HE1  H  N N 417 
TRP HE3  H  N N 418 
TRP HZ2  H  N N 419 
TRP HZ3  H  N N 420 
TRP HH2  H  N N 421 
TRP HXT  H  N N 422 
TYR N    N  N N 423 
TYR CA   C  N S 424 
TYR C    C  N N 425 
TYR O    O  N N 426 
TYR CB   C  N N 427 
TYR CG   C  Y N 428 
TYR CD1  C  Y N 429 
TYR CD2  C  Y N 430 
TYR CE1  C  Y N 431 
TYR CE2  C  Y N 432 
TYR CZ   C  Y N 433 
TYR OH   O  N N 434 
TYR OXT  O  N N 435 
TYR H    H  N N 436 
TYR H2   H  N N 437 
TYR HA   H  N N 438 
TYR HB2  H  N N 439 
TYR HB3  H  N N 440 
TYR HD1  H  N N 441 
TYR HD2  H  N N 442 
TYR HE1  H  N N 443 
TYR HE2  H  N N 444 
TYR HH   H  N N 445 
TYR HXT  H  N N 446 
VAL N    N  N N 447 
VAL CA   C  N S 448 
VAL C    C  N N 449 
VAL O    O  N N 450 
VAL CB   C  N N 451 
VAL CG1  C  N N 452 
VAL CG2  C  N N 453 
VAL OXT  O  N N 454 
VAL H    H  N N 455 
VAL H2   H  N N 456 
VAL HA   H  N N 457 
VAL HB   H  N N 458 
VAL HG11 H  N N 459 
VAL HG12 H  N N 460 
VAL HG13 H  N N 461 
VAL HG21 H  N N 462 
VAL HG22 H  N N 463 
VAL HG23 H  N N 464 
VAL HXT  H  N N 465 
# 
loop_
_chem_comp_bond.comp_id 
_chem_comp_bond.atom_id_1 
_chem_comp_bond.atom_id_2 
_chem_comp_bond.value_order 
_chem_comp_bond.pdbx_aromatic_flag 
_chem_comp_bond.pdbx_stereo_config 
_chem_comp_bond.pdbx_ordinal 
ALA N   CA   sing N N 1   
ALA N   H    sing N N 2   
ALA N   H2   sing N N 3   
ALA CA  C    sing N N 4   
ALA CA  CB   sing N N 5   
ALA CA  HA   sing N N 6   
ALA C   O    doub N N 7   
ALA C   OXT  sing N N 8   
ALA CB  HB1  sing N N 9   
ALA CB  HB2  sing N N 10  
ALA CB  HB3  sing N N 11  
ALA OXT HXT  sing N N 12  
ARG N   CA   sing N N 13  
ARG N   H    sing N N 14  
ARG N   H2   sing N N 15  
ARG CA  C    sing N N 16  
ARG CA  CB   sing N N 17  
ARG CA  HA   sing N N 18  
ARG C   O    doub N N 19  
ARG C   OXT  sing N N 20  
ARG CB  CG   sing N N 21  
ARG CB  HB2  sing N N 22  
ARG CB  HB3  sing N N 23  
ARG CG  CD   sing N N 24  
ARG CG  HG2  sing N N 25  
ARG CG  HG3  sing N N 26  
ARG CD  NE   sing N N 27  
ARG CD  HD2  sing N N 28  
ARG CD  HD3  sing N N 29  
ARG NE  CZ   sing N N 30  
ARG NE  HE   sing N N 31  
ARG CZ  NH1  sing N N 32  
ARG CZ  NH2  doub N N 33  
ARG NH1 HH11 sing N N 34  
ARG NH1 HH12 sing N N 35  
ARG NH2 HH21 sing N N 36  
ARG NH2 HH22 sing N N 37  
ARG OXT HXT  sing N N 38  
ASN N   CA   sing N N 39  
ASN N   H    sing N N 40  
ASN N   H2   sing N N 41  
ASN CA  C    sing N N 42  
ASN CA  CB   sing N N 43  
ASN CA  HA   sing N N 44  
ASN C   O    doub N N 45  
ASN C   OXT  sing N N 46  
ASN CB  CG   sing N N 47  
ASN CB  HB2  sing N N 48  
ASN CB  HB3  sing N N 49  
ASN CG  OD1  doub N N 50  
ASN CG  ND2  sing N N 51  
ASN ND2 HD21 sing N N 52  
ASN ND2 HD22 sing N N 53  
ASN OXT HXT  sing N N 54  
ASP N   CA   sing N N 55  
ASP N   H    sing N N 56  
ASP N   H2   sing N N 57  
ASP CA  C    sing N N 58  
ASP CA  CB   sing N N 59  
ASP CA  HA   sing N N 60  
ASP C   O    doub N N 61  
ASP C   OXT  sing N N 62  
ASP CB  CG   sing N N 63  
ASP CB  HB2  sing N N 64  
ASP CB  HB3  sing N N 65  
ASP CG  OD1  doub N N 66  
ASP CG  OD2  sing N N 67  
ASP OD2 HD2  sing N N 68  
ASP OXT HXT  sing N N 69  
CYS N   CA   sing N N 70  
CYS N   H    sing N N 71  
CYS N   H2   sing N N 72  
CYS CA  C    sing N N 73  
CYS CA  CB   sing N N 74  
CYS CA  HA   sing N N 75  
CYS C   O    doub N N 76  
CYS C   OXT  sing N N 77  
CYS CB  SG   sing N N 78  
CYS CB  HB2  sing N N 79  
CYS CB  HB3  sing N N 80  
CYS SG  HG   sing N N 81  
CYS OXT HXT  sing N N 82  
GLN N   CA   sing N N 83  
GLN N   H    sing N N 84  
GLN N   H2   sing N N 85  
GLN CA  C    sing N N 86  
GLN CA  CB   sing N N 87  
GLN CA  HA   sing N N 88  
GLN C   O    doub N N 89  
GLN C   OXT  sing N N 90  
GLN CB  CG   sing N N 91  
GLN CB  HB2  sing N N 92  
GLN CB  HB3  sing N N 93  
GLN CG  CD   sing N N 94  
GLN CG  HG2  sing N N 95  
GLN CG  HG3  sing N N 96  
GLN CD  OE1  doub N N 97  
GLN CD  NE2  sing N N 98  
GLN NE2 HE21 sing N N 99  
GLN NE2 HE22 sing N N 100 
GLN OXT HXT  sing N N 101 
GLU N   CA   sing N N 102 
GLU N   H    sing N N 103 
GLU N   H2   sing N N 104 
GLU CA  C    sing N N 105 
GLU CA  CB   sing N N 106 
GLU CA  HA   sing N N 107 
GLU C   O    doub N N 108 
GLU C   OXT  sing N N 109 
GLU CB  CG   sing N N 110 
GLU CB  HB2  sing N N 111 
GLU CB  HB3  sing N N 112 
GLU CG  CD   sing N N 113 
GLU CG  HG2  sing N N 114 
GLU CG  HG3  sing N N 115 
GLU CD  OE1  doub N N 116 
GLU CD  OE2  sing N N 117 
GLU OE2 HE2  sing N N 118 
GLU OXT HXT  sing N N 119 
GLY N   CA   sing N N 120 
GLY N   H    sing N N 121 
GLY N   H2   sing N N 122 
GLY CA  C    sing N N 123 
GLY CA  HA2  sing N N 124 
GLY CA  HA3  sing N N 125 
GLY C   O    doub N N 126 
GLY C   OXT  sing N N 127 
GLY OXT HXT  sing N N 128 
HEM CHA C1A  sing N N 129 
HEM CHA C4D  doub N N 130 
HEM CHA HHA  sing N N 131 
HEM CHB C4A  sing N N 132 
HEM CHB C1B  doub N N 133 
HEM CHB HHB  sing N N 134 
HEM CHC C4B  sing N N 135 
HEM CHC C1C  doub N N 136 
HEM CHC HHC  sing N N 137 
HEM CHD C4C  doub N N 138 
HEM CHD C1D  sing N N 139 
HEM CHD HHD  sing N N 140 
HEM C1A C2A  doub Y N 141 
HEM C1A NA   sing Y N 142 
HEM C2A C3A  sing Y N 143 
HEM C2A CAA  sing N N 144 
HEM C3A C4A  doub Y N 145 
HEM C3A CMA  sing N N 146 
HEM C4A NA   sing Y N 147 
HEM CMA HMA  sing N N 148 
HEM CMA HMAA sing N N 149 
HEM CMA HMAB sing N N 150 
HEM CAA CBA  sing N N 151 
HEM CAA HAA  sing N N 152 
HEM CAA HAAA sing N N 153 
HEM CBA CGA  sing N N 154 
HEM CBA HBA  sing N N 155 
HEM CBA HBAA sing N N 156 
HEM CGA O1A  doub N N 157 
HEM CGA O2A  sing N N 158 
HEM C1B C2B  sing N N 159 
HEM C1B NB   sing N N 160 
HEM C2B C3B  doub N N 161 
HEM C2B CMB  sing N N 162 
HEM C3B C4B  sing N N 163 
HEM C3B CAB  sing N N 164 
HEM C4B NB   doub N N 165 
HEM CMB HMB  sing N N 166 
HEM CMB HMBA sing N N 167 
HEM CMB HMBB sing N N 168 
HEM CAB CBB  doub N N 169 
HEM CAB HAB  sing N N 170 
HEM CBB HBB  sing N N 171 
HEM CBB HBBA sing N N 172 
HEM C1C C2C  sing Y N 173 
HEM C1C NC   sing Y N 174 
HEM C2C C3C  doub Y N 175 
HEM C2C CMC  sing N N 176 
HEM C3C C4C  sing Y N 177 
HEM C3C CAC  sing N N 178 
HEM C4C NC   sing Y N 179 
HEM CMC HMC  sing N N 180 
HEM CMC HMCA sing N N 181 
HEM CMC HMCB sing N N 182 
HEM CAC CBC  doub N N 183 
HEM CAC HAC  sing N N 184 
HEM CBC HBC  sing N N 185 
HEM CBC HBCA sing N N 186 
HEM C1D C2D  sing N N 187 
HEM C1D ND   doub N N 188 
HEM C2D C3D  doub N N 189 
HEM C2D CMD  sing N N 190 
HEM C3D C4D  sing N N 191 
HEM C3D CAD  sing N N 192 
HEM C4D ND   sing N N 193 
HEM CMD HMD  sing N N 194 
HEM CMD HMDA sing N N 195 
HEM CMD HMDB sing N N 196 
HEM CAD CBD  sing N N 197 
HEM CAD HAD  sing N N 198 
HEM CAD HADA sing N N 199 
HEM CBD CGD  sing N N 200 
HEM CBD HBD  sing N N 201 
HEM CBD HBDA sing N N 202 
HEM CGD O1D  doub N N 203 
HEM CGD O2D  sing N N 204 
HEM O2A H2A  sing N N 205 
HEM O2D H2D  sing N N 206 
HEM FE  NA   sing N N 207 
HEM FE  NB   sing N N 208 
HEM FE  NC   sing N N 209 
HEM FE  ND   sing N N 210 
HIS N   CA   sing N N 211 
HIS N   H    sing N N 212 
HIS N   H2   sing N N 213 
HIS CA  C    sing N N 214 
HIS CA  CB   sing N N 215 
HIS CA  HA   sing N N 216 
HIS C   O    doub N N 217 
HIS C   OXT  sing N N 218 
HIS CB  CG   sing N N 219 
HIS CB  HB2  sing N N 220 
HIS CB  HB3  sing N N 221 
HIS CG  ND1  sing Y N 222 
HIS CG  CD2  doub Y N 223 
HIS ND1 CE1  doub Y N 224 
HIS ND1 HD1  sing N N 225 
HIS CD2 NE2  sing Y N 226 
HIS CD2 HD2  sing N N 227 
HIS CE1 NE2  sing Y N 228 
HIS CE1 HE1  sing N N 229 
HIS NE2 HE2  sing N N 230 
HIS OXT HXT  sing N N 231 
HOH O   H1   sing N N 232 
HOH O   H2   sing N N 233 
ILE N   CA   sing N N 234 
ILE N   H    sing N N 235 
ILE N   H2   sing N N 236 
ILE CA  C    sing N N 237 
ILE CA  CB   sing N N 238 
ILE CA  HA   sing N N 239 
ILE C   O    doub N N 240 
ILE C   OXT  sing N N 241 
ILE CB  CG1  sing N N 242 
ILE CB  CG2  sing N N 243 
ILE CB  HB   sing N N 244 
ILE CG1 CD1  sing N N 245 
ILE CG1 HG12 sing N N 246 
ILE CG1 HG13 sing N N 247 
ILE CG2 HG21 sing N N 248 
ILE CG2 HG22 sing N N 249 
ILE CG2 HG23 sing N N 250 
ILE CD1 HD11 sing N N 251 
ILE CD1 HD12 sing N N 252 
ILE CD1 HD13 sing N N 253 
ILE OXT HXT  sing N N 254 
LEU N   CA   sing N N 255 
LEU N   H    sing N N 256 
LEU N   H2   sing N N 257 
LEU CA  C    sing N N 258 
LEU CA  CB   sing N N 259 
LEU CA  HA   sing N N 260 
LEU C   O    doub N N 261 
LEU C   OXT  sing N N 262 
LEU CB  CG   sing N N 263 
LEU CB  HB2  sing N N 264 
LEU CB  HB3  sing N N 265 
LEU CG  CD1  sing N N 266 
LEU CG  CD2  sing N N 267 
LEU CG  HG   sing N N 268 
LEU CD1 HD11 sing N N 269 
LEU CD1 HD12 sing N N 270 
LEU CD1 HD13 sing N N 271 
LEU CD2 HD21 sing N N 272 
LEU CD2 HD22 sing N N 273 
LEU CD2 HD23 sing N N 274 
LEU OXT HXT  sing N N 275 
LYS N   CA   sing N N 276 
LYS N   H    sing N N 277 
LYS N   H2   sing N N 278 
LYS CA  C    sing N N 279 
LYS CA  CB   sing N N 280 
LYS CA  HA   sing N N 281 
LYS C   O    doub N N 282 
LYS C   OXT  sing N N 283 
LYS CB  CG   sing N N 284 
LYS CB  HB2  sing N N 285 
LYS CB  HB3  sing N N 286 
LYS CG  CD   sing N N 287 
LYS CG  HG2  sing N N 288 
LYS CG  HG3  sing N N 289 
LYS CD  CE   sing N N 290 
LYS CD  HD2  sing N N 291 
LYS CD  HD3  sing N N 292 
LYS CE  NZ   sing N N 293 
LYS CE  HE2  sing N N 294 
LYS CE  HE3  sing N N 295 
LYS NZ  HZ1  sing N N 296 
LYS NZ  HZ2  sing N N 297 
LYS NZ  HZ3  sing N N 298 
LYS OXT HXT  sing N N 299 
MET N   CA   sing N N 300 
MET N   H    sing N N 301 
MET N   H2   sing N N 302 
MET CA  C    sing N N 303 
MET CA  CB   sing N N 304 
MET CA  HA   sing N N 305 
MET C   O    doub N N 306 
MET C   OXT  sing N N 307 
MET CB  CG   sing N N 308 
MET CB  HB2  sing N N 309 
MET CB  HB3  sing N N 310 
MET CG  SD   sing N N 311 
MET CG  HG2  sing N N 312 
MET CG  HG3  sing N N 313 
MET SD  CE   sing N N 314 
MET CE  HE1  sing N N 315 
MET CE  HE2  sing N N 316 
MET CE  HE3  sing N N 317 
MET OXT HXT  sing N N 318 
PHE N   CA   sing N N 319 
PHE N   H    sing N N 320 
PHE N   H2   sing N N 321 
PHE CA  C    sing N N 322 
PHE CA  CB   sing N N 323 
PHE CA  HA   sing N N 324 
PHE C   O    doub N N 325 
PHE C   OXT  sing N N 326 
PHE CB  CG   sing N N 327 
PHE CB  HB2  sing N N 328 
PHE CB  HB3  sing N N 329 
PHE CG  CD1  doub Y N 330 
PHE CG  CD2  sing Y N 331 
PHE CD1 CE1  sing Y N 332 
PHE CD1 HD1  sing N N 333 
PHE CD2 CE2  doub Y N 334 
PHE CD2 HD2  sing N N 335 
PHE CE1 CZ   doub Y N 336 
PHE CE1 HE1  sing N N 337 
PHE CE2 CZ   sing Y N 338 
PHE CE2 HE2  sing N N 339 
PHE CZ  HZ   sing N N 340 
PHE OXT HXT  sing N N 341 
PRO N   CA   sing N N 342 
PRO N   CD   sing N N 343 
PRO N   H    sing N N 344 
PRO CA  C    sing N N 345 
PRO CA  CB   sing N N 346 
PRO CA  HA   sing N N 347 
PRO C   O    doub N N 348 
PRO C   OXT  sing N N 349 
PRO CB  CG   sing N N 350 
PRO CB  HB2  sing N N 351 
PRO CB  HB3  sing N N 352 
PRO CG  CD   sing N N 353 
PRO CG  HG2  sing N N 354 
PRO CG  HG3  sing N N 355 
PRO CD  HD2  sing N N 356 
PRO CD  HD3  sing N N 357 
PRO OXT HXT  sing N N 358 
SER N   CA   sing N N 359 
SER N   H    sing N N 360 
SER N   H2   sing N N 361 
SER CA  C    sing N N 362 
SER CA  CB   sing N N 363 
SER CA  HA   sing N N 364 
SER C   O    doub N N 365 
SER C   OXT  sing N N 366 
SER CB  OG   sing N N 367 
SER CB  HB2  sing N N 368 
SER CB  HB3  sing N N 369 
SER OG  HG   sing N N 370 
SER OXT HXT  sing N N 371 
THR N   CA   sing N N 372 
THR N   H    sing N N 373 
THR N   H2   sing N N 374 
THR CA  C    sing N N 375 
THR CA  CB   sing N N 376 
THR CA  HA   sing N N 377 
THR C   O    doub N N 378 
THR C   OXT  sing N N 379 
THR CB  OG1  sing N N 380 
THR CB  CG2  sing N N 381 
THR CB  HB   sing N N 382 
THR OG1 HG1  sing N N 383 
THR CG2 HG21 sing N N 384 
THR CG2 HG22 sing N N 385 
THR CG2 HG23 sing N N 386 
THR OXT HXT  sing N N 387 
TRP N   CA   sing N N 388 
TRP N   H    sing N N 389 
TRP N   H2   sing N N 390 
TRP CA  C    sing N N 391 
TRP CA  CB   sing N N 392 
TRP CA  HA   sing N N 393 
TRP C   O    doub N N 394 
TRP C   OXT  sing N N 395 
TRP CB  CG   sing N N 396 
TRP CB  HB2  sing N N 397 
TRP CB  HB3  sing N N 398 
TRP CG  CD1  doub Y N 399 
TRP CG  CD2  sing Y N 400 
TRP CD1 NE1  sing Y N 401 
TRP CD1 HD1  sing N N 402 
TRP CD2 CE2  doub Y N 403 
TRP CD2 CE3  sing Y N 404 
TRP NE1 CE2  sing Y N 405 
TRP NE1 HE1  sing N N 406 
TRP CE2 CZ2  sing Y N 407 
TRP CE3 CZ3  doub Y N 408 
TRP CE3 HE3  sing N N 409 
TRP CZ2 CH2  doub Y N 410 
TRP CZ2 HZ2  sing N N 411 
TRP CZ3 CH2  sing Y N 412 
TRP CZ3 HZ3  sing N N 413 
TRP CH2 HH2  sing N N 414 
TRP OXT HXT  sing N N 415 
TYR N   CA   sing N N 416 
TYR N   H    sing N N 417 
TYR N   H2   sing N N 418 
TYR CA  C    sing N N 419 
TYR CA  CB   sing N N 420 
TYR CA  HA   sing N N 421 
TYR C   O    doub N N 422 
TYR C   OXT  sing N N 423 
TYR CB  CG   sing N N 424 
TYR CB  HB2  sing N N 425 
TYR CB  HB3  sing N N 426 
TYR CG  CD1  doub Y N 427 
TYR CG  CD2  sing Y N 428 
TYR CD1 CE1  sing Y N 429 
TYR CD1 HD1  sing N N 430 
TYR CD2 CE2  doub Y N 431 
TYR CD2 HD2  sing N N 432 
TYR CE1 CZ   doub Y N 433 
TYR CE1 HE1  sing N N 434 
TYR CE2 CZ   sing Y N 435 
TYR CE2 HE2  sing N N 436 
TYR CZ  OH   sing N N 437 
TYR OH  HH   sing N N 438 
TYR OXT HXT  sing N N 439 
VAL N   CA   sing N N 440 
VAL N   H    sing N N 441 
VAL N   H2   sing N N 442 
VAL CA  C    sing N N 443 
VAL CA  CB   sing N N 444 
VAL CA  HA   sing N N 445 
VAL C   O    doub N N 446 
VAL C   OXT  sing N N 447 
VAL CB  CG1  sing N N 448 
VAL CB  CG2  sing N N 449 
VAL CB  HB   sing N N 450 
VAL CG1 HG11 sing N N 451 
VAL CG1 HG12 sing N N 452 
VAL CG1 HG13 sing N N 453 
VAL CG2 HG21 sing N N 454 
VAL CG2 HG22 sing N N 455 
VAL CG2 HG23 sing N N 456 
VAL OXT HXT  sing N N 457 
# 
loop_
_pdbx_entity_nonpoly.entity_id 
_pdbx_entity_nonpoly.name 
_pdbx_entity_nonpoly.comp_id 
2 'PROTOPORPHYRIN IX CONTAINING FE' HEM 
3 water                             HOH 
# 
_pdbx_initial_refinement_model.id               1 
_pdbx_initial_refinement_model.entity_id_list   ? 
_pdbx_initial_refinement_model.type             'experimental model' 
_pdbx_initial_refinement_model.source_name      PDB 
_pdbx_initial_refinement_model.accession_code   2C2C 
_pdbx_initial_refinement_model.details          'PDB ENTRY 2c2c' 
# 
